data_4W6Q
#
_entry.id   4W6Q
#
_cell.length_a   77.204
_cell.length_b   99.270
_cell.length_c   188.214
_cell.angle_alpha   90.00
_cell.angle_beta   90.00
_cell.angle_gamma   90.00
#
_symmetry.space_group_name_H-M   'P 21 21 21'
#
loop_
_entity.id
_entity.type
_entity.pdbx_description
1 polymer glucosyltransferase
2 non-polymer SERINE
3 non-polymer "URIDINE-5'-DIPHOSPHATE"
4 water water
#
_entity_poly.entity_id   1
_entity_poly.type   'polypeptide(L)'
_entity_poly.pdbx_seq_one_letter_code
;ACMRTYITNLNGHSITSTAQIAQNMVTDIAVSLGFRELGIHSYPIDTDSPEEMSKRLDGICSGLRKNDIVIFQTPTWNTT
TFDEKLFHKLKIFGVKIVIFIHDVVPLMFDGNFYLMDRTIAYYNEADVLIAPSQAMVDKLQSYGLTVKKILVQGMWDHPT
NITLQAVNHKKLVHFPGNPERFNFIKNWRIPTELHVYTDHNMQLPTTVVKEPYQSDEQLIMKMSEGGYGLVWMDDRDKQY
QSLYCPYKLGAYIAAGIPVIIQKGIANQDIIEKNNLGFIIEKIDDISNIVESTTEEEYMEIVSDVRRFNPLVRQGYFTRK
LLTDAVFSALNSM
;
_entity_poly.pdbx_strand_id   A,B,C,D
#
loop_
_chem_comp.id
_chem_comp.type
_chem_comp.name
_chem_comp.formula
UDP RNA linking URIDINE-5'-DIPHOSPHATE 'C9 H14 N2 O12 P2'
#
# COMPACT_ATOMS: atom_id res chain seq x y z
N ALA A 1 2.06 16.57 15.06
CA ALA A 1 1.01 15.93 14.27
C ALA A 1 1.39 14.53 13.79
N CYS A 2 0.99 14.21 12.56
CA CYS A 2 1.34 12.96 11.86
C CYS A 2 1.37 11.70 12.73
N MET A 3 0.19 11.22 13.11
CA MET A 3 0.07 9.97 13.84
C MET A 3 0.38 8.72 13.01
N ARG A 4 1.00 7.72 13.63
CA ARG A 4 1.25 6.44 12.99
C ARG A 4 0.70 5.30 13.82
N THR A 5 0.57 4.14 13.22
CA THR A 5 -0.01 3.01 13.93
C THR A 5 0.99 1.90 13.97
N TYR A 6 1.27 1.42 15.16
CA TYR A 6 2.23 0.36 15.36
C TYR A 6 1.50 -0.86 15.89
N ILE A 7 2.04 -2.03 15.56
CA ILE A 7 1.50 -3.28 16.08
C ILE A 7 2.63 -4.21 16.52
N THR A 8 2.47 -4.80 17.70
CA THR A 8 3.48 -5.71 18.18
C THR A 8 3.35 -7.01 17.39
N ASN A 9 4.45 -7.74 17.30
CA ASN A 9 4.47 -8.99 16.55
C ASN A 9 5.64 -9.87 16.99
N LEU A 10 5.32 -11.05 17.52
CA LEU A 10 6.36 -11.94 18.05
C LEU A 10 7.09 -12.77 16.96
N ASN A 11 8.29 -13.21 17.31
CA ASN A 11 9.21 -13.82 16.39
C ASN A 11 10.20 -14.71 17.16
N GLY A 12 10.66 -15.79 16.54
CA GLY A 12 11.65 -16.68 17.12
C GLY A 12 11.09 -18.00 17.61
N HIS A 13 9.87 -18.32 17.22
CA HIS A 13 9.21 -19.56 17.61
C HIS A 13 9.48 -20.72 16.65
N SER A 14 9.00 -21.90 17.02
CA SER A 14 8.95 -23.04 16.10
C SER A 14 8.09 -22.70 14.89
N ILE A 15 8.49 -23.21 13.71
CA ILE A 15 7.82 -22.87 12.46
C ILE A 15 6.40 -23.45 12.45
N THR A 16 6.06 -24.10 13.55
CA THR A 16 4.75 -24.71 13.75
C THR A 16 4.01 -24.06 14.92
N SER A 17 4.57 -23.00 15.50
CA SER A 17 3.88 -22.30 16.57
C SER A 17 2.70 -21.52 15.99
N THR A 18 1.50 -21.98 16.28
CA THR A 18 0.29 -21.38 15.74
C THR A 18 0.09 -19.97 16.26
N ALA A 19 0.41 -19.75 17.53
CA ALA A 19 0.35 -18.41 18.09
C ALA A 19 1.17 -17.43 17.25
N GLN A 20 2.43 -17.79 16.95
CA GLN A 20 3.29 -16.89 16.18
C GLN A 20 2.69 -16.60 14.79
N ILE A 21 2.23 -17.64 14.09
CA ILE A 21 1.73 -17.42 12.74
C ILE A 21 0.45 -16.57 12.79
N ALA A 22 -0.38 -16.78 13.81
CA ALA A 22 -1.58 -15.98 13.90
C ALA A 22 -1.16 -14.51 14.08
N GLN A 23 -0.09 -14.22 14.82
CA GLN A 23 0.32 -12.81 14.97
C GLN A 23 0.95 -12.27 13.72
N ASN A 24 1.66 -13.15 13.04
CA ASN A 24 2.35 -12.82 11.82
C ASN A 24 1.36 -12.49 10.69
N MET A 25 0.24 -13.21 10.65
CA MET A 25 -0.78 -12.97 9.64
C MET A 25 -1.42 -11.60 9.85
N VAL A 26 -1.83 -11.34 11.08
CA VAL A 26 -2.45 -10.07 11.43
C VAL A 26 -1.51 -8.91 11.13
N THR A 27 -0.23 -9.13 11.40
CA THR A 27 0.77 -8.11 11.21
C THR A 27 0.95 -7.87 9.72
N ASP A 28 0.79 -8.93 8.95
CA ASP A 28 0.90 -8.84 7.50
C ASP A 28 -0.22 -7.94 6.96
N ILE A 29 -1.43 -8.12 7.48
CA ILE A 29 -2.56 -7.30 7.08
C ILE A 29 -2.28 -5.86 7.49
N ALA A 30 -1.70 -5.74 8.67
CA ALA A 30 -1.43 -4.44 9.24
C ALA A 30 -0.53 -3.62 8.33
N VAL A 31 0.50 -4.25 7.80
CA VAL A 31 1.49 -3.51 7.06
C VAL A 31 0.85 -2.96 5.79
N SER A 32 -0.06 -3.73 5.20
CA SER A 32 -0.63 -3.36 3.91
C SER A 32 -1.53 -2.15 4.08
N LEU A 33 -2.13 -2.04 5.26
CA LEU A 33 -2.88 -0.85 5.66
C LEU A 33 -1.94 0.27 6.13
N GLY A 34 -0.64 0.06 5.98
CA GLY A 34 0.35 1.07 6.31
C GLY A 34 0.87 1.07 7.73
N PHE A 35 0.30 0.24 8.61
CA PHE A 35 0.71 0.19 10.01
C PHE A 35 2.17 -0.35 10.10
N ARG A 36 2.84 -0.10 11.23
CA ARG A 36 4.24 -0.48 11.39
C ARG A 36 4.47 -1.57 12.45
N GLU A 37 5.41 -2.46 12.16
CA GLU A 37 5.74 -3.56 13.05
C GLU A 37 6.59 -3.12 14.22
N LEU A 38 6.16 -3.47 15.43
CA LEU A 38 7.02 -3.48 16.62
C LEU A 38 7.48 -4.90 16.88
N GLY A 39 8.66 -5.25 16.37
CA GLY A 39 9.18 -6.59 16.57
C GLY A 39 9.43 -7.02 18.02
N ILE A 40 8.97 -8.22 18.37
CA ILE A 40 9.21 -8.78 19.71
C ILE A 40 9.77 -10.22 19.65
N HIS A 41 11.02 -10.44 20.08
CA HIS A 41 11.65 -11.78 20.01
C HIS A 41 11.38 -12.55 21.29
N SER A 42 11.11 -13.84 21.12
CA SER A 42 10.74 -14.68 22.26
C SER A 42 11.96 -15.41 22.80
N TYR A 43 12.25 -15.15 24.08
CA TYR A 43 13.51 -15.45 24.72
C TYR A 43 13.21 -15.63 26.22
N PRO A 44 14.19 -16.09 27.04
CA PRO A 44 13.86 -16.23 28.47
C PRO A 44 14.21 -14.98 29.31
N ILE A 45 13.14 -14.34 29.79
CA ILE A 45 13.22 -13.05 30.45
C ILE A 45 14.22 -13.01 31.61
N ASP A 46 14.34 -14.11 32.34
CA ASP A 46 15.22 -14.19 33.52
C ASP A 46 16.72 -14.14 33.17
N THR A 47 17.05 -14.22 31.89
CA THR A 47 18.41 -14.03 31.41
C THR A 47 18.80 -12.56 31.40
N ASP A 48 17.83 -11.73 31.79
CA ASP A 48 17.95 -10.28 31.71
C ASP A 48 17.94 -9.62 33.06
N SER A 49 18.93 -8.76 33.32
CA SER A 49 18.86 -7.81 34.44
C SER A 49 17.77 -6.78 34.14
N PRO A 50 17.03 -6.34 35.16
CA PRO A 50 15.92 -5.39 34.95
C PRO A 50 16.30 -4.24 34.06
N GLU A 51 17.53 -3.77 34.18
CA GLU A 51 18.00 -2.67 33.35
C GLU A 51 18.14 -3.14 31.92
N GLU A 52 18.60 -4.37 31.73
CA GLU A 52 18.79 -4.92 30.37
C GLU A 52 17.43 -5.08 29.71
N MET A 53 16.50 -5.68 30.46
CA MET A 53 15.16 -5.88 29.97
C MET A 53 14.53 -4.56 29.59
N SER A 54 14.85 -3.54 30.38
CA SER A 54 14.31 -2.21 30.20
C SER A 54 14.77 -1.61 28.88
N LYS A 55 16.06 -1.74 28.63
CA LYS A 55 16.65 -1.12 27.43
C LYS A 55 16.43 -1.98 26.19
N ARG A 56 16.09 -3.25 26.39
CA ARG A 56 15.68 -4.09 25.26
C ARG A 56 14.34 -3.53 24.77
N LEU A 57 13.44 -3.35 25.71
CA LEU A 57 12.18 -2.68 25.50
C LEU A 57 12.33 -1.27 24.89
N ASP A 58 13.32 -0.52 25.33
CA ASP A 58 13.59 0.79 24.73
C ASP A 58 13.94 0.60 23.27
N GLY A 59 14.54 -0.54 22.93
CA GLY A 59 14.91 -0.84 21.57
C GLY A 59 13.70 -1.25 20.73
N ILE A 60 12.82 -2.02 21.35
CA ILE A 60 11.61 -2.42 20.70
C ILE A 60 10.79 -1.17 20.37
N CYS A 61 10.81 -0.21 21.28
CA CYS A 61 9.92 0.94 21.25
C CYS A 61 10.51 2.20 20.64
N SER A 62 11.76 2.11 20.23
CA SER A 62 12.48 3.28 19.75
C SER A 62 11.68 4.18 18.85
N GLY A 63 11.05 3.58 17.84
CA GLY A 63 10.34 4.32 16.81
C GLY A 63 9.16 5.14 17.30
N LEU A 64 8.52 4.68 18.38
CA LEU A 64 7.35 5.34 18.98
C LEU A 64 7.49 6.84 19.29
N ARG A 65 6.35 7.53 19.20
CA ARG A 65 6.27 8.97 19.45
C ARG A 65 4.97 9.33 20.19
N LYS A 66 4.95 10.44 20.93
CA LYS A 66 3.68 11.01 21.36
C LYS A 66 2.96 11.37 20.11
N ASN A 67 1.81 10.74 19.86
CA ASN A 67 1.41 10.54 18.47
C ASN A 67 0.46 9.41 18.28
N ASP A 68 0.98 8.25 18.62
CA ASP A 68 0.68 7.06 17.87
C ASP A 68 -0.35 6.20 18.53
N ILE A 69 -0.76 5.18 17.79
CA ILE A 69 -1.57 4.11 18.30
C ILE A 69 -0.74 2.85 18.25
N VAL A 70 -0.74 2.12 19.33
CA VAL A 70 0.01 0.90 19.38
C VAL A 70 -0.97 -0.25 19.53
N ILE A 71 -0.86 -1.24 18.66
CA ILE A 71 -1.66 -2.44 18.87
C ILE A 71 -0.82 -3.54 19.51
N PHE A 72 -1.26 -3.97 20.68
CA PHE A 72 -0.60 -4.99 21.47
C PHE A 72 -1.31 -6.34 21.33
N GLN A 73 -0.78 -7.19 20.46
CA GLN A 73 -1.22 -8.57 20.39
C GLN A 73 -0.71 -9.30 21.65
N THR A 74 -1.64 -9.62 22.54
CA THR A 74 -1.31 -10.28 23.78
C THR A 74 -1.71 -11.76 23.70
N PRO A 75 -0.89 -12.65 24.27
CA PRO A 75 0.37 -12.36 24.95
C PRO A 75 1.58 -12.52 24.06
N THR A 76 2.67 -11.89 24.45
CA THR A 76 3.96 -12.07 23.78
C THR A 76 4.54 -13.48 23.94
N TRP A 77 3.94 -14.29 24.80
CA TRP A 77 4.51 -15.57 25.25
C TRP A 77 5.94 -15.42 25.80
N ASN A 78 6.26 -14.27 26.35
CA ASN A 78 7.50 -14.07 27.10
C ASN A 78 7.18 -14.06 28.59
N THR A 79 6.01 -14.63 28.91
CA THR A 79 5.39 -14.66 30.25
C THR A 79 4.81 -13.31 30.64
N THR A 80 3.80 -13.38 31.50
CA THR A 80 3.05 -12.23 31.98
C THR A 80 3.90 -11.05 32.37
N THR A 81 5.04 -11.34 33.00
CA THR A 81 5.94 -10.28 33.47
C THR A 81 6.32 -9.38 32.31
N PHE A 82 6.61 -9.99 31.16
CA PHE A 82 6.96 -9.22 29.97
C PHE A 82 5.79 -8.35 29.51
N ASP A 83 4.61 -8.93 29.44
CA ASP A 83 3.45 -8.19 28.99
C ASP A 83 3.24 -6.97 29.89
N GLU A 84 3.35 -7.18 31.20
CA GLU A 84 3.23 -6.13 32.21
C GLU A 84 4.20 -5.00 32.00
N LYS A 85 5.46 -5.35 31.83
CA LYS A 85 6.45 -4.31 31.66
C LYS A 85 6.37 -3.69 30.28
N LEU A 86 6.00 -4.47 29.28
CA LEU A 86 5.78 -3.92 27.95
C LEU A 86 4.76 -2.80 28.00
N PHE A 87 3.72 -2.99 28.81
CA PHE A 87 2.68 -2.00 28.82
C PHE A 87 3.07 -0.70 29.50
N HIS A 88 3.80 -0.79 30.61
CA HIS A 88 4.22 0.41 31.30
C HIS A 88 5.09 1.24 30.37
N LYS A 89 5.94 0.55 29.61
CA LYS A 89 6.73 1.25 28.60
C LYS A 89 5.79 2.00 27.70
N LEU A 90 4.75 1.30 27.24
CA LEU A 90 3.77 1.89 26.35
C LEU A 90 3.10 3.06 27.03
N LYS A 91 2.69 2.87 28.28
CA LYS A 91 1.91 3.90 28.95
C LYS A 91 2.69 5.15 29.29
N ILE A 92 4.01 5.15 29.15
CA ILE A 92 4.71 6.38 29.44
C ILE A 92 4.85 7.22 28.17
N PHE A 93 4.41 6.68 27.05
CA PHE A 93 4.27 7.46 25.81
C PHE A 93 2.87 8.04 25.82
N GLY A 94 2.66 9.16 25.14
CA GLY A 94 1.36 9.83 25.05
C GLY A 94 0.53 9.26 23.92
N VAL A 95 0.02 8.05 24.13
CA VAL A 95 -0.53 7.25 23.06
C VAL A 95 -1.83 6.57 23.46
N LYS A 96 -2.63 6.23 22.46
CA LYS A 96 -3.80 5.43 22.69
C LYS A 96 -3.42 4.00 22.39
N ILE A 97 -3.95 3.06 23.15
CA ILE A 97 -3.51 1.67 23.03
C ILE A 97 -4.65 0.66 22.85
N VAL A 98 -4.47 -0.19 21.85
CA VAL A 98 -5.35 -1.32 21.59
C VAL A 98 -4.70 -2.64 21.99
N ILE A 99 -5.41 -3.41 22.82
CA ILE A 99 -4.88 -4.71 23.17
C ILE A 99 -5.72 -5.72 22.39
N PHE A 100 -5.00 -6.59 21.69
CA PHE A 100 -5.56 -7.55 20.79
C PHE A 100 -5.34 -8.91 21.42
N ILE A 101 -6.39 -9.44 22.06
CA ILE A 101 -6.24 -10.68 22.79
C ILE A 101 -6.28 -11.90 21.89
N HIS A 102 -5.24 -12.72 21.97
CA HIS A 102 -5.20 -14.03 21.28
C HIS A 102 -5.45 -15.16 22.26
N ASP A 103 -4.90 -15.03 23.45
CA ASP A 103 -5.16 -16.00 24.50
C ASP A 103 -5.21 -15.27 25.84
N VAL A 104 -5.96 -15.84 26.78
CA VAL A 104 -5.93 -15.34 28.13
C VAL A 104 -5.34 -16.39 29.07
N VAL A 105 -4.09 -16.19 29.43
CA VAL A 105 -3.34 -17.14 30.24
C VAL A 105 -4.06 -17.56 31.54
N PRO A 106 -4.50 -16.61 32.39
CA PRO A 106 -5.10 -17.10 33.65
C PRO A 106 -6.41 -17.87 33.45
N LEU A 107 -6.87 -17.97 32.20
CA LEU A 107 -8.06 -18.73 31.87
C LEU A 107 -7.73 -19.94 31.02
N MET A 108 -6.43 -20.21 30.86
CA MET A 108 -6.00 -21.35 30.05
C MET A 108 -6.32 -22.63 30.79
N PHE A 109 -6.15 -22.56 32.11
CA PHE A 109 -6.56 -23.65 32.99
C PHE A 109 -6.69 -23.20 34.44
N ASP A 110 -7.53 -23.90 35.20
CA ASP A 110 -7.69 -23.70 36.63
C ASP A 110 -6.33 -23.72 37.33
N GLY A 111 -6.18 -22.89 38.36
CA GLY A 111 -4.93 -22.87 39.11
C GLY A 111 -3.83 -22.11 38.41
N ASN A 112 -4.09 -21.69 37.17
CA ASN A 112 -3.29 -20.64 36.55
C ASN A 112 -4.02 -19.33 36.76
N PHE A 113 -5.21 -19.46 37.35
CA PHE A 113 -6.13 -18.36 37.50
C PHE A 113 -5.54 -17.22 38.30
N TYR A 114 -4.69 -17.56 39.26
CA TYR A 114 -4.17 -16.58 40.21
C TYR A 114 -3.59 -15.36 39.49
N LEU A 115 -3.07 -15.60 38.29
CA LEU A 115 -2.48 -14.55 37.49
C LEU A 115 -3.51 -13.50 37.04
N MET A 116 -4.78 -13.78 37.26
CA MET A 116 -5.86 -12.89 36.84
C MET A 116 -5.71 -11.42 37.30
N ASP A 117 -5.48 -11.20 38.59
CA ASP A 117 -5.35 -9.84 39.10
C ASP A 117 -4.29 -9.05 38.34
N ARG A 118 -3.14 -9.67 38.15
CA ARG A 118 -2.03 -9.03 37.45
C ARG A 118 -2.42 -8.72 36.01
N THR A 119 -2.97 -9.74 35.36
CA THR A 119 -3.42 -9.71 33.97
C THR A 119 -4.47 -8.64 33.71
N ILE A 120 -5.51 -8.64 34.54
CA ILE A 120 -6.60 -7.69 34.36
C ILE A 120 -6.06 -6.30 34.59
N ALA A 121 -5.19 -6.17 35.57
CA ALA A 121 -4.56 -4.90 35.87
C ALA A 121 -3.89 -4.29 34.65
N TYR A 122 -3.18 -5.07 33.86
CA TYR A 122 -2.51 -4.49 32.70
C TYR A 122 -3.46 -4.43 31.49
N TYR A 123 -4.45 -5.31 31.46
CA TYR A 123 -5.51 -5.21 30.46
C TYR A 123 -6.20 -3.85 30.53
N ASN A 124 -6.44 -3.38 31.75
CA ASN A 124 -7.16 -2.15 32.00
C ASN A 124 -6.36 -0.85 31.78
N GLU A 125 -5.13 -0.97 31.33
CA GLU A 125 -4.33 0.20 31.00
C GLU A 125 -4.48 0.52 29.51
N ALA A 126 -5.29 -0.27 28.81
CA ALA A 126 -5.56 -0.05 27.40
C ALA A 126 -6.79 0.82 27.18
N ASP A 127 -6.84 1.49 26.02
CA ASP A 127 -7.95 2.37 25.67
C ASP A 127 -9.03 1.63 24.92
N VAL A 128 -8.62 0.65 24.11
CA VAL A 128 -9.52 -0.20 23.35
C VAL A 128 -9.14 -1.67 23.44
N LEU A 129 -10.15 -2.51 23.62
CA LEU A 129 -9.93 -3.95 23.68
C LEU A 129 -10.56 -4.74 22.55
N ILE A 130 -9.74 -5.49 21.82
CA ILE A 130 -10.26 -6.45 20.84
C ILE A 130 -10.21 -7.85 21.41
N ALA A 131 -11.39 -8.46 21.52
CA ALA A 131 -11.49 -9.84 21.98
C ALA A 131 -12.09 -10.74 20.89
N PRO A 132 -11.69 -12.03 20.88
CA PRO A 132 -12.20 -13.00 19.89
C PRO A 132 -13.71 -13.14 19.90
N SER A 133 -14.32 -13.22 21.08
CA SER A 133 -15.76 -13.46 21.18
C SER A 133 -16.42 -12.43 22.04
N GLN A 134 -17.74 -12.38 22.02
CA GLN A 134 -18.44 -11.53 22.95
C GLN A 134 -18.38 -12.21 24.31
N ALA A 135 -18.33 -13.53 24.27
CA ALA A 135 -18.26 -14.33 25.50
C ALA A 135 -17.01 -13.94 26.27
N MET A 136 -15.89 -13.88 25.56
CA MET A 136 -14.62 -13.53 26.17
C MET A 136 -14.68 -12.19 26.91
N VAL A 137 -15.22 -11.17 26.24
CA VAL A 137 -15.41 -9.86 26.81
C VAL A 137 -16.17 -10.00 28.12
N ASP A 138 -17.25 -10.76 28.07
CA ASP A 138 -18.19 -10.79 29.19
C ASP A 138 -17.65 -11.49 30.43
N LYS A 139 -16.76 -12.47 30.26
CA LYS A 139 -16.15 -13.08 31.43
C LYS A 139 -14.97 -12.21 31.88
N LEU A 140 -14.28 -11.63 30.92
CA LEU A 140 -13.21 -10.69 31.22
C LEU A 140 -13.74 -9.52 32.02
N GLN A 141 -14.98 -9.14 31.77
CA GLN A 141 -15.56 -8.07 32.54
C GLN A 141 -15.92 -8.60 33.92
N SER A 142 -16.24 -9.88 34.02
CA SER A 142 -16.57 -10.48 35.32
C SER A 142 -15.38 -10.49 36.29
N TYR A 143 -14.17 -10.25 35.79
CA TYR A 143 -12.97 -10.22 36.65
C TYR A 143 -12.36 -8.84 36.79
N GLY A 144 -13.10 -7.80 36.40
CA GLY A 144 -12.65 -6.44 36.61
C GLY A 144 -12.05 -5.71 35.41
N LEU A 145 -12.29 -6.21 34.21
CA LEU A 145 -11.90 -5.43 33.03
C LEU A 145 -12.85 -4.24 32.91
N THR A 146 -12.32 -3.03 33.03
CA THR A 146 -13.14 -1.82 33.10
C THR A 146 -13.27 -1.13 31.75
N VAL A 147 -12.39 -1.49 30.82
CA VAL A 147 -12.27 -0.82 29.53
C VAL A 147 -13.62 -0.68 28.82
N LYS A 148 -13.95 0.55 28.44
CA LYS A 148 -15.25 0.86 27.88
C LYS A 148 -15.36 0.42 26.43
N LYS A 149 -14.25 0.51 25.69
CA LYS A 149 -14.31 0.29 24.27
C LYS A 149 -13.86 -1.11 23.86
N ILE A 150 -14.76 -1.80 23.16
CA ILE A 150 -14.61 -3.21 22.85
C ILE A 150 -14.97 -3.56 21.42
N LEU A 151 -14.18 -4.45 20.81
CA LEU A 151 -14.44 -5.02 19.49
C LEU A 151 -14.41 -6.54 19.48
N VAL A 152 -15.37 -7.15 18.79
CA VAL A 152 -15.34 -8.61 18.60
C VAL A 152 -14.69 -9.00 17.28
N GLN A 153 -13.73 -9.92 17.39
CA GLN A 153 -12.98 -10.41 16.25
C GLN A 153 -13.81 -11.32 15.36
N GLY A 154 -14.61 -12.17 15.98
CA GLY A 154 -15.48 -13.07 15.26
C GLY A 154 -14.88 -14.32 14.65
N MET A 155 -13.75 -14.19 13.95
CA MET A 155 -13.22 -15.30 13.17
C MET A 155 -11.82 -15.02 12.62
N TRP A 156 -10.91 -15.98 12.78
CA TRP A 156 -9.58 -15.84 12.17
C TRP A 156 -9.62 -15.84 10.66
N ASP A 157 -8.94 -14.89 10.04
CA ASP A 157 -8.79 -14.96 8.60
C ASP A 157 -7.77 -16.02 8.23
N HIS A 158 -7.56 -16.16 6.92
CA HIS A 158 -6.55 -17.03 6.37
C HIS A 158 -6.19 -16.53 4.97
N PRO A 159 -5.43 -15.43 4.89
CA PRO A 159 -5.04 -14.90 3.59
C PRO A 159 -4.24 -15.90 2.80
N THR A 160 -4.63 -16.12 1.55
CA THR A 160 -3.95 -17.09 0.72
C THR A 160 -4.34 -17.01 -0.73
N ASN A 161 -3.53 -17.67 -1.54
CA ASN A 161 -3.72 -17.72 -2.96
C ASN A 161 -3.81 -19.16 -3.45
N ILE A 162 -4.09 -20.08 -2.52
CA ILE A 162 -4.16 -21.49 -2.89
C ILE A 162 -5.19 -21.69 -3.96
N THR A 163 -4.98 -22.70 -4.78
CA THR A 163 -6.01 -23.02 -5.73
C THR A 163 -7.06 -23.87 -5.03
N LEU A 164 -8.31 -23.42 -5.05
CA LEU A 164 -9.40 -24.30 -4.65
C LEU A 164 -9.59 -25.21 -5.88
N GLN A 165 -9.91 -26.48 -5.67
CA GLN A 165 -10.17 -27.37 -6.79
C GLN A 165 -11.63 -27.75 -6.73
N ALA A 166 -12.08 -28.47 -7.76
CA ALA A 166 -13.42 -29.02 -7.74
C ALA A 166 -13.59 -29.90 -6.50
N VAL A 167 -14.61 -29.63 -5.70
CA VAL A 167 -14.84 -30.36 -4.46
C VAL A 167 -15.76 -31.55 -4.59
N ASN A 168 -15.21 -32.75 -4.42
CA ASN A 168 -16.03 -33.97 -4.44
C ASN A 168 -16.75 -34.16 -3.12
N HIS A 169 -17.89 -34.82 -3.16
CA HIS A 169 -18.51 -35.33 -1.94
C HIS A 169 -17.81 -36.59 -1.41
N LYS A 170 -16.69 -36.43 -0.71
CA LYS A 170 -16.03 -37.56 -0.06
C LYS A 170 -16.51 -37.65 1.36
N LYS A 171 -16.89 -38.82 1.83
CA LYS A 171 -17.35 -38.92 3.22
C LYS A 171 -16.14 -39.13 4.11
N LEU A 172 -15.19 -38.19 4.06
CA LEU A 172 -14.01 -38.19 4.91
C LEU A 172 -14.10 -37.03 5.88
N VAL A 173 -13.21 -37.02 6.87
CA VAL A 173 -13.11 -35.91 7.80
C VAL A 173 -11.66 -35.40 7.95
N HIS A 174 -11.44 -34.12 7.69
CA HIS A 174 -10.08 -33.56 7.83
C HIS A 174 -9.86 -33.02 9.23
N PHE A 175 -8.63 -33.17 9.73
CA PHE A 175 -8.26 -32.60 11.02
C PHE A 175 -6.77 -32.33 11.11
N PRO A 176 -6.35 -31.13 10.71
CA PRO A 176 -4.95 -30.75 10.84
C PRO A 176 -4.67 -30.30 12.26
N GLY A 177 -4.46 -31.28 13.15
CA GLY A 177 -4.23 -30.96 14.54
C GLY A 177 -3.41 -32.01 15.26
N ASN A 178 -2.31 -31.54 15.85
CA ASN A 178 -1.50 -32.30 16.79
C ASN A 178 -2.29 -33.23 17.73
N PRO A 179 -2.13 -34.56 17.56
CA PRO A 179 -2.90 -35.60 18.27
C PRO A 179 -2.73 -35.67 19.78
N GLU A 180 -1.83 -34.88 20.33
CA GLU A 180 -1.42 -35.03 21.72
C GLU A 180 -1.96 -33.82 22.45
N ARG A 181 -2.94 -33.21 21.82
CA ARG A 181 -3.63 -32.06 22.35
C ARG A 181 -5.10 -32.44 22.33
N PHE A 182 -5.45 -33.29 21.37
CA PHE A 182 -6.83 -33.72 21.18
C PHE A 182 -6.96 -35.22 21.38
N ASN A 183 -7.48 -35.65 22.52
CA ASN A 183 -7.54 -37.08 22.81
C ASN A 183 -8.45 -37.83 21.84
N PHE A 184 -9.51 -37.14 21.40
CA PHE A 184 -10.62 -37.75 20.69
C PHE A 184 -10.16 -38.56 19.49
N ILE A 185 -8.99 -38.19 18.96
CA ILE A 185 -8.42 -38.89 17.82
C ILE A 185 -7.99 -40.30 18.21
N LYS A 186 -7.13 -40.41 19.21
CA LYS A 186 -6.67 -41.71 19.70
C LYS A 186 -7.83 -42.64 20.06
N ASN A 187 -9.03 -42.06 20.20
CA ASN A 187 -10.23 -42.84 20.48
C ASN A 187 -11.07 -43.14 19.25
N TRP A 188 -10.51 -42.96 18.06
CA TRP A 188 -11.36 -42.98 16.88
C TRP A 188 -12.00 -44.35 16.65
N ARG A 189 -13.32 -44.42 16.87
CA ARG A 189 -14.09 -45.67 16.84
C ARG A 189 -14.81 -45.91 15.50
N ILE A 190 -14.95 -44.87 14.70
CA ILE A 190 -15.96 -44.76 13.65
C ILE A 190 -15.51 -45.30 12.24
N PRO A 191 -16.46 -45.85 11.43
CA PRO A 191 -16.09 -46.29 10.06
C PRO A 191 -15.71 -45.18 9.07
N THR A 192 -16.06 -43.91 9.34
CA THR A 192 -15.60 -42.80 8.49
C THR A 192 -14.20 -42.39 8.93
N GLU A 193 -13.31 -42.20 7.97
CA GLU A 193 -11.89 -42.03 8.25
C GLU A 193 -11.47 -40.61 8.64
N LEU A 194 -10.56 -40.52 9.62
CA LEU A 194 -10.02 -39.25 10.08
C LEU A 194 -8.66 -38.99 9.44
N HIS A 195 -8.58 -37.98 8.59
CA HIS A 195 -7.32 -37.56 8.00
C HIS A 195 -6.60 -36.72 9.04
N VAL A 196 -5.44 -37.16 9.49
CA VAL A 196 -4.76 -36.40 10.53
C VAL A 196 -3.39 -35.89 10.11
N TYR A 197 -3.29 -34.58 9.99
CA TYR A 197 -2.09 -33.96 9.47
C TYR A 197 -1.24 -33.56 10.63
N THR A 198 -0.17 -34.30 10.85
CA THR A 198 0.65 -34.05 12.01
C THR A 198 2.10 -34.46 11.83
N ASP A 199 2.98 -33.63 12.39
CA ASP A 199 4.42 -33.85 12.30
C ASP A 199 4.84 -34.97 13.23
N HIS A 200 4.02 -35.25 14.23
CA HIS A 200 4.49 -36.17 15.20
C HIS A 200 4.41 -37.60 14.74
N ASN A 201 5.54 -38.24 15.02
CA ASN A 201 5.90 -39.57 14.57
C ASN A 201 5.32 -40.59 15.51
N MET A 202 4.29 -41.28 15.04
CA MET A 202 3.56 -42.27 15.82
C MET A 202 2.50 -42.94 14.96
N GLN A 203 1.82 -43.92 15.54
CA GLN A 203 0.81 -44.68 14.82
C GLN A 203 -0.54 -44.42 15.45
N LEU A 204 -1.59 -44.58 14.65
CA LEU A 204 -2.92 -44.12 15.02
C LEU A 204 -3.99 -45.16 14.69
N PRO A 205 -5.15 -45.09 15.38
CA PRO A 205 -6.27 -46.03 15.23
C PRO A 205 -6.62 -46.43 13.79
N THR A 206 -7.22 -47.61 13.65
CA THR A 206 -7.21 -48.36 12.37
C THR A 206 -7.80 -47.62 11.16
N THR A 207 -8.80 -46.75 11.37
CA THR A 207 -9.36 -45.95 10.26
C THR A 207 -9.06 -44.47 10.56
N VAL A 208 -7.77 -44.16 10.68
CA VAL A 208 -7.26 -42.82 10.92
C VAL A 208 -6.01 -42.66 10.06
N VAL A 209 -6.16 -41.98 8.94
CA VAL A 209 -5.08 -41.90 7.96
C VAL A 209 -4.07 -40.81 8.35
N LYS A 210 -3.04 -41.21 9.09
CA LYS A 210 -2.02 -40.24 9.51
C LYS A 210 -1.23 -39.72 8.33
N GLU A 211 -1.11 -38.40 8.25
CA GLU A 211 -0.44 -37.75 7.15
C GLU A 211 0.56 -36.72 7.66
N PRO A 212 1.79 -36.81 7.15
CA PRO A 212 2.85 -35.92 7.62
C PRO A 212 2.57 -34.46 7.28
N TYR A 213 2.86 -33.60 8.27
CA TYR A 213 2.71 -32.15 8.23
C TYR A 213 2.96 -31.46 6.89
N GLN A 214 1.88 -31.11 6.20
CA GLN A 214 2.00 -30.42 4.91
C GLN A 214 2.23 -28.93 5.15
N SER A 215 2.93 -28.25 4.23
CA SER A 215 2.99 -26.79 4.27
C SER A 215 1.56 -26.30 4.06
N ASP A 216 1.22 -25.18 4.67
CA ASP A 216 -0.18 -24.79 4.70
C ASP A 216 -0.80 -24.70 3.31
N GLU A 217 -0.13 -24.00 2.41
CA GLU A 217 -0.65 -23.84 1.07
C GLU A 217 -1.07 -25.17 0.45
N GLN A 218 -0.23 -26.19 0.61
CA GLN A 218 -0.54 -27.50 0.07
C GLN A 218 -1.71 -28.13 0.82
N LEU A 219 -1.77 -27.87 2.13
CA LEU A 219 -2.83 -28.42 2.95
C LEU A 219 -4.18 -27.87 2.49
N ILE A 220 -4.20 -26.59 2.16
CA ILE A 220 -5.42 -25.93 1.74
C ILE A 220 -5.77 -26.53 0.37
N MET A 221 -4.75 -26.63 -0.48
CA MET A 221 -4.88 -27.24 -1.79
C MET A 221 -5.54 -28.64 -1.72
N LYS A 222 -4.99 -29.55 -0.91
CA LYS A 222 -5.53 -30.90 -0.82
C LYS A 222 -6.94 -30.98 -0.26
N MET A 223 -7.20 -30.22 0.79
CA MET A 223 -8.47 -30.32 1.48
C MET A 223 -9.60 -29.81 0.60
N SER A 224 -9.26 -28.92 -0.33
CA SER A 224 -10.22 -28.35 -1.25
C SER A 224 -10.83 -29.39 -2.19
N GLU A 225 -10.30 -30.61 -2.15
CA GLU A 225 -10.80 -31.63 -3.03
C GLU A 225 -12.06 -32.25 -2.45
N GLY A 226 -12.36 -31.98 -1.19
CA GLY A 226 -13.60 -32.49 -0.62
C GLY A 226 -13.47 -33.05 0.77
N GLY A 227 -14.59 -33.46 1.33
CA GLY A 227 -14.62 -33.94 2.69
C GLY A 227 -15.06 -32.81 3.59
N TYR A 228 -14.96 -33.02 4.89
CA TYR A 228 -15.39 -32.03 5.86
C TYR A 228 -14.31 -31.61 6.83
N GLY A 229 -14.47 -30.41 7.34
CA GLY A 229 -13.55 -29.86 8.32
C GLY A 229 -14.08 -30.13 9.71
N LEU A 230 -13.23 -30.69 10.54
CA LEU A 230 -13.55 -30.96 11.93
C LEU A 230 -12.96 -29.89 12.83
N VAL A 231 -13.82 -29.20 13.57
CA VAL A 231 -13.33 -28.29 14.60
C VAL A 231 -13.75 -28.85 15.92
N TRP A 232 -12.84 -29.59 16.52
CA TRP A 232 -13.04 -30.19 17.81
C TRP A 232 -11.94 -29.63 18.69
N MET A 233 -12.10 -29.81 19.99
CA MET A 233 -11.27 -29.13 20.98
C MET A 233 -11.89 -29.46 22.30
N ASP A 234 -11.09 -29.58 23.34
CA ASP A 234 -9.63 -29.64 23.26
C ASP A 234 -9.32 -31.05 23.68
N ASP A 235 -10.26 -31.94 23.32
CA ASP A 235 -10.63 -33.20 23.97
C ASP A 235 -11.45 -32.80 25.21
N ARG A 236 -11.55 -33.68 26.21
CA ARG A 236 -12.44 -33.47 27.36
C ARG A 236 -12.27 -32.11 28.05
N ASP A 237 -11.22 -31.98 28.86
CA ASP A 237 -10.92 -30.70 29.53
C ASP A 237 -10.39 -29.66 28.54
N LYS A 238 -10.20 -28.44 29.02
CA LYS A 238 -9.85 -27.29 28.18
C LYS A 238 -10.99 -27.02 27.20
N GLN A 239 -12.23 -27.15 27.67
CA GLN A 239 -13.39 -27.04 26.78
C GLN A 239 -14.21 -25.77 27.04
N TYR A 240 -14.14 -25.26 28.26
CA TYR A 240 -14.79 -23.98 28.58
C TYR A 240 -14.14 -22.87 27.81
N GLN A 241 -12.98 -23.18 27.23
CA GLN A 241 -12.36 -22.35 26.20
C GLN A 241 -13.24 -22.34 24.94
N SER A 242 -14.51 -22.02 25.15
CA SER A 242 -15.45 -21.72 24.09
C SER A 242 -15.36 -20.24 23.85
N LEU A 243 -14.15 -19.72 24.02
CA LEU A 243 -13.94 -18.31 24.00
C LEU A 243 -13.27 -17.90 22.72
N TYR A 244 -12.08 -18.46 22.42
CA TYR A 244 -11.30 -17.91 21.32
C TYR A 244 -11.69 -18.49 19.95
N CYS A 245 -11.09 -17.90 18.92
CA CYS A 245 -11.36 -18.28 17.56
C CYS A 245 -10.37 -19.35 17.12
N PRO A 246 -10.86 -20.47 16.53
CA PRO A 246 -9.96 -21.50 16.02
C PRO A 246 -9.31 -21.05 14.73
N TYR A 247 -8.05 -21.38 14.59
CA TYR A 247 -7.33 -21.05 13.39
C TYR A 247 -7.57 -22.09 12.29
N LYS A 248 -7.98 -23.29 12.64
CA LYS A 248 -8.12 -24.29 11.59
C LYS A 248 -9.47 -24.13 10.92
N LEU A 249 -10.47 -23.71 11.69
CA LEU A 249 -11.78 -23.39 11.14
C LEU A 249 -11.66 -22.44 9.93
N GLY A 250 -10.80 -21.45 10.07
CA GLY A 250 -10.58 -20.50 9.00
C GLY A 250 -9.78 -21.19 7.93
N ALA A 251 -8.85 -22.02 8.37
CA ALA A 251 -8.00 -22.74 7.45
C ALA A 251 -8.85 -23.68 6.57
N TYR A 252 -9.93 -24.20 7.13
CA TYR A 252 -10.84 -25.09 6.41
C TYR A 252 -11.64 -24.38 5.32
N ILE A 253 -12.36 -23.34 5.74
CA ILE A 253 -13.25 -22.59 4.87
C ILE A 253 -12.49 -21.92 3.73
N ALA A 254 -11.25 -21.53 4.00
CA ALA A 254 -10.41 -20.96 2.96
C ALA A 254 -10.10 -21.99 1.89
N ALA A 255 -10.02 -23.25 2.30
CA ALA A 255 -9.80 -24.35 1.36
C ALA A 255 -11.03 -24.55 0.50
N GLY A 256 -12.19 -24.21 1.05
CA GLY A 256 -13.41 -24.24 0.31
C GLY A 256 -14.26 -25.45 0.60
N ILE A 257 -14.19 -25.99 1.81
CA ILE A 257 -15.04 -27.12 2.18
C ILE A 257 -15.83 -26.79 3.43
N PRO A 258 -16.98 -27.46 3.64
CA PRO A 258 -17.79 -27.11 4.81
C PRO A 258 -17.18 -27.64 6.09
N VAL A 259 -17.57 -27.06 7.22
CA VAL A 259 -17.01 -27.51 8.49
C VAL A 259 -18.01 -28.15 9.42
N ILE A 260 -17.47 -28.88 10.38
CA ILE A 260 -18.25 -29.45 11.44
C ILE A 260 -17.72 -28.97 12.77
N ILE A 261 -18.60 -28.44 13.62
CA ILE A 261 -18.17 -27.92 14.92
C ILE A 261 -19.08 -28.35 16.06
N GLN A 262 -18.50 -28.43 17.26
CA GLN A 262 -19.22 -28.90 18.44
C GLN A 262 -20.00 -27.73 19.02
N LYS A 263 -21.20 -27.98 19.55
CA LYS A 263 -22.08 -26.88 19.94
C LYS A 263 -21.47 -26.06 21.08
N GLY A 264 -21.62 -24.74 20.99
CA GLY A 264 -21.13 -23.82 22.00
C GLY A 264 -19.90 -23.05 21.58
N ILE A 265 -19.46 -23.28 20.35
CA ILE A 265 -18.23 -22.66 19.89
C ILE A 265 -18.36 -21.13 19.89
N ALA A 266 -17.22 -20.46 19.96
CA ALA A 266 -17.19 -19.02 19.81
C ALA A 266 -17.72 -18.64 18.43
N ASN A 267 -18.57 -17.62 18.41
CA ASN A 267 -19.11 -17.10 17.17
C ASN A 267 -19.63 -18.23 16.28
N GLN A 268 -20.50 -19.03 16.88
CA GLN A 268 -21.26 -20.08 16.23
C GLN A 268 -22.18 -19.52 15.16
N ASP A 269 -22.85 -18.42 15.50
CA ASP A 269 -23.85 -17.81 14.64
C ASP A 269 -23.30 -17.62 13.23
N ILE A 270 -22.00 -17.28 13.15
CA ILE A 270 -21.40 -17.01 11.85
C ILE A 270 -21.57 -18.23 10.95
N ILE A 271 -21.37 -19.41 11.52
CA ILE A 271 -21.50 -20.64 10.78
C ILE A 271 -22.94 -20.92 10.31
N GLU A 272 -23.92 -20.72 11.19
CA GLU A 272 -25.32 -20.91 10.82
C GLU A 272 -25.76 -19.89 9.81
N LYS A 273 -25.46 -18.64 10.10
CA LYS A 273 -26.02 -17.54 9.32
C LYS A 273 -25.40 -17.48 7.93
N ASN A 274 -24.28 -18.18 7.75
CA ASN A 274 -23.54 -18.13 6.51
C ASN A 274 -23.46 -19.45 5.77
N ASN A 275 -24.09 -20.47 6.33
CA ASN A 275 -24.26 -21.80 5.71
C ASN A 275 -23.09 -22.78 5.90
N LEU A 276 -21.93 -22.31 6.35
CA LEU A 276 -20.66 -23.05 6.31
C LEU A 276 -20.61 -24.53 6.79
N GLY A 277 -21.62 -25.00 7.50
CA GLY A 277 -21.65 -26.40 7.84
C GLY A 277 -22.50 -26.70 9.06
N PHE A 278 -22.21 -27.82 9.71
CA PHE A 278 -23.10 -28.28 10.73
C PHE A 278 -22.57 -27.97 12.11
N ILE A 279 -23.47 -27.56 12.99
CA ILE A 279 -23.19 -27.55 14.40
C ILE A 279 -23.90 -28.72 15.06
N ILE A 280 -23.13 -29.55 15.74
CA ILE A 280 -23.66 -30.76 16.33
C ILE A 280 -23.26 -30.87 17.79
N GLU A 281 -23.81 -31.85 18.50
CA GLU A 281 -23.49 -31.99 19.92
C GLU A 281 -22.31 -32.92 20.18
N LYS A 282 -22.47 -34.17 19.78
CA LYS A 282 -21.46 -35.19 20.05
C LYS A 282 -20.67 -35.54 18.79
N ILE A 283 -19.56 -36.23 18.97
CA ILE A 283 -18.73 -36.73 17.87
C ILE A 283 -19.52 -37.69 16.99
N ASP A 284 -20.56 -38.26 17.58
CA ASP A 284 -21.32 -39.30 16.95
C ASP A 284 -22.43 -38.71 16.07
N ASP A 285 -22.97 -37.56 16.49
CA ASP A 285 -23.91 -36.77 15.69
C ASP A 285 -23.30 -36.50 14.32
N ILE A 286 -22.02 -36.24 14.32
CA ILE A 286 -21.28 -35.96 13.12
C ILE A 286 -21.23 -37.10 12.13
N SER A 287 -20.85 -38.27 12.63
CA SER A 287 -20.72 -39.46 11.79
C SER A 287 -22.02 -39.67 11.05
N ASN A 288 -23.14 -39.49 11.77
CA ASN A 288 -24.47 -39.59 11.17
C ASN A 288 -24.65 -38.64 9.99
N ILE A 289 -24.31 -37.37 10.16
CA ILE A 289 -24.58 -36.43 9.08
C ILE A 289 -23.57 -36.64 7.95
N VAL A 290 -22.33 -37.00 8.26
CA VAL A 290 -21.39 -37.32 7.17
C VAL A 290 -21.85 -38.55 6.38
N GLU A 291 -22.24 -39.61 7.08
CA GLU A 291 -22.70 -40.82 6.42
C GLU A 291 -24.02 -40.62 5.66
N SER A 292 -24.98 -39.96 6.31
CA SER A 292 -26.33 -39.86 5.75
C SER A 292 -26.67 -38.51 5.15
N THR A 293 -25.75 -37.92 4.39
CA THR A 293 -26.06 -36.60 3.83
C THR A 293 -26.06 -36.65 2.30
N THR A 294 -27.02 -35.92 1.73
CA THR A 294 -27.31 -35.87 0.29
C THR A 294 -26.17 -35.22 -0.47
N GLU A 295 -25.94 -35.70 -1.69
CA GLU A 295 -24.88 -35.17 -2.54
C GLU A 295 -25.05 -33.69 -2.84
N GLU A 296 -26.28 -33.27 -3.12
CA GLU A 296 -26.48 -31.85 -3.40
C GLU A 296 -26.68 -31.08 -2.12
N GLU A 297 -27.04 -31.79 -1.05
CA GLU A 297 -26.93 -31.18 0.28
C GLU A 297 -25.48 -30.71 0.43
N TYR A 298 -24.56 -31.54 -0.02
CA TYR A 298 -23.15 -31.19 0.04
C TYR A 298 -22.78 -30.15 -0.99
N MET A 299 -23.41 -30.21 -2.15
CA MET A 299 -23.13 -29.26 -3.21
C MET A 299 -23.33 -27.82 -2.73
N GLU A 300 -24.49 -27.59 -2.13
CA GLU A 300 -24.86 -26.28 -1.64
C GLU A 300 -23.83 -25.78 -0.61
N ILE A 301 -23.69 -26.54 0.46
CA ILE A 301 -22.82 -26.22 1.59
C ILE A 301 -21.42 -25.76 1.15
N VAL A 302 -20.89 -26.35 0.09
CA VAL A 302 -19.66 -25.89 -0.52
C VAL A 302 -19.81 -24.53 -1.17
N SER A 303 -20.84 -24.40 -2.01
CA SER A 303 -21.05 -23.22 -2.84
C SER A 303 -21.10 -21.99 -1.97
N ASP A 304 -21.46 -22.21 -0.71
CA ASP A 304 -21.55 -21.13 0.24
C ASP A 304 -20.24 -20.86 0.93
N VAL A 305 -19.58 -21.92 1.33
CA VAL A 305 -18.23 -21.81 1.86
C VAL A 305 -17.42 -20.93 0.91
N ARG A 306 -17.58 -21.18 -0.38
CA ARG A 306 -16.78 -20.49 -1.38
C ARG A 306 -17.38 -19.13 -1.70
N ARG A 307 -18.65 -18.96 -1.35
CA ARG A 307 -19.27 -17.65 -1.42
C ARG A 307 -18.75 -16.79 -0.27
N PHE A 308 -18.67 -17.38 0.91
CA PHE A 308 -18.24 -16.67 2.10
C PHE A 308 -16.74 -16.37 2.12
N ASN A 309 -15.93 -17.30 1.61
CA ASN A 309 -14.52 -17.31 1.98
C ASN A 309 -13.57 -16.28 1.31
N PRO A 310 -14.07 -15.44 0.39
CA PRO A 310 -13.02 -14.47 0.01
C PRO A 310 -12.73 -13.47 1.12
N LEU A 311 -13.65 -13.25 2.06
CA LEU A 311 -13.37 -12.49 3.29
C LEU A 311 -12.16 -13.08 4.00
N VAL A 312 -12.18 -14.39 4.11
CA VAL A 312 -11.16 -15.10 4.85
C VAL A 312 -9.87 -15.05 4.04
N ARG A 313 -10.03 -15.14 2.71
CA ARG A 313 -8.89 -15.25 1.82
C ARG A 313 -8.22 -13.91 1.55
N GLN A 314 -8.97 -12.81 1.65
CA GLN A 314 -8.35 -11.49 1.48
C GLN A 314 -8.21 -10.78 2.84
N GLY A 315 -8.74 -11.40 3.88
CA GLY A 315 -8.41 -11.03 5.23
C GLY A 315 -9.24 -9.86 5.69
N TYR A 316 -10.55 -10.04 5.71
CA TYR A 316 -11.42 -8.90 6.01
C TYR A 316 -11.92 -8.84 7.44
N PHE A 317 -11.99 -9.97 8.13
CA PHE A 317 -12.24 -9.93 9.56
C PHE A 317 -11.12 -9.15 10.26
N THR A 318 -9.90 -9.29 9.75
CA THR A 318 -8.73 -8.65 10.32
C THR A 318 -8.66 -7.16 10.00
N ARG A 319 -8.84 -6.84 8.72
CA ARG A 319 -8.97 -5.47 8.23
C ARG A 319 -10.00 -4.71 9.03
N LYS A 320 -11.09 -5.41 9.34
CA LYS A 320 -12.23 -4.85 10.05
C LYS A 320 -11.81 -4.36 11.41
N LEU A 321 -11.26 -5.29 12.20
CA LEU A 321 -10.87 -5.01 13.56
C LEU A 321 -9.64 -4.11 13.63
N LEU A 322 -8.72 -4.25 12.70
CA LEU A 322 -7.53 -3.40 12.74
C LEU A 322 -7.91 -1.96 12.41
N THR A 323 -9.06 -1.78 11.79
CA THR A 323 -9.49 -0.42 11.42
C THR A 323 -10.39 0.18 12.50
N ASP A 324 -11.45 -0.54 12.89
CA ASP A 324 -12.33 -0.01 13.91
C ASP A 324 -11.59 0.16 15.23
N ALA A 325 -10.64 -0.73 15.54
CA ALA A 325 -9.91 -0.69 16.82
C ALA A 325 -9.35 0.70 16.96
N VAL A 326 -8.60 1.08 15.95
CA VAL A 326 -7.98 2.38 15.88
C VAL A 326 -9.00 3.51 15.95
N PHE A 327 -10.01 3.47 15.08
CA PHE A 327 -11.05 4.50 15.07
C PHE A 327 -11.67 4.66 16.44
N SER A 328 -12.05 3.56 17.05
CA SER A 328 -12.67 3.62 18.37
C SER A 328 -11.67 4.08 19.42
N ALA A 329 -10.38 3.95 19.11
CA ALA A 329 -9.36 4.37 20.08
C ALA A 329 -9.25 5.89 20.16
N LEU A 330 -9.79 6.60 19.18
CA LEU A 330 -9.83 8.06 19.27
C LEU A 330 -11.22 8.56 19.64
N ASN A 331 -12.16 8.38 18.74
CA ASN A 331 -13.55 8.77 18.97
C ASN A 331 -14.11 8.13 20.24
N ALA B 1 10.47 -19.17 4.04
CA ALA B 1 11.48 -18.33 3.41
C ALA B 1 10.82 -17.12 2.76
N CYS B 2 10.36 -16.20 3.60
CA CYS B 2 9.54 -15.09 3.14
C CYS B 2 10.23 -13.77 3.31
N MET B 3 10.94 -13.33 2.28
CA MET B 3 11.76 -12.13 2.39
C MET B 3 10.98 -10.86 2.69
N ARG B 4 11.43 -10.14 3.73
CA ARG B 4 10.85 -8.85 4.08
C ARG B 4 11.97 -7.84 4.11
N THR B 5 11.65 -6.59 3.77
CA THR B 5 12.67 -5.55 3.69
C THR B 5 12.58 -4.63 4.91
N TYR B 6 13.70 -4.39 5.58
CA TYR B 6 13.66 -3.52 6.71
C TYR B 6 14.52 -2.31 6.48
N ILE B 7 14.12 -1.17 7.04
CA ILE B 7 14.94 0.02 6.95
C ILE B 7 15.05 0.68 8.31
N THR B 8 16.28 1.11 8.65
CA THR B 8 16.58 1.74 9.93
C THR B 8 16.03 3.15 9.92
N ASN B 9 15.47 3.59 11.04
CA ASN B 9 14.90 4.93 11.16
C ASN B 9 15.25 5.62 12.50
N LEU B 10 16.18 6.55 12.43
CA LEU B 10 16.55 7.45 13.51
C LEU B 10 15.35 8.22 14.13
N ASN B 11 15.35 8.36 15.46
CA ASN B 11 14.26 9.08 16.13
C ASN B 11 14.69 9.81 17.40
N GLY B 12 13.92 10.83 17.77
CA GLY B 12 14.14 11.57 18.99
C GLY B 12 15.15 12.69 18.86
N HIS B 13 15.22 13.32 17.69
CA HIS B 13 16.00 14.56 17.53
C HIS B 13 15.08 15.79 17.60
N SER B 14 15.68 16.97 17.71
CA SER B 14 14.93 18.22 17.66
C SER B 14 14.24 18.33 16.31
N ILE B 15 13.12 19.03 16.28
CA ILE B 15 12.29 19.12 15.08
C ILE B 15 12.97 19.89 13.93
N THR B 16 14.17 20.39 14.19
CA THR B 16 14.92 21.16 13.20
C THR B 16 16.13 20.38 12.69
N SER B 17 16.19 19.10 13.06
CA SER B 17 17.25 18.21 12.63
C SER B 17 16.97 17.66 11.22
N THR B 18 17.71 18.14 10.24
CA THR B 18 17.51 17.71 8.88
C THR B 18 17.84 16.23 8.72
N ALA B 19 18.88 15.79 9.42
CA ALA B 19 19.24 14.37 9.41
C ALA B 19 18.02 13.50 9.70
N GLN B 20 17.31 13.81 10.78
CA GLN B 20 16.17 13.00 11.18
C GLN B 20 15.08 13.15 10.17
N ILE B 21 14.93 14.37 9.66
CA ILE B 21 13.83 14.68 8.77
C ILE B 21 14.05 13.90 7.47
N ALA B 22 15.30 13.78 7.04
CA ALA B 22 15.59 13.05 5.82
C ALA B 22 15.38 11.55 6.03
N GLN B 23 15.83 11.00 7.16
CA GLN B 23 15.69 9.56 7.39
C GLN B 23 14.21 9.22 7.56
N ASN B 24 13.47 10.12 8.20
CA ASN B 24 12.04 9.88 8.38
C ASN B 24 11.30 9.81 7.06
N MET B 25 11.68 10.69 6.15
CA MET B 25 10.93 10.78 4.91
C MET B 25 11.19 9.56 4.03
N VAL B 26 12.46 9.20 3.88
CA VAL B 26 12.81 7.96 3.20
C VAL B 26 11.95 6.82 3.76
N THR B 27 11.88 6.75 5.08
CA THR B 27 11.16 5.67 5.74
C THR B 27 9.68 5.72 5.40
N ASP B 28 9.10 6.91 5.39
CA ASP B 28 7.66 7.01 5.08
C ASP B 28 7.35 6.44 3.68
N ILE B 29 8.26 6.70 2.76
CA ILE B 29 8.22 6.18 1.40
C ILE B 29 8.38 4.68 1.39
N ALA B 30 9.45 4.25 2.04
CA ALA B 30 9.71 2.84 2.29
C ALA B 30 8.45 2.15 2.80
N VAL B 31 7.79 2.77 3.76
CA VAL B 31 6.61 2.15 4.35
C VAL B 31 5.52 1.99 3.30
N SER B 32 5.37 2.99 2.44
CA SER B 32 4.40 2.95 1.35
C SER B 32 4.70 1.80 0.38
N LEU B 33 5.99 1.51 0.19
CA LEU B 33 6.43 0.44 -0.70
C LEU B 33 6.35 -0.94 -0.04
N GLY B 34 5.91 -0.99 1.21
CA GLY B 34 5.80 -2.24 1.92
C GLY B 34 7.00 -2.60 2.80
N PHE B 35 8.09 -1.83 2.71
CA PHE B 35 9.29 -2.10 3.51
C PHE B 35 8.95 -1.84 5.01
N ARG B 36 9.84 -2.22 5.93
CA ARG B 36 9.50 -2.23 7.36
C ARG B 36 10.50 -1.43 8.17
N GLU B 37 10.01 -0.70 9.16
CA GLU B 37 10.87 0.18 9.92
C GLU B 37 11.62 -0.53 11.04
N LEU B 38 12.94 -0.37 11.06
CA LEU B 38 13.73 -0.62 12.27
C LEU B 38 13.98 0.70 13.01
N GLY B 39 13.10 1.03 13.94
CA GLY B 39 13.29 2.25 14.73
C GLY B 39 14.56 2.28 15.59
N ILE B 40 15.24 3.42 15.61
CA ILE B 40 16.44 3.65 16.42
C ILE B 40 16.37 4.99 17.17
N HIS B 41 16.58 5.00 18.50
CA HIS B 41 16.55 6.26 19.26
C HIS B 41 17.93 6.89 19.45
N SER B 42 17.96 8.21 19.42
CA SER B 42 19.21 8.96 19.57
C SER B 42 19.45 9.30 21.02
N TYR B 43 20.66 8.96 21.49
CA TYR B 43 20.99 9.00 22.88
C TYR B 43 22.49 8.81 23.10
N PRO B 44 23.02 9.30 24.26
CA PRO B 44 24.39 8.98 24.69
C PRO B 44 24.63 7.48 24.96
N ILE B 45 25.45 6.92 24.09
CA ILE B 45 25.75 5.49 24.10
C ILE B 45 26.50 5.12 25.36
N ASP B 46 27.18 6.10 25.95
CA ASP B 46 28.03 5.84 27.12
C ASP B 46 27.23 5.39 28.35
N THR B 47 25.93 5.66 28.37
CA THR B 47 25.06 5.20 29.45
C THR B 47 24.80 3.70 29.37
N ASP B 48 25.31 3.04 28.33
CA ASP B 48 25.13 1.60 28.22
C ASP B 48 26.45 0.87 28.44
N SER B 49 26.34 -0.34 28.96
CA SER B 49 27.45 -1.29 29.03
C SER B 49 27.36 -2.23 27.84
N PRO B 50 28.47 -2.88 27.42
CA PRO B 50 28.41 -3.88 26.36
C PRO B 50 27.12 -4.70 26.39
N GLU B 51 26.83 -5.34 27.51
CA GLU B 51 25.63 -6.16 27.66
C GLU B 51 24.37 -5.38 27.36
N GLU B 52 24.24 -4.23 28.01
CA GLU B 52 23.03 -3.42 27.84
C GLU B 52 22.81 -3.11 26.36
N MET B 53 23.85 -2.62 25.71
CA MET B 53 23.77 -2.22 24.33
C MET B 53 23.42 -3.40 23.41
N SER B 54 24.15 -4.50 23.58
CA SER B 54 23.86 -5.72 22.82
C SER B 54 22.36 -6.03 22.88
N LYS B 55 21.77 -5.87 24.05
CA LYS B 55 20.37 -6.22 24.21
C LYS B 55 19.42 -5.11 23.74
N ARG B 56 19.87 -3.87 23.83
CA ARG B 56 19.08 -2.79 23.25
C ARG B 56 18.93 -3.08 21.75
N LEU B 57 20.07 -3.36 21.15
CA LEU B 57 20.14 -3.75 19.75
C LEU B 57 19.27 -4.97 19.46
N ASP B 58 19.28 -5.93 20.38
CA ASP B 58 18.49 -7.13 20.21
C ASP B 58 17.05 -6.74 19.95
N GLY B 59 16.56 -5.82 20.77
CA GLY B 59 15.17 -5.40 20.72
C GLY B 59 14.86 -4.59 19.47
N ILE B 60 15.87 -3.92 18.95
CA ILE B 60 15.67 -3.20 17.71
C ILE B 60 15.51 -4.19 16.54
N CYS B 61 16.23 -5.31 16.61
CA CYS B 61 16.25 -6.30 15.53
C CYS B 61 15.34 -7.51 15.68
N SER B 62 14.47 -7.50 16.68
CA SER B 62 13.66 -8.67 17.02
C SER B 62 12.92 -9.28 15.84
N GLY B 63 12.35 -8.42 15.00
CA GLY B 63 11.56 -8.84 13.86
C GLY B 63 12.39 -9.40 12.73
N LEU B 64 13.70 -9.20 12.79
CA LEU B 64 14.59 -9.62 11.72
C LEU B 64 14.58 -11.12 11.56
N ARG B 65 14.77 -11.56 10.33
CA ARG B 65 14.83 -12.97 10.02
C ARG B 65 15.89 -13.24 9.00
N LYS B 66 16.38 -14.48 8.97
CA LYS B 66 17.24 -14.90 7.87
C LYS B 66 16.51 -14.72 6.54
N ASN B 67 17.28 -14.44 5.50
CA ASN B 67 16.77 -14.25 4.14
C ASN B 67 15.94 -12.97 4.00
N ASP B 68 15.96 -12.12 5.02
CA ASP B 68 15.38 -10.79 4.89
C ASP B 68 16.43 -9.86 4.26
N ILE B 69 16.05 -8.60 4.06
CA ILE B 69 17.00 -7.58 3.63
C ILE B 69 16.89 -6.33 4.49
N VAL B 70 18.03 -5.80 4.92
CA VAL B 70 17.99 -4.59 5.73
C VAL B 70 18.71 -3.43 5.06
N ILE B 71 18.06 -2.27 5.12
CA ILE B 71 18.64 -1.06 4.63
C ILE B 71 19.01 -0.19 5.81
N PHE B 72 20.30 0.13 5.89
CA PHE B 72 20.84 0.88 7.00
C PHE B 72 21.13 2.33 6.59
N GLN B 73 20.23 3.23 6.99
CA GLN B 73 20.50 4.64 6.84
C GLN B 73 21.62 5.00 7.81
N THR B 74 22.78 5.34 7.27
CA THR B 74 23.93 5.68 8.07
C THR B 74 24.31 7.13 7.82
N PRO B 75 24.69 7.87 8.88
CA PRO B 75 24.92 7.43 10.26
C PRO B 75 23.71 7.51 11.16
N THR B 76 23.74 6.76 12.27
CA THR B 76 22.70 6.84 13.29
C THR B 76 22.79 8.11 14.12
N TRP B 77 23.98 8.71 14.18
CA TRP B 77 24.30 9.78 15.12
C TRP B 77 24.30 9.30 16.58
N ASN B 78 24.39 8.00 16.78
CA ASN B 78 24.70 7.47 18.10
C ASN B 78 26.20 7.22 18.23
N THR B 79 26.97 7.81 17.31
CA THR B 79 28.43 7.66 17.12
C THR B 79 28.80 6.39 16.35
N THR B 80 30.01 6.43 15.81
CA THR B 80 30.56 5.33 15.04
C THR B 80 30.44 4.00 15.77
N THR B 81 30.82 4.01 17.05
CA THR B 81 30.71 2.83 17.92
C THR B 81 29.39 2.13 17.68
N PHE B 82 28.31 2.90 17.77
CA PHE B 82 26.98 2.35 17.63
C PHE B 82 26.74 1.85 16.24
N ASP B 83 27.26 2.57 15.26
CA ASP B 83 27.07 2.20 13.87
C ASP B 83 27.79 0.88 13.55
N GLU B 84 29.06 0.78 13.95
CA GLU B 84 29.83 -0.47 13.82
C GLU B 84 29.09 -1.64 14.46
N LYS B 85 28.59 -1.44 15.66
CA LYS B 85 28.00 -2.52 16.40
C LYS B 85 26.65 -2.91 15.81
N LEU B 86 25.84 -1.93 15.44
CA LEU B 86 24.58 -2.21 14.72
C LEU B 86 24.86 -3.03 13.48
N PHE B 87 25.93 -2.70 12.78
CA PHE B 87 26.26 -3.49 11.65
C PHE B 87 26.71 -4.89 12.03
N HIS B 88 27.51 -5.02 13.08
CA HIS B 88 27.91 -6.36 13.51
C HIS B 88 26.71 -7.22 13.81
N LYS B 89 25.76 -6.62 14.53
CA LYS B 89 24.48 -7.29 14.75
C LYS B 89 23.84 -7.82 13.47
N LEU B 90 23.77 -6.95 12.46
CA LEU B 90 23.09 -7.30 11.21
C LEU B 90 23.77 -8.47 10.51
N LYS B 91 25.10 -8.44 10.46
CA LYS B 91 25.85 -9.52 9.83
C LYS B 91 25.64 -10.89 10.48
N ILE B 92 25.03 -10.92 11.65
CA ILE B 92 24.84 -12.19 12.34
C ILE B 92 23.67 -12.93 11.72
N PHE B 93 22.75 -12.14 11.18
CA PHE B 93 21.61 -12.67 10.47
C PHE B 93 22.08 -12.99 9.03
N GLY B 94 21.54 -14.05 8.42
CA GLY B 94 21.89 -14.42 7.05
C GLY B 94 21.05 -13.60 6.08
N VAL B 95 21.36 -12.32 5.98
CA VAL B 95 20.56 -11.37 5.25
C VAL B 95 21.41 -10.55 4.31
N LYS B 96 20.76 -9.83 3.40
CA LYS B 96 21.52 -8.95 2.55
C LYS B 96 21.34 -7.51 3.03
N ILE B 97 22.42 -6.74 2.96
CA ILE B 97 22.42 -5.45 3.61
C ILE B 97 22.77 -4.29 2.68
N VAL B 98 21.82 -3.36 2.58
CA VAL B 98 22.01 -2.16 1.79
C VAL B 98 22.43 -1.06 2.75
N ILE B 99 23.46 -0.33 2.37
CA ILE B 99 23.82 0.80 3.16
C ILE B 99 23.53 2.12 2.39
N PHE B 100 22.55 2.85 2.91
CA PHE B 100 22.16 4.19 2.49
C PHE B 100 22.98 5.28 3.23
N ILE B 101 23.93 5.92 2.55
CA ILE B 101 24.67 7.01 3.16
C ILE B 101 23.97 8.36 3.13
N HIS B 102 23.79 8.95 4.31
CA HIS B 102 23.30 10.33 4.45
C HIS B 102 24.46 11.30 4.66
N ASP B 103 25.36 10.93 5.57
CA ASP B 103 26.58 11.68 5.82
C ASP B 103 27.76 10.72 5.99
N VAL B 104 28.97 11.20 5.73
CA VAL B 104 30.18 10.45 6.09
C VAL B 104 31.05 11.21 7.10
N VAL B 105 31.03 10.76 8.34
CA VAL B 105 31.70 11.45 9.44
C VAL B 105 33.17 11.77 9.14
N PRO B 106 34.00 10.75 8.84
CA PRO B 106 35.43 11.07 8.74
C PRO B 106 35.79 12.01 7.59
N LEU B 107 34.79 12.54 6.91
CA LEU B 107 34.99 13.50 5.84
C LEU B 107 34.38 14.86 6.17
N MET B 108 33.73 14.98 7.33
CA MET B 108 33.05 16.21 7.71
C MET B 108 34.02 17.37 7.87
N PHE B 109 35.22 17.01 8.33
CA PHE B 109 36.36 17.92 8.38
C PHE B 109 37.60 17.10 8.70
N ASP B 110 38.76 17.74 8.61
CA ASP B 110 40.00 17.06 8.93
C ASP B 110 39.97 16.55 10.36
N GLY B 111 40.94 15.73 10.73
CA GLY B 111 41.04 15.31 12.10
C GLY B 111 39.99 14.30 12.49
N ASN B 112 38.80 14.38 11.89
CA ASN B 112 37.82 13.29 11.95
C ASN B 112 38.26 12.14 11.06
N PHE B 113 39.27 12.40 10.24
CA PHE B 113 39.75 11.42 9.30
C PHE B 113 40.20 10.12 9.95
N TYR B 114 40.73 10.17 11.18
CA TYR B 114 41.18 8.95 11.86
C TYR B 114 40.07 7.91 11.94
N LEU B 115 38.85 8.39 11.93
CA LEU B 115 37.66 7.55 11.96
C LEU B 115 37.45 6.79 10.65
N MET B 116 38.21 7.15 9.62
CA MET B 116 38.00 6.55 8.31
C MET B 116 38.07 5.03 8.36
N ASP B 117 39.21 4.47 8.75
CA ASP B 117 39.44 3.02 8.73
C ASP B 117 38.32 2.22 9.40
N ARG B 118 37.87 2.68 10.57
CA ARG B 118 36.76 2.02 11.27
C ARG B 118 35.46 2.11 10.47
N THR B 119 35.20 3.28 9.90
CA THR B 119 34.01 3.50 9.07
C THR B 119 34.00 2.58 7.84
N ILE B 120 35.08 2.64 7.07
CA ILE B 120 35.27 1.79 5.91
C ILE B 120 35.17 0.31 6.29
N ALA B 121 35.79 -0.06 7.39
CA ALA B 121 35.69 -1.44 7.87
C ALA B 121 34.25 -1.96 7.80
N TYR B 122 33.31 -1.21 8.34
CA TYR B 122 31.94 -1.71 8.42
C TYR B 122 31.12 -1.41 7.15
N TYR B 123 31.49 -0.33 6.45
CA TYR B 123 30.96 -0.08 5.12
C TYR B 123 31.12 -1.31 4.24
N ASN B 124 32.31 -1.90 4.30
CA ASN B 124 32.67 -3.04 3.46
C ASN B 124 31.95 -4.34 3.83
N GLU B 125 31.15 -4.31 4.90
CA GLU B 125 30.36 -5.46 5.30
C GLU B 125 29.02 -5.44 4.60
N ALA B 126 28.83 -4.42 3.77
CA ALA B 126 27.58 -4.28 3.04
C ALA B 126 27.65 -5.02 1.72
N ASP B 127 26.48 -5.38 1.21
CA ASP B 127 26.37 -5.96 -0.11
C ASP B 127 26.13 -4.89 -1.17
N VAL B 128 25.34 -3.88 -0.82
CA VAL B 128 25.09 -2.75 -1.69
C VAL B 128 25.25 -1.45 -0.95
N LEU B 129 25.85 -0.48 -1.61
CA LEU B 129 25.90 0.84 -1.03
C LEU B 129 25.17 1.88 -1.89
N ILE B 130 24.32 2.69 -1.26
CA ILE B 130 23.73 3.88 -1.89
C ILE B 130 24.34 5.17 -1.38
N ALA B 131 25.01 5.90 -2.27
CA ALA B 131 25.60 7.19 -1.93
C ALA B 131 24.84 8.33 -2.64
N PRO B 132 25.04 9.57 -2.17
CA PRO B 132 24.38 10.68 -2.87
C PRO B 132 24.91 10.88 -4.29
N SER B 133 26.23 10.95 -4.44
CA SER B 133 26.80 11.30 -5.72
C SER B 133 27.80 10.28 -6.14
N GLN B 134 27.92 10.09 -7.44
CA GLN B 134 29.00 9.25 -7.92
C GLN B 134 30.33 9.77 -7.37
N ALA B 135 30.52 11.09 -7.29
CA ALA B 135 31.75 11.66 -6.74
C ALA B 135 32.02 11.07 -5.37
N MET B 136 30.99 10.97 -4.56
CA MET B 136 31.10 10.40 -3.22
C MET B 136 31.69 8.98 -3.22
N VAL B 137 31.14 8.13 -4.09
CA VAL B 137 31.56 6.72 -4.18
C VAL B 137 33.03 6.65 -4.56
N ASP B 138 33.41 7.44 -5.55
CA ASP B 138 34.78 7.48 -5.99
C ASP B 138 35.73 7.77 -4.82
N LYS B 139 35.38 8.74 -3.97
CA LYS B 139 36.28 9.13 -2.90
C LYS B 139 36.35 8.03 -1.84
N LEU B 140 35.22 7.40 -1.57
CA LEU B 140 35.19 6.27 -0.66
C LEU B 140 36.07 5.11 -1.15
N GLN B 141 36.06 4.83 -2.45
CA GLN B 141 36.85 3.72 -2.94
C GLN B 141 38.35 4.04 -2.88
N SER B 142 38.72 5.31 -2.91
CA SER B 142 40.11 5.70 -2.73
C SER B 142 40.61 5.41 -1.31
N TYR B 143 39.69 5.07 -0.42
CA TYR B 143 40.05 4.71 0.94
C TYR B 143 39.74 3.28 1.30
N GLY B 144 39.32 2.47 0.34
CA GLY B 144 39.13 1.05 0.57
C GLY B 144 37.71 0.49 0.59
N LEU B 145 36.72 1.27 0.19
CA LEU B 145 35.37 0.72 0.06
C LEU B 145 35.39 -0.23 -1.11
N THR B 146 35.29 -1.52 -0.82
CA THR B 146 35.37 -2.56 -1.82
C THR B 146 34.00 -3.16 -2.23
N VAL B 147 32.90 -2.51 -1.84
CA VAL B 147 31.56 -3.03 -2.17
C VAL B 147 31.24 -2.82 -3.64
N LYS B 148 31.01 -3.92 -4.34
CA LYS B 148 31.03 -3.95 -5.81
C LYS B 148 29.79 -3.30 -6.41
N LYS B 149 28.69 -3.34 -5.69
CA LYS B 149 27.48 -2.73 -6.21
C LYS B 149 27.21 -1.38 -5.58
N ILE B 150 27.19 -0.36 -6.40
CA ILE B 150 26.84 0.98 -5.94
C ILE B 150 25.62 1.52 -6.69
N LEU B 151 24.86 2.36 -6.00
CA LEU B 151 23.73 3.05 -6.58
C LEU B 151 23.78 4.51 -6.17
N VAL B 152 23.39 5.39 -7.09
CA VAL B 152 23.43 6.83 -6.84
C VAL B 152 22.06 7.40 -6.54
N GLN B 153 22.01 8.24 -5.52
CA GLN B 153 20.78 8.89 -5.11
C GLN B 153 20.38 9.98 -6.10
N GLY B 154 21.28 10.95 -6.28
CA GLY B 154 21.03 12.04 -7.20
C GLY B 154 20.46 13.29 -6.55
N MET B 155 19.39 13.13 -5.78
CA MET B 155 18.60 14.26 -5.33
C MET B 155 17.58 13.90 -4.25
N TRP B 156 17.38 14.79 -3.28
CA TRP B 156 16.35 14.54 -2.28
C TRP B 156 14.97 14.78 -2.87
N ASP B 157 14.05 13.88 -2.56
CA ASP B 157 12.65 14.14 -2.83
C ASP B 157 12.12 15.10 -1.77
N HIS B 158 10.85 15.45 -1.87
CA HIS B 158 10.22 16.30 -0.87
C HIS B 158 8.72 16.06 -0.89
N PRO B 159 8.26 14.89 -0.43
CA PRO B 159 6.84 14.59 -0.56
C PRO B 159 5.97 15.62 0.13
N THR B 160 5.12 16.28 -0.65
CA THR B 160 4.25 17.29 -0.08
C THR B 160 3.06 17.55 -0.97
N ASN B 161 2.09 18.25 -0.42
CA ASN B 161 0.90 18.60 -1.17
C ASN B 161 0.67 20.10 -1.18
N ILE B 162 1.72 20.86 -0.91
CA ILE B 162 1.60 22.30 -0.86
C ILE B 162 0.95 22.81 -2.11
N THR B 163 0.12 23.80 -1.93
CA THR B 163 -0.40 24.51 -3.05
C THR B 163 0.77 25.21 -3.73
N LEU B 164 0.91 25.07 -5.05
CA LEU B 164 1.90 25.86 -5.78
C LEU B 164 1.21 27.15 -6.23
N GLN B 165 1.47 28.25 -5.52
CA GLN B 165 0.88 29.53 -5.94
C GLN B 165 1.38 29.93 -7.30
N ALA B 166 0.57 30.73 -8.00
CA ALA B 166 0.99 31.43 -9.19
C ALA B 166 2.33 32.13 -8.91
N VAL B 167 3.34 31.87 -9.73
CA VAL B 167 4.69 32.34 -9.45
C VAL B 167 5.11 33.68 -10.11
N ASN B 168 5.19 34.74 -9.33
CA ASN B 168 5.57 36.02 -9.91
C ASN B 168 7.09 36.12 -10.05
N HIS B 169 7.54 37.17 -10.74
CA HIS B 169 8.96 37.44 -10.91
C HIS B 169 9.44 38.36 -9.80
N LYS B 170 9.57 37.81 -8.59
CA LYS B 170 10.06 38.56 -7.44
C LYS B 170 11.57 38.61 -7.47
N LYS B 171 12.15 39.76 -7.77
CA LYS B 171 13.61 39.84 -7.76
C LYS B 171 14.15 39.80 -6.31
N LEU B 172 13.99 38.64 -5.68
CA LEU B 172 14.51 38.35 -4.34
C LEU B 172 15.01 36.91 -4.28
N VAL B 173 15.78 36.58 -3.25
CA VAL B 173 16.36 35.27 -3.12
C VAL B 173 15.94 34.64 -1.80
N HIS B 174 15.30 33.48 -1.84
CA HIS B 174 14.89 32.82 -0.61
C HIS B 174 16.03 31.98 -0.13
N PHE B 175 16.15 31.83 1.18
CA PHE B 175 17.20 31.01 1.75
C PHE B 175 16.91 30.55 3.17
N PRO B 176 16.30 29.35 3.30
CA PRO B 176 15.91 28.85 4.62
C PRO B 176 17.06 28.09 5.25
N GLY B 177 18.17 28.78 5.42
CA GLY B 177 19.34 28.23 6.07
C GLY B 177 19.59 28.89 7.42
N ASN B 178 20.07 28.10 8.37
CA ASN B 178 20.46 28.63 9.65
C ASN B 178 21.80 29.34 9.55
N PRO B 179 21.82 30.64 9.85
CA PRO B 179 22.96 31.54 9.70
C PRO B 179 24.27 31.04 10.30
N GLU B 180 24.23 30.46 11.49
CA GLU B 180 25.44 30.10 12.23
C GLU B 180 26.31 29.13 11.45
N ARG B 181 25.70 28.42 10.50
CA ARG B 181 26.40 27.46 9.67
C ARG B 181 26.76 28.10 8.33
N PHE B 182 25.93 29.04 7.88
CA PHE B 182 26.10 29.65 6.57
C PHE B 182 26.45 31.12 6.70
N ASN B 183 27.73 31.39 6.82
CA ASN B 183 28.16 32.72 7.20
C ASN B 183 28.22 33.69 6.05
N PHE B 184 27.98 33.20 4.84
CA PHE B 184 27.92 34.11 3.70
C PHE B 184 26.76 35.11 3.90
N ILE B 185 25.80 34.74 4.73
CA ILE B 185 24.65 35.60 5.02
C ILE B 185 25.05 36.92 5.67
N LYS B 186 25.82 36.81 6.75
CA LYS B 186 26.30 37.98 7.47
C LYS B 186 27.01 38.94 6.51
N ASN B 187 27.67 38.38 5.51
CA ASN B 187 28.36 39.17 4.51
C ASN B 187 27.48 39.76 3.41
N TRP B 188 26.16 39.73 3.57
CA TRP B 188 25.28 40.18 2.48
C TRP B 188 25.40 41.69 2.26
N ARG B 189 25.81 42.09 1.05
CA ARG B 189 26.06 43.50 0.72
C ARG B 189 25.27 43.93 -0.50
N ILE B 190 24.38 43.04 -0.96
CA ILE B 190 23.85 43.08 -2.32
C ILE B 190 22.46 43.76 -2.35
N PRO B 191 22.13 44.53 -3.43
CA PRO B 191 20.84 45.25 -3.40
C PRO B 191 19.59 44.38 -3.49
N THR B 192 19.72 43.13 -3.95
CA THR B 192 18.59 42.20 -4.04
C THR B 192 18.27 41.63 -2.66
N GLU B 193 16.99 41.60 -2.31
CA GLU B 193 16.55 41.08 -1.01
C GLU B 193 16.99 39.61 -0.77
N LEU B 194 17.16 39.25 0.50
CA LEU B 194 17.52 37.87 0.87
C LEU B 194 16.64 37.34 1.99
N HIS B 195 15.56 36.63 1.63
CA HIS B 195 14.70 36.00 2.63
C HIS B 195 15.45 34.93 3.40
N VAL B 196 15.77 35.18 4.67
CA VAL B 196 16.42 34.12 5.46
C VAL B 196 15.48 33.56 6.52
N TYR B 197 15.12 32.29 6.36
CA TYR B 197 14.15 31.62 7.23
C TYR B 197 14.85 30.86 8.33
N THR B 198 14.83 31.39 9.54
CA THR B 198 15.65 30.86 10.64
C THR B 198 14.96 30.99 11.99
N ASP B 199 15.05 29.94 12.81
CA ASP B 199 14.46 29.95 14.13
C ASP B 199 15.28 30.80 15.10
N HIS B 200 16.42 31.30 14.64
CA HIS B 200 17.31 32.01 15.54
C HIS B 200 17.03 33.51 15.60
N ASN B 201 17.10 34.06 16.82
CA ASN B 201 16.96 35.49 17.02
C ASN B 201 18.35 36.12 17.07
N MET B 202 18.76 36.67 15.94
CA MET B 202 20.02 37.38 15.84
C MET B 202 19.94 38.25 14.60
N GLN B 203 19.93 39.54 14.83
CA GLN B 203 19.67 40.51 13.78
C GLN B 203 20.65 40.36 12.62
N LEU B 204 20.21 40.82 11.46
CA LEU B 204 20.87 40.52 10.19
C LEU B 204 21.03 41.77 9.33
N PRO B 205 22.06 41.79 8.46
CA PRO B 205 22.37 42.93 7.60
C PRO B 205 21.18 43.48 6.82
N THR B 206 21.31 44.71 6.34
CA THR B 206 20.19 45.52 5.89
C THR B 206 19.22 44.83 4.95
N THR B 207 19.62 44.57 3.70
CA THR B 207 18.68 43.99 2.75
C THR B 207 18.68 42.45 2.90
N VAL B 208 18.89 42.00 4.13
CA VAL B 208 18.52 40.66 4.54
C VAL B 208 17.21 40.74 5.31
N VAL B 209 16.26 39.89 4.96
CA VAL B 209 15.01 39.86 5.67
C VAL B 209 14.88 38.52 6.41
N LYS B 210 14.76 38.59 7.72
CA LYS B 210 14.70 37.43 8.58
C LYS B 210 13.24 37.03 8.83
N GLU B 211 12.89 35.78 8.54
CA GLU B 211 11.59 35.19 8.90
C GLU B 211 11.76 34.13 9.99
N PRO B 212 10.85 34.09 10.98
CA PRO B 212 11.03 33.04 11.97
C PRO B 212 10.76 31.72 11.27
N TYR B 213 11.27 30.63 11.83
CA TYR B 213 11.04 29.30 11.28
C TYR B 213 9.54 29.13 11.08
N GLN B 214 9.18 28.41 10.02
CA GLN B 214 7.78 28.19 9.68
C GLN B 214 7.66 26.74 9.30
N SER B 215 6.47 26.19 9.44
CA SER B 215 6.25 24.80 9.05
C SER B 215 6.62 24.61 7.59
N ASP B 216 7.17 23.44 7.28
CA ASP B 216 7.68 23.16 5.95
C ASP B 216 6.65 23.46 4.84
N GLU B 217 5.41 23.02 5.06
CA GLU B 217 4.34 23.27 4.12
C GLU B 217 4.09 24.74 3.84
N GLN B 218 4.03 25.55 4.89
CA GLN B 218 3.85 26.99 4.76
C GLN B 218 4.99 27.60 3.98
N LEU B 219 6.20 27.13 4.30
CA LEU B 219 7.40 27.61 3.66
C LEU B 219 7.27 27.41 2.17
N ILE B 220 7.00 26.17 1.79
CA ILE B 220 6.90 25.80 0.39
C ILE B 220 5.81 26.63 -0.32
N MET B 221 4.66 26.79 0.32
CA MET B 221 3.63 27.66 -0.21
C MET B 221 4.14 29.08 -0.38
N LYS B 222 4.80 29.63 0.64
CA LYS B 222 5.37 30.97 0.55
C LYS B 222 6.26 31.14 -0.65
N MET B 223 7.23 30.25 -0.78
CA MET B 223 8.21 30.38 -1.83
C MET B 223 7.59 30.09 -3.20
N SER B 224 6.47 29.36 -3.23
CA SER B 224 5.81 29.05 -4.49
C SER B 224 5.36 30.31 -5.19
N GLU B 225 5.10 31.35 -4.40
CA GLU B 225 4.63 32.63 -4.92
C GLU B 225 5.60 33.24 -5.90
N GLY B 226 6.90 33.01 -5.74
CA GLY B 226 7.85 33.44 -6.75
C GLY B 226 9.18 33.82 -6.15
N GLY B 227 10.17 34.12 -6.99
CA GLY B 227 11.51 34.42 -6.52
C GLY B 227 12.51 33.32 -6.84
N TYR B 228 13.72 33.42 -6.28
CA TYR B 228 14.68 32.32 -6.46
C TYR B 228 15.07 31.66 -5.16
N GLY B 229 15.53 30.42 -5.29
CA GLY B 229 16.04 29.62 -4.18
C GLY B 229 17.54 29.45 -4.31
N LEU B 230 18.26 29.70 -3.22
CA LEU B 230 19.71 29.61 -3.25
C LEU B 230 20.27 28.38 -2.51
N VAL B 231 21.16 27.63 -3.17
CA VAL B 231 21.87 26.55 -2.49
C VAL B 231 23.34 26.89 -2.40
N TRP B 232 23.78 27.28 -1.22
CA TRP B 232 25.14 27.75 -1.08
C TRP B 232 25.84 27.11 0.12
N MET B 233 27.17 27.09 0.07
CA MET B 233 27.97 26.33 1.03
C MET B 233 28.46 27.20 2.18
N ASP B 234 29.78 27.31 2.33
CA ASP B 234 30.37 28.22 3.32
C ASP B 234 31.75 28.65 2.86
N ASP B 235 32.70 27.71 2.93
CA ASP B 235 33.97 27.75 2.19
C ASP B 235 34.93 26.63 2.63
N ARG B 236 34.89 26.29 3.91
CA ARG B 236 35.72 25.22 4.44
C ARG B 236 34.93 23.92 4.37
N ASP B 237 33.71 23.99 4.89
CA ASP B 237 32.70 22.97 4.72
C ASP B 237 32.25 22.95 3.25
N LYS B 238 33.19 22.79 2.33
CA LYS B 238 32.88 22.95 0.90
C LYS B 238 33.25 21.71 0.08
N GLN B 239 34.48 21.24 0.22
CA GLN B 239 34.91 20.03 -0.49
C GLN B 239 33.98 18.90 -0.07
N TYR B 240 33.90 18.64 1.23
CA TYR B 240 32.96 17.65 1.72
C TYR B 240 31.51 17.94 1.29
N GLN B 241 31.19 19.20 1.01
CA GLN B 241 29.81 19.48 0.65
C GLN B 241 29.61 19.37 -0.87
N SER B 242 30.68 19.05 -1.60
CA SER B 242 30.53 18.77 -3.03
C SER B 242 30.11 17.32 -3.30
N LEU B 243 29.75 16.60 -2.25
CA LEU B 243 29.52 15.18 -2.37
C LEU B 243 28.09 14.81 -1.97
N TYR B 244 27.49 15.73 -1.21
CA TYR B 244 26.18 15.61 -0.54
C TYR B 244 25.03 15.99 -1.50
N CYS B 245 23.79 15.66 -1.12
CA CYS B 245 22.61 16.19 -1.82
C CYS B 245 21.94 17.20 -0.87
N PRO B 246 21.80 18.48 -1.28
CA PRO B 246 21.22 19.47 -0.36
C PRO B 246 19.76 19.23 -0.24
N TYR B 247 19.23 19.39 0.95
CA TYR B 247 17.84 19.08 1.17
C TYR B 247 16.99 20.25 0.78
N LYS B 248 17.52 21.45 0.89
CA LYS B 248 16.70 22.64 0.66
C LYS B 248 16.54 22.82 -0.83
N LEU B 249 17.49 22.31 -1.61
CA LEU B 249 17.33 22.32 -3.06
C LEU B 249 16.02 21.69 -3.48
N GLY B 250 15.73 20.53 -2.91
CA GLY B 250 14.49 19.84 -3.21
C GLY B 250 13.30 20.59 -2.65
N ALA B 251 13.54 21.37 -1.60
CA ALA B 251 12.48 22.17 -1.01
C ALA B 251 12.03 23.22 -2.06
N TYR B 252 13.01 23.92 -2.62
CA TYR B 252 12.75 24.87 -3.70
C TYR B 252 11.95 24.28 -4.85
N ILE B 253 12.52 23.25 -5.48
CA ILE B 253 11.93 22.67 -6.68
C ILE B 253 10.52 22.19 -6.41
N ALA B 254 10.31 21.52 -5.29
CA ALA B 254 8.95 21.12 -4.93
C ALA B 254 8.08 22.35 -4.70
N ALA B 255 8.69 23.47 -4.30
CA ALA B 255 7.93 24.71 -4.13
C ALA B 255 7.47 25.23 -5.46
N GLY B 256 8.31 25.06 -6.48
CA GLY B 256 7.93 25.40 -7.83
C GLY B 256 8.73 26.56 -8.36
N ILE B 257 9.88 26.85 -7.74
CA ILE B 257 10.71 27.98 -8.17
C ILE B 257 12.09 27.52 -8.58
N PRO B 258 12.73 28.25 -9.49
CA PRO B 258 14.05 27.82 -9.96
C PRO B 258 15.11 28.03 -8.92
N VAL B 259 16.32 27.57 -9.18
CA VAL B 259 17.36 27.61 -8.17
C VAL B 259 18.63 28.19 -8.70
N ILE B 260 19.51 28.53 -7.78
CA ILE B 260 20.82 29.07 -8.06
C ILE B 260 21.81 28.33 -7.21
N ILE B 261 22.78 27.68 -7.84
CA ILE B 261 23.68 26.80 -7.10
C ILE B 261 25.12 27.06 -7.45
N GLN B 262 26.01 26.85 -6.47
CA GLN B 262 27.44 27.10 -6.67
C GLN B 262 28.08 26.01 -7.54
N LYS B 263 29.01 26.41 -8.41
CA LYS B 263 29.64 25.49 -9.35
C LYS B 263 30.17 24.25 -8.65
N GLY B 264 30.02 23.09 -9.30
CA GLY B 264 30.68 21.88 -8.86
C GLY B 264 29.97 20.94 -7.88
N ILE B 265 28.96 21.44 -7.17
CA ILE B 265 28.18 20.62 -6.24
C ILE B 265 27.73 19.31 -6.88
N ALA B 266 27.52 18.31 -6.03
CA ALA B 266 27.11 17.00 -6.48
C ALA B 266 25.89 17.04 -7.38
N ASN B 267 25.97 16.30 -8.49
CA ASN B 267 24.81 16.03 -9.34
C ASN B 267 24.24 17.27 -10.04
N GLN B 268 25.10 18.22 -10.41
CA GLN B 268 24.60 19.47 -11.00
C GLN B 268 23.98 19.20 -12.37
N ASP B 269 24.45 18.13 -13.01
CA ASP B 269 23.94 17.72 -14.31
C ASP B 269 22.42 17.58 -14.30
N ILE B 270 21.82 17.36 -13.12
CA ILE B 270 20.37 17.26 -13.08
C ILE B 270 19.75 18.63 -13.23
N ILE B 271 20.40 19.62 -12.63
CA ILE B 271 19.94 20.99 -12.76
C ILE B 271 19.97 21.41 -14.22
N GLU B 272 21.08 21.11 -14.89
CA GLU B 272 21.34 21.58 -16.23
C GLU B 272 20.45 20.92 -17.27
N LYS B 273 20.34 19.61 -17.20
CA LYS B 273 19.60 18.89 -18.22
C LYS B 273 18.07 19.06 -18.07
N ASN B 274 17.65 19.49 -16.88
CA ASN B 274 16.24 19.74 -16.62
C ASN B 274 15.83 21.20 -16.44
N ASN B 275 16.71 22.16 -16.75
CA ASN B 275 16.35 23.58 -16.70
C ASN B 275 16.18 24.11 -15.26
N LEU B 276 16.72 23.47 -14.22
CA LEU B 276 16.17 23.85 -12.92
C LEU B 276 16.60 25.25 -12.40
N GLY B 277 17.67 25.82 -12.95
CA GLY B 277 18.12 27.13 -12.54
C GLY B 277 19.46 27.50 -13.14
N PHE B 278 20.23 28.34 -12.47
CA PHE B 278 21.58 28.68 -12.94
C PHE B 278 22.69 28.04 -12.08
N ILE B 279 23.77 27.64 -12.73
CA ILE B 279 24.98 27.20 -12.05
C ILE B 279 26.04 28.26 -12.23
N ILE B 280 26.50 28.89 -11.15
CA ILE B 280 27.41 30.03 -11.28
C ILE B 280 28.63 30.03 -10.36
N GLU B 281 29.64 30.79 -10.74
CA GLU B 281 30.92 30.80 -10.03
C GLU B 281 30.82 31.38 -8.63
N LYS B 282 30.57 32.67 -8.53
CA LYS B 282 30.59 33.32 -7.24
C LYS B 282 29.22 33.82 -6.82
N ILE B 283 29.20 34.61 -5.77
CA ILE B 283 27.98 35.20 -5.27
C ILE B 283 27.45 36.27 -6.23
N ASP B 284 28.36 37.08 -6.77
CA ASP B 284 27.96 38.18 -7.63
C ASP B 284 27.31 37.70 -8.92
N ASP B 285 27.90 36.67 -9.55
CA ASP B 285 27.39 36.06 -10.78
C ASP B 285 25.88 35.89 -10.66
N ILE B 286 25.44 35.50 -9.47
CA ILE B 286 24.02 35.40 -9.14
C ILE B 286 23.22 36.68 -9.26
N SER B 287 23.58 37.68 -8.44
CA SER B 287 22.87 38.94 -8.41
C SER B 287 22.76 39.53 -9.81
N ASN B 288 23.86 39.47 -10.56
CA ASN B 288 23.86 39.78 -12.00
C ASN B 288 22.75 39.05 -12.75
N ILE B 289 22.78 37.73 -12.66
CA ILE B 289 21.88 36.91 -13.42
C ILE B 289 20.46 37.19 -12.92
N VAL B 290 20.32 37.47 -11.63
CA VAL B 290 19.00 37.75 -11.07
C VAL B 290 18.50 39.10 -11.57
N GLU B 291 19.37 40.10 -11.54
CA GLU B 291 19.01 41.42 -12.01
C GLU B 291 18.70 41.37 -13.49
N SER B 292 19.66 40.88 -14.26
CA SER B 292 19.61 40.95 -15.71
C SER B 292 18.82 39.85 -16.39
N THR B 293 17.71 39.43 -15.80
CA THR B 293 16.89 38.38 -16.41
C THR B 293 15.45 38.82 -16.74
N THR B 294 14.97 38.42 -17.92
CA THR B 294 13.65 38.84 -18.42
C THR B 294 12.51 38.01 -17.83
N GLU B 295 11.28 38.45 -18.05
CA GLU B 295 10.09 37.80 -17.50
C GLU B 295 9.77 36.49 -18.20
N GLU B 296 9.99 36.46 -19.51
CA GLU B 296 9.61 35.27 -20.24
C GLU B 296 10.62 34.17 -19.97
N GLU B 297 11.88 34.56 -19.84
CA GLU B 297 12.92 33.64 -19.39
C GLU B 297 12.51 32.95 -18.09
N TYR B 298 11.83 33.69 -17.22
CA TYR B 298 11.45 33.18 -15.90
C TYR B 298 10.26 32.28 -15.99
N MET B 299 9.34 32.61 -16.88
CA MET B 299 8.21 31.75 -17.14
C MET B 299 8.75 30.39 -17.54
N GLU B 300 9.71 30.42 -18.47
CA GLU B 300 10.37 29.21 -18.94
C GLU B 300 10.81 28.42 -17.74
N ILE B 301 11.84 28.93 -17.11
CA ILE B 301 12.48 28.33 -15.94
C ILE B 301 11.47 27.77 -14.91
N VAL B 302 10.38 28.49 -14.66
CA VAL B 302 9.39 27.97 -13.72
C VAL B 302 8.67 26.77 -14.30
N SER B 303 8.16 26.96 -15.51
CA SER B 303 7.35 25.93 -16.15
C SER B 303 8.08 24.58 -16.23
N ASP B 304 9.40 24.60 -16.31
CA ASP B 304 10.11 23.33 -16.32
C ASP B 304 10.45 22.84 -14.93
N VAL B 305 10.61 23.77 -14.00
CA VAL B 305 10.71 23.35 -12.61
C VAL B 305 9.40 22.64 -12.24
N ARG B 306 8.27 23.16 -12.71
CA ARG B 306 6.99 22.55 -12.37
C ARG B 306 6.70 21.32 -13.24
N ARG B 307 7.35 21.25 -14.40
CA ARG B 307 7.47 20.04 -15.23
C ARG B 307 7.99 18.87 -14.43
N PHE B 308 9.01 19.22 -13.63
CA PHE B 308 9.93 18.28 -13.05
C PHE B 308 9.57 17.84 -11.64
N ASN B 309 9.10 18.77 -10.82
CA ASN B 309 8.94 18.47 -9.40
C ASN B 309 7.82 17.49 -9.02
N PRO B 310 7.07 16.94 -10.00
CA PRO B 310 6.28 15.82 -9.48
C PRO B 310 7.14 14.64 -9.04
N LEU B 311 8.28 14.41 -9.69
CA LEU B 311 9.29 13.45 -9.18
C LEU B 311 9.55 13.61 -7.69
N VAL B 312 9.81 14.84 -7.26
CA VAL B 312 10.21 15.06 -5.89
C VAL B 312 8.98 15.05 -4.98
N ARG B 313 7.88 15.64 -5.44
CA ARG B 313 6.66 15.69 -4.64
C ARG B 313 6.06 14.32 -4.39
N GLN B 314 6.37 13.37 -5.26
CA GLN B 314 5.78 12.06 -5.10
C GLN B 314 6.81 11.04 -4.66
N GLY B 315 8.06 11.48 -4.51
CA GLY B 315 9.11 10.68 -3.89
C GLY B 315 9.81 9.62 -4.73
N TYR B 316 10.08 9.95 -5.99
CA TYR B 316 10.56 8.98 -6.93
C TYR B 316 12.08 8.78 -6.94
N PHE B 317 12.83 9.82 -6.62
CA PHE B 317 14.27 9.64 -6.48
C PHE B 317 14.55 8.56 -5.41
N THR B 318 13.71 8.57 -4.38
CA THR B 318 13.78 7.63 -3.28
C THR B 318 13.23 6.26 -3.63
N ARG B 319 12.06 6.25 -4.27
CA ARG B 319 11.46 5.04 -4.81
C ARG B 319 12.45 4.27 -5.69
N LYS B 320 13.15 5.02 -6.53
CA LYS B 320 14.20 4.47 -7.38
C LYS B 320 15.16 3.64 -6.56
N LEU B 321 15.74 4.32 -5.57
CA LEU B 321 16.86 3.80 -4.86
C LEU B 321 16.40 2.75 -3.90
N LEU B 322 15.15 2.80 -3.48
CA LEU B 322 14.70 1.80 -2.51
C LEU B 322 14.40 0.48 -3.23
N THR B 323 14.13 0.60 -4.52
CA THR B 323 13.76 -0.54 -5.32
C THR B 323 15.02 -1.13 -5.94
N ASP B 324 15.87 -0.28 -6.51
CA ASP B 324 17.04 -0.83 -7.21
C ASP B 324 18.08 -1.35 -6.24
N ALA B 325 18.29 -0.63 -5.12
CA ALA B 325 19.21 -1.03 -4.05
C ALA B 325 18.92 -2.47 -3.65
N VAL B 326 17.68 -2.72 -3.27
CA VAL B 326 17.25 -4.05 -2.86
C VAL B 326 17.39 -5.08 -3.98
N PHE B 327 17.00 -4.71 -5.20
CA PHE B 327 17.15 -5.61 -6.34
C PHE B 327 18.60 -6.03 -6.51
N SER B 328 19.50 -5.03 -6.50
CA SER B 328 20.92 -5.27 -6.66
C SER B 328 21.54 -6.07 -5.52
N ALA B 329 20.82 -6.16 -4.41
CA ALA B 329 21.36 -6.85 -3.25
C ALA B 329 21.20 -8.35 -3.37
N LEU B 330 20.28 -8.78 -4.22
CA LEU B 330 20.07 -10.21 -4.44
C LEU B 330 20.70 -10.66 -5.75
N ASN B 331 20.92 -9.69 -6.62
CA ASN B 331 21.20 -9.94 -8.02
C ASN B 331 22.66 -9.73 -8.45
N SER B 332 23.47 -10.78 -8.37
CA SER B 332 24.88 -10.72 -8.80
C SER B 332 24.96 -10.41 -10.28
N ALA C 1 -2.83 20.26 -9.27
CA ALA C 1 -2.00 19.51 -10.22
C ALA C 1 -1.26 18.34 -9.55
N CYS C 2 -1.91 17.19 -9.45
CA CYS C 2 -1.33 16.05 -8.76
C CYS C 2 -1.19 14.81 -9.62
N MET C 3 0.05 14.45 -9.90
CA MET C 3 0.34 13.30 -10.75
C MET C 3 -0.10 11.97 -10.15
N ARG C 4 -0.94 11.26 -10.90
CA ARG C 4 -1.30 9.88 -10.58
C ARG C 4 -0.73 9.00 -11.71
N THR C 5 -0.38 7.75 -11.42
CA THR C 5 0.16 6.86 -12.45
C THR C 5 -0.85 5.79 -12.81
N TYR C 6 -1.06 5.60 -14.11
CA TYR C 6 -1.99 4.59 -14.59
C TYR C 6 -1.30 3.50 -15.41
N ILE C 7 -1.84 2.29 -15.31
CA ILE C 7 -1.37 1.18 -16.16
C ILE C 7 -2.55 0.46 -16.81
N THR C 8 -2.39 0.12 -18.09
CA THR C 8 -3.40 -0.66 -18.81
C THR C 8 -3.32 -2.16 -18.50
N ASN C 9 -4.45 -2.84 -18.59
CA ASN C 9 -4.52 -4.23 -18.14
C ASN C 9 -5.65 -5.03 -18.80
N LEU C 10 -5.32 -5.77 -19.85
CA LEU C 10 -6.40 -6.41 -20.62
C LEU C 10 -7.12 -7.49 -19.80
N ASN C 11 -8.31 -7.85 -20.25
CA ASN C 11 -9.21 -8.69 -19.47
C ASN C 11 -10.04 -9.54 -20.40
N GLY C 12 -10.79 -10.48 -19.85
CA GLY C 12 -11.75 -11.24 -20.62
C GLY C 12 -11.18 -12.39 -21.40
N HIS C 13 -9.85 -12.46 -21.52
CA HIS C 13 -9.25 -13.56 -22.26
C HIS C 13 -9.35 -14.86 -21.46
N SER C 14 -8.88 -15.94 -22.05
CA SER C 14 -8.97 -17.25 -21.43
C SER C 14 -8.01 -17.38 -20.26
N ILE C 15 -8.50 -17.95 -19.15
CA ILE C 15 -7.67 -18.19 -17.96
C ILE C 15 -6.37 -18.93 -18.25
N THR C 16 -6.26 -19.49 -19.47
CA THR C 16 -5.06 -20.15 -19.95
C THR C 16 -4.12 -19.16 -20.65
N SER C 17 -4.61 -17.95 -20.93
CA SER C 17 -3.77 -17.00 -21.64
C SER C 17 -2.64 -16.40 -20.80
N THR C 18 -1.41 -16.66 -21.24
CA THR C 18 -0.22 -16.19 -20.55
C THR C 18 -0.13 -14.68 -20.70
N ALA C 19 -0.63 -14.19 -21.83
CA ALA C 19 -0.59 -12.78 -22.09
C ALA C 19 -1.36 -12.04 -21.01
N GLN C 20 -2.59 -12.49 -20.76
CA GLN C 20 -3.42 -11.87 -19.76
C GLN C 20 -2.79 -12.05 -18.38
N ILE C 21 -2.27 -13.25 -18.13
CA ILE C 21 -1.66 -13.53 -16.84
C ILE C 21 -0.44 -12.62 -16.63
N ALA C 22 0.44 -12.50 -17.63
CA ALA C 22 1.61 -11.64 -17.47
C ALA C 22 1.22 -10.16 -17.44
N GLN C 23 0.00 -9.83 -17.80
CA GLN C 23 -0.47 -8.45 -17.64
C GLN C 23 -1.17 -8.20 -16.30
N ASN C 24 -2.05 -9.11 -15.89
CA ASN C 24 -2.75 -8.98 -14.60
C ASN C 24 -1.74 -8.94 -13.45
N MET C 25 -0.72 -9.74 -13.65
CA MET C 25 0.34 -9.93 -12.69
C MET C 25 1.23 -8.70 -12.51
N VAL C 26 1.62 -8.08 -13.61
CA VAL C 26 2.35 -6.81 -13.55
C VAL C 26 1.46 -5.76 -12.91
N THR C 27 0.21 -5.73 -13.37
CA THR C 27 -0.74 -4.74 -12.91
C THR C 27 -0.85 -4.86 -11.42
N ASP C 28 -0.89 -6.10 -10.96
CA ASP C 28 -0.97 -6.39 -9.54
C ASP C 28 0.18 -5.79 -8.73
N ILE C 29 1.39 -5.87 -9.26
CA ILE C 29 2.48 -5.15 -8.63
C ILE C 29 2.20 -3.65 -8.63
N ALA C 30 1.87 -3.10 -9.81
CA ALA C 30 1.61 -1.65 -9.96
C ALA C 30 0.58 -1.15 -8.95
N VAL C 31 -0.52 -1.87 -8.79
CA VAL C 31 -1.50 -1.52 -7.78
C VAL C 31 -0.84 -1.36 -6.41
N SER C 32 -0.07 -2.36 -5.98
CA SER C 32 0.53 -2.32 -4.65
C SER C 32 1.53 -1.16 -4.54
N LEU C 33 2.04 -0.71 -5.68
CA LEU C 33 2.86 0.50 -5.70
C LEU C 33 2.02 1.77 -5.69
N GLY C 34 0.70 1.62 -5.55
CA GLY C 34 -0.20 2.75 -5.59
C GLY C 34 -0.63 3.19 -7.00
N PHE C 35 -0.18 2.51 -8.05
CA PHE C 35 -0.58 2.87 -9.42
C PHE C 35 -2.06 2.46 -9.63
N ARG C 36 -2.69 2.92 -10.72
CA ARG C 36 -4.13 2.64 -10.95
C ARG C 36 -4.41 1.88 -12.25
N GLU C 37 -5.33 0.92 -12.18
CA GLU C 37 -5.69 0.13 -13.36
C GLU C 37 -6.51 0.91 -14.40
N LEU C 38 -6.07 0.86 -15.65
CA LEU C 38 -6.95 1.18 -16.80
C LEU C 38 -7.41 -0.14 -17.41
N GLY C 39 -8.53 -0.65 -16.90
CA GLY C 39 -9.06 -1.91 -17.37
C GLY C 39 -9.30 -1.91 -18.86
N ILE C 40 -9.05 -3.04 -19.50
CA ILE C 40 -9.31 -3.16 -20.94
C ILE C 40 -9.93 -4.52 -21.19
N HIS C 41 -10.98 -4.58 -22.00
CA HIS C 41 -11.58 -5.87 -22.31
C HIS C 41 -11.20 -6.33 -23.71
N SER C 42 -10.87 -7.61 -23.83
CA SER C 42 -10.49 -8.23 -25.10
C SER C 42 -11.75 -8.75 -25.80
N TYR C 43 -11.96 -8.28 -27.03
CA TYR C 43 -13.18 -8.53 -27.76
C TYR C 43 -12.89 -8.27 -29.26
N PRO C 44 -13.72 -8.82 -30.17
CA PRO C 44 -13.45 -8.54 -31.60
C PRO C 44 -13.92 -7.13 -31.98
N ILE C 45 -13.02 -6.34 -32.57
CA ILE C 45 -13.12 -4.88 -32.55
C ILE C 45 -14.28 -4.23 -33.35
N ASP C 46 -14.61 -4.77 -34.51
CA ASP C 46 -15.53 -4.09 -35.43
C ASP C 46 -16.98 -4.55 -35.32
N THR C 47 -17.36 -4.96 -34.11
CA THR C 47 -18.74 -4.88 -33.63
C THR C 47 -18.99 -3.44 -33.17
N ASP C 48 -18.13 -2.52 -33.62
CA ASP C 48 -18.08 -1.13 -33.17
C ASP C 48 -17.94 -0.14 -34.32
N SER C 49 -18.82 0.87 -34.37
CA SER C 49 -18.61 2.00 -35.25
C SER C 49 -17.47 2.85 -34.68
N PRO C 50 -16.58 3.37 -35.55
CA PRO C 50 -15.43 4.20 -35.17
C PRO C 50 -15.77 5.31 -34.19
N GLU C 51 -17.06 5.62 -34.09
CA GLU C 51 -17.50 6.59 -33.13
C GLU C 51 -17.97 5.91 -31.84
N GLU C 52 -18.65 4.77 -31.91
CA GLU C 52 -18.96 4.03 -30.69
C GLU C 52 -17.69 3.69 -29.91
N MET C 53 -16.76 3.03 -30.61
CA MET C 53 -15.53 2.57 -30.01
C MET C 53 -14.74 3.69 -29.36
N SER C 54 -14.79 4.86 -29.99
CA SER C 54 -14.07 6.01 -29.51
C SER C 54 -14.62 6.39 -28.13
N LYS C 55 -15.92 6.16 -27.94
CA LYS C 55 -16.59 6.50 -26.69
C LYS C 55 -16.38 5.45 -25.60
N ARG C 56 -16.00 4.24 -26.00
CA ARG C 56 -15.62 3.24 -25.03
C ARG C 56 -14.16 3.49 -24.63
N LEU C 57 -13.41 4.09 -25.55
CA LEU C 57 -12.05 4.48 -25.24
C LEU C 57 -12.14 5.59 -24.21
N ASP C 58 -13.07 6.51 -24.44
CA ASP C 58 -13.37 7.58 -23.50
C ASP C 58 -13.82 7.09 -22.14
N GLY C 59 -14.28 5.85 -22.08
CA GLY C 59 -14.73 5.28 -20.84
C GLY C 59 -13.59 4.57 -20.11
N ILE C 60 -12.70 3.97 -20.90
CA ILE C 60 -11.53 3.34 -20.32
C ILE C 60 -10.66 4.43 -19.67
N CYS C 61 -10.73 5.63 -20.21
CA CYS C 61 -9.76 6.68 -19.90
C CYS C 61 -10.30 7.84 -19.10
N SER C 62 -11.57 7.78 -18.73
CA SER C 62 -12.21 8.94 -18.13
C SER C 62 -11.44 9.47 -16.91
N GLY C 63 -10.88 8.57 -16.12
CA GLY C 63 -10.13 8.95 -14.92
C GLY C 63 -8.87 9.75 -15.13
N LEU C 64 -8.40 9.87 -16.37
CA LEU C 64 -7.14 10.56 -16.61
C LEU C 64 -7.27 12.07 -16.43
N ARG C 65 -6.19 12.70 -15.98
CA ARG C 65 -6.09 14.13 -15.95
C ARG C 65 -4.78 14.51 -16.58
N LYS C 66 -4.66 15.75 -17.01
CA LYS C 66 -3.37 16.18 -17.56
C LYS C 66 -2.31 16.09 -16.48
N ASN C 67 -1.09 15.75 -16.91
CA ASN C 67 0.08 15.57 -16.07
C ASN C 67 0.02 14.35 -15.15
N ASP C 68 -0.80 13.38 -15.54
CA ASP C 68 -0.66 12.02 -15.03
C ASP C 68 0.41 11.29 -15.82
N ILE C 69 0.63 10.02 -15.48
CA ILE C 69 1.45 9.12 -16.29
C ILE C 69 0.70 7.83 -16.57
N VAL C 70 0.71 7.42 -17.83
CA VAL C 70 0.08 6.17 -18.23
C VAL C 70 1.11 5.19 -18.78
N ILE C 71 1.06 3.99 -18.23
CA ILE C 71 1.84 2.87 -18.73
C ILE C 71 0.99 1.96 -19.62
N PHE C 72 1.34 1.92 -20.89
CA PHE C 72 0.59 1.12 -21.83
C PHE C 72 1.25 -0.24 -21.94
N GLN C 73 0.57 -1.25 -21.43
CA GLN C 73 1.04 -2.61 -21.66
C GLN C 73 0.59 -3.07 -23.05
N THR C 74 1.55 -3.16 -23.97
CA THR C 74 1.27 -3.50 -25.36
C THR C 74 1.80 -4.89 -25.76
N PRO C 75 0.97 -5.68 -26.46
CA PRO C 75 -0.31 -5.32 -27.06
C PRO C 75 -1.54 -5.57 -26.19
N THR C 76 -2.70 -5.12 -26.68
CA THR C 76 -3.97 -5.36 -26.01
C THR C 76 -4.60 -6.64 -26.52
N TRP C 77 -4.07 -7.14 -27.63
CA TRP C 77 -4.64 -8.29 -28.34
C TRP C 77 -6.06 -7.98 -28.86
N ASN C 78 -6.33 -6.71 -29.03
CA ASN C 78 -7.55 -6.23 -29.66
C ASN C 78 -7.25 -5.72 -31.07
N THR C 79 -6.19 -6.26 -31.67
CA THR C 79 -5.65 -5.86 -32.97
C THR C 79 -4.94 -4.51 -32.90
N THR C 80 -4.20 -4.18 -33.94
CA THR C 80 -3.31 -3.03 -33.94
C THR C 80 -4.03 -1.67 -34.05
N THR C 81 -5.24 -1.65 -34.60
CA THR C 81 -5.98 -0.40 -34.68
C THR C 81 -6.35 0.08 -33.29
N PHE C 82 -6.66 -0.87 -32.41
CA PHE C 82 -6.96 -0.52 -31.01
C PHE C 82 -5.73 0.06 -30.32
N ASP C 83 -4.59 -0.58 -30.48
CA ASP C 83 -3.35 -0.03 -29.93
C ASP C 83 -3.17 1.38 -30.46
N GLU C 84 -3.34 1.54 -31.77
CA GLU C 84 -3.17 2.83 -32.43
C GLU C 84 -4.14 3.90 -31.89
N LYS C 85 -5.39 3.52 -31.72
CA LYS C 85 -6.41 4.50 -31.41
C LYS C 85 -6.44 4.78 -29.92
N LEU C 86 -6.16 3.74 -29.13
CA LEU C 86 -5.97 3.89 -27.69
C LEU C 86 -4.87 4.90 -27.45
N PHE C 87 -3.77 4.67 -28.12
CA PHE C 87 -2.63 5.55 -28.00
C PHE C 87 -2.92 6.97 -28.43
N HIS C 88 -3.80 7.10 -29.40
CA HIS C 88 -4.18 8.40 -29.91
C HIS C 88 -4.95 9.18 -28.88
N LYS C 89 -5.75 8.46 -28.10
CA LYS C 89 -6.49 9.04 -27.01
C LYS C 89 -5.57 9.55 -25.91
N LEU C 90 -4.50 8.80 -25.66
CA LEU C 90 -3.57 9.17 -24.62
C LEU C 90 -2.84 10.44 -24.99
N LYS C 91 -2.73 10.72 -26.28
CA LYS C 91 -1.89 11.83 -26.71
C LYS C 91 -2.63 13.15 -26.75
N ILE C 92 -3.95 13.12 -26.62
CA ILE C 92 -4.69 14.36 -26.53
C ILE C 92 -4.74 14.81 -25.08
N PHE C 93 -4.19 13.97 -24.19
CA PHE C 93 -4.02 14.36 -22.80
C PHE C 93 -2.60 14.92 -22.60
N GLY C 94 -2.44 15.88 -21.70
CA GLY C 94 -1.12 16.41 -21.41
C GLY C 94 -0.38 15.49 -20.45
N VAL C 95 0.02 14.31 -20.93
CA VAL C 95 0.61 13.28 -20.08
C VAL C 95 1.92 12.73 -20.62
N LYS C 96 2.59 11.92 -19.82
CA LYS C 96 3.70 11.11 -20.32
C LYS C 96 3.24 9.66 -20.43
N ILE C 97 3.65 9.02 -21.53
CA ILE C 97 3.24 7.65 -21.80
C ILE C 97 4.40 6.72 -21.70
N VAL C 98 4.27 5.74 -20.83
CA VAL C 98 5.25 4.67 -20.80
C VAL C 98 4.70 3.55 -21.62
N ILE C 99 5.47 3.11 -22.60
CA ILE C 99 5.02 1.97 -23.36
C ILE C 99 5.82 0.73 -22.94
N PHE C 100 5.09 -0.21 -22.35
CA PHE C 100 5.65 -1.47 -21.86
C PHE C 100 5.34 -2.60 -22.86
N ILE C 101 6.36 -3.03 -23.58
CA ILE C 101 6.20 -4.08 -24.59
C ILE C 101 6.28 -5.48 -24.02
N HIS C 102 5.14 -6.16 -23.98
CA HIS C 102 5.06 -7.57 -23.58
C HIS C 102 5.33 -8.50 -24.78
N ASP C 103 4.90 -8.07 -25.95
CA ASP C 103 5.20 -8.74 -27.20
C ASP C 103 5.29 -7.71 -28.34
N VAL C 104 6.00 -8.06 -29.40
CA VAL C 104 5.95 -7.27 -30.63
C VAL C 104 5.30 -8.09 -31.73
N VAL C 105 3.99 -7.96 -31.85
CA VAL C 105 3.20 -8.83 -32.72
C VAL C 105 3.76 -8.95 -34.15
N PRO C 106 4.27 -7.85 -34.75
CA PRO C 106 4.91 -8.02 -36.06
C PRO C 106 6.13 -8.95 -36.10
N LEU C 107 7.12 -8.79 -35.23
CA LEU C 107 8.27 -9.72 -35.23
C LEU C 107 7.93 -11.09 -34.68
N MET C 108 6.70 -11.27 -34.19
CA MET C 108 6.33 -12.55 -33.61
C MET C 108 6.36 -13.64 -34.66
N PHE C 109 5.24 -13.84 -35.36
CA PHE C 109 5.26 -14.85 -36.39
C PHE C 109 5.14 -14.18 -37.74
N ASP C 110 5.77 -14.78 -38.74
CA ASP C 110 5.75 -14.24 -40.08
C ASP C 110 4.31 -14.04 -40.54
N GLY C 111 4.12 -13.15 -41.51
CA GLY C 111 2.78 -12.84 -41.96
C GLY C 111 2.18 -11.72 -41.14
N ASN C 112 2.63 -11.59 -39.90
CA ASN C 112 2.24 -10.48 -39.05
C ASN C 112 3.13 -9.27 -39.30
N PHE C 113 4.12 -9.46 -40.15
CA PHE C 113 5.12 -8.43 -40.45
C PHE C 113 4.52 -7.12 -40.97
N TYR C 114 3.50 -7.23 -41.82
CA TYR C 114 2.96 -6.08 -42.53
C TYR C 114 2.52 -4.96 -41.60
N LEU C 115 2.24 -5.32 -40.36
CA LEU C 115 1.82 -4.34 -39.38
C LEU C 115 3.00 -3.69 -38.69
N MET C 116 4.19 -3.84 -39.25
CA MET C 116 5.38 -3.32 -38.58
C MET C 116 5.43 -1.79 -38.56
N ASP C 117 5.30 -1.18 -39.73
CA ASP C 117 5.45 0.27 -39.86
C ASP C 117 4.40 1.03 -39.07
N ARG C 118 3.19 0.50 -39.02
CA ARG C 118 2.14 1.10 -38.22
C ARG C 118 2.43 0.96 -36.74
N THR C 119 3.04 -0.17 -36.35
CA THR C 119 3.36 -0.42 -34.95
C THR C 119 4.42 0.56 -34.47
N ILE C 120 5.43 0.79 -35.30
CA ILE C 120 6.51 1.71 -34.95
C ILE C 120 5.99 3.13 -34.88
N ALA C 121 4.99 3.42 -35.70
CA ALA C 121 4.39 4.74 -35.72
C ALA C 121 3.87 5.11 -34.34
N TYR C 122 3.15 4.18 -33.71
CA TYR C 122 2.52 4.49 -32.45
C TYR C 122 3.44 4.18 -31.27
N TYR C 123 4.45 3.34 -31.51
CA TYR C 123 5.54 3.17 -30.56
C TYR C 123 6.25 4.50 -30.36
N ASN C 124 6.54 5.16 -31.48
CA ASN C 124 7.27 6.41 -31.47
C ASN C 124 6.49 7.57 -30.87
N GLU C 125 5.31 7.29 -30.33
CA GLU C 125 4.49 8.35 -29.80
C GLU C 125 4.51 8.33 -28.27
N ALA C 126 5.23 7.37 -27.69
CA ALA C 126 5.43 7.37 -26.24
C ALA C 126 6.74 8.05 -25.85
N ASP C 127 6.90 8.28 -24.56
CA ASP C 127 8.03 9.05 -24.07
C ASP C 127 9.16 8.14 -23.63
N VAL C 128 8.77 7.01 -23.02
CA VAL C 128 9.72 6.01 -22.61
C VAL C 128 9.24 4.65 -23.07
N LEU C 129 10.17 3.83 -23.51
CA LEU C 129 9.83 2.49 -23.94
C LEU C 129 10.53 1.40 -23.11
N ILE C 130 9.74 0.42 -22.72
CA ILE C 130 10.25 -0.72 -21.97
C ILE C 130 10.15 -1.99 -22.77
N ALA C 131 11.32 -2.54 -23.06
CA ALA C 131 11.46 -3.71 -23.91
C ALA C 131 12.11 -4.83 -23.12
N PRO C 132 11.92 -6.09 -23.55
CA PRO C 132 12.47 -7.24 -22.82
C PRO C 132 13.99 -7.23 -22.75
N SER C 133 14.66 -6.83 -23.83
CA SER C 133 16.12 -6.91 -23.90
C SER C 133 16.72 -5.74 -24.71
N GLN C 134 17.96 -5.37 -24.40
CA GLN C 134 18.66 -4.38 -25.20
C GLN C 134 18.66 -4.75 -26.67
N ALA C 135 18.78 -6.04 -26.95
CA ALA C 135 18.83 -6.53 -28.33
C ALA C 135 17.52 -6.22 -29.05
N MET C 136 16.42 -6.27 -28.31
CA MET C 136 15.12 -5.90 -28.84
C MET C 136 15.01 -4.40 -29.10
N VAL C 137 15.56 -3.58 -28.20
CA VAL C 137 15.52 -2.15 -28.40
C VAL C 137 16.32 -1.89 -29.65
N ASP C 138 17.48 -2.54 -29.77
CA ASP C 138 18.32 -2.39 -30.96
C ASP C 138 17.58 -2.69 -32.28
N LYS C 139 16.78 -3.74 -32.30
CA LYS C 139 16.09 -4.13 -33.53
C LYS C 139 14.95 -3.16 -33.82
N LEU C 140 14.24 -2.75 -32.77
CA LEU C 140 13.21 -1.75 -32.92
C LEU C 140 13.78 -0.46 -33.49
N GLN C 141 15.01 -0.13 -33.07
CA GLN C 141 15.68 1.05 -33.61
C GLN C 141 15.94 0.86 -35.09
N SER C 142 16.40 -0.32 -35.49
CA SER C 142 16.69 -0.56 -36.90
C SER C 142 15.43 -0.49 -37.75
N TYR C 143 14.27 -0.61 -37.13
CA TYR C 143 13.03 -0.53 -37.87
C TYR C 143 12.30 0.78 -37.61
N GLY C 144 12.99 1.68 -36.94
CA GLY C 144 12.56 3.07 -36.85
C GLY C 144 12.02 3.54 -35.52
N LEU C 145 12.38 2.88 -34.42
CA LEU C 145 11.98 3.33 -33.08
C LEU C 145 12.78 4.56 -32.66
N THR C 146 12.12 5.70 -32.62
CA THR C 146 12.82 6.96 -32.53
C THR C 146 12.73 7.52 -31.09
N VAL C 147 12.30 6.66 -30.16
CA VAL C 147 12.10 7.08 -28.77
C VAL C 147 13.39 7.04 -27.96
N LYS C 148 13.84 8.21 -27.51
CA LYS C 148 15.15 8.38 -26.85
C LYS C 148 15.31 7.55 -25.58
N LYS C 149 14.31 7.58 -24.71
CA LYS C 149 14.46 6.92 -23.42
C LYS C 149 13.98 5.47 -23.43
N ILE C 150 14.96 4.56 -23.27
CA ILE C 150 14.70 3.13 -23.22
C ILE C 150 15.07 2.58 -21.86
N LEU C 151 14.38 1.53 -21.48
CA LEU C 151 14.63 0.84 -20.23
C LEU C 151 14.37 -0.67 -20.39
N VAL C 152 15.34 -1.49 -19.98
CA VAL C 152 15.25 -2.94 -20.21
C VAL C 152 14.51 -3.68 -19.11
N GLN C 153 13.57 -4.55 -19.47
CA GLN C 153 12.85 -5.37 -18.48
C GLN C 153 13.78 -6.34 -17.79
N GLY C 154 14.46 -7.16 -18.59
CA GLY C 154 15.41 -8.11 -18.07
C GLY C 154 14.87 -9.52 -17.87
N MET C 155 13.76 -9.65 -17.15
CA MET C 155 13.19 -10.95 -16.87
C MET C 155 11.79 -10.75 -16.31
N TRP C 156 10.88 -11.66 -16.62
CA TRP C 156 9.60 -11.72 -15.94
C TRP C 156 9.75 -12.21 -14.50
N ASP C 157 9.14 -11.50 -13.56
CA ASP C 157 9.01 -11.98 -12.20
C ASP C 157 8.00 -13.10 -12.18
N HIS C 158 7.90 -13.80 -11.07
CA HIS C 158 6.79 -14.71 -10.88
C HIS C 158 6.30 -14.71 -9.43
N PRO C 159 5.69 -13.58 -9.00
CA PRO C 159 5.21 -13.45 -7.62
C PRO C 159 4.42 -14.65 -7.16
N THR C 160 4.82 -15.21 -6.02
CA THR C 160 4.08 -16.32 -5.44
C THR C 160 4.47 -16.58 -4.00
N ASN C 161 3.56 -17.22 -3.28
CA ASN C 161 3.79 -17.61 -1.89
C ASN C 161 3.78 -19.11 -1.77
N ILE C 162 3.98 -19.80 -2.88
CA ILE C 162 3.95 -21.26 -2.88
C ILE C 162 5.11 -21.87 -2.16
N THR C 163 4.89 -23.12 -1.81
CA THR C 163 5.88 -23.89 -1.14
C THR C 163 7.00 -24.29 -2.10
N LEU C 164 8.25 -24.00 -1.76
CA LEU C 164 9.36 -24.69 -2.39
C LEU C 164 9.59 -25.91 -1.50
N GLN C 165 9.44 -27.10 -2.05
CA GLN C 165 9.76 -28.29 -1.27
C GLN C 165 11.20 -28.66 -1.54
N ALA C 166 11.76 -29.54 -0.70
CA ALA C 166 13.14 -29.97 -0.89
C ALA C 166 13.31 -30.51 -2.31
N VAL C 167 14.33 -30.07 -3.04
CA VAL C 167 14.31 -30.34 -4.47
C VAL C 167 15.05 -31.64 -4.92
N ASN C 168 16.35 -31.78 -4.71
CA ASN C 168 17.21 -32.31 -5.78
C ASN C 168 16.78 -33.46 -6.75
N HIS C 169 17.68 -34.42 -6.95
CA HIS C 169 18.01 -34.84 -8.30
C HIS C 169 17.10 -35.78 -9.11
N LYS C 170 15.89 -35.33 -9.45
CA LYS C 170 15.13 -36.09 -10.44
C LYS C 170 15.74 -35.87 -11.83
N LYS C 171 16.27 -36.91 -12.46
CA LYS C 171 16.91 -36.74 -13.77
C LYS C 171 15.85 -36.65 -14.87
N LEU C 172 15.01 -35.62 -14.79
CA LEU C 172 13.92 -35.38 -15.75
C LEU C 172 13.76 -33.90 -16.07
N VAL C 173 13.26 -33.61 -17.27
CA VAL C 173 13.19 -32.23 -17.73
C VAL C 173 11.74 -31.76 -17.78
N HIS C 174 11.47 -30.57 -17.25
CA HIS C 174 10.10 -30.06 -17.16
C HIS C 174 9.73 -29.12 -18.29
N PHE C 175 8.50 -29.25 -18.82
CA PHE C 175 8.04 -28.33 -19.87
C PHE C 175 6.54 -27.99 -19.88
N PRO C 176 6.18 -26.81 -19.33
CA PRO C 176 4.80 -26.32 -19.34
C PRO C 176 4.48 -25.28 -20.45
N GLY C 177 4.51 -25.70 -21.71
CA GLY C 177 4.05 -24.86 -22.80
C GLY C 177 3.17 -25.71 -23.71
N ASN C 178 2.40 -25.08 -24.60
CA ASN C 178 1.61 -25.83 -25.58
C ASN C 178 2.53 -26.47 -26.61
N PRO C 179 2.29 -27.74 -26.96
CA PRO C 179 3.16 -28.44 -27.91
C PRO C 179 3.00 -27.91 -29.32
N GLU C 180 1.85 -27.31 -29.59
CA GLU C 180 1.54 -26.88 -30.94
C GLU C 180 2.33 -25.63 -31.36
N ARG C 181 2.86 -24.88 -30.39
CA ARG C 181 3.64 -23.67 -30.69
C ARG C 181 5.14 -23.97 -30.67
N PHE C 182 5.51 -24.99 -29.90
CA PHE C 182 6.86 -25.56 -29.94
C PHE C 182 6.80 -27.01 -30.34
N ASN C 183 7.07 -27.32 -31.59
CA ASN C 183 7.01 -28.71 -32.00
C ASN C 183 8.35 -29.37 -32.11
N PHE C 184 9.31 -28.85 -31.34
CA PHE C 184 10.54 -29.61 -31.13
C PHE C 184 10.15 -30.80 -30.26
N ILE C 185 9.09 -30.59 -29.48
CA ILE C 185 8.59 -31.55 -28.51
C ILE C 185 8.23 -32.89 -29.13
N LYS C 186 7.64 -32.86 -30.32
CA LYS C 186 7.13 -34.07 -30.94
C LYS C 186 8.27 -34.91 -31.52
N ASN C 187 9.33 -34.25 -31.94
CA ASN C 187 10.52 -34.96 -32.38
C ASN C 187 11.43 -35.33 -31.22
N TRP C 188 10.82 -35.67 -30.09
CA TRP C 188 11.57 -36.08 -28.93
C TRP C 188 12.03 -37.50 -29.10
N ARG C 189 13.31 -37.72 -28.84
CA ARG C 189 13.94 -39.01 -29.10
C ARG C 189 14.70 -39.48 -27.87
N ILE C 190 15.54 -38.58 -27.34
CA ILE C 190 16.49 -38.85 -26.27
C ILE C 190 15.82 -39.49 -25.04
N PRO C 191 16.50 -40.47 -24.38
CA PRO C 191 15.90 -41.33 -23.33
C PRO C 191 15.36 -40.63 -22.05
N THR C 192 15.81 -39.41 -21.75
CA THR C 192 15.31 -38.66 -20.57
C THR C 192 13.90 -38.12 -20.82
N GLU C 193 13.02 -38.26 -19.83
CA GLU C 193 11.59 -37.96 -20.02
C GLU C 193 11.22 -36.48 -19.97
N LEU C 194 10.19 -36.16 -20.75
CA LEU C 194 9.68 -34.81 -20.82
C LEU C 194 8.27 -34.75 -20.27
N HIS C 195 8.12 -34.06 -19.14
CA HIS C 195 6.80 -33.73 -18.62
C HIS C 195 6.28 -32.60 -19.49
N VAL C 196 5.02 -32.67 -19.89
CA VAL C 196 4.43 -31.61 -20.69
C VAL C 196 3.07 -31.21 -20.10
N TYR C 197 2.92 -29.92 -19.82
CA TYR C 197 1.73 -29.40 -19.16
C TYR C 197 0.95 -28.56 -20.16
N THR C 198 -0.23 -29.03 -20.57
CA THR C 198 -0.89 -28.38 -21.70
C THR C 198 -2.38 -28.71 -21.82
N ASP C 199 -3.06 -27.95 -22.67
CA ASP C 199 -4.50 -28.04 -22.90
C ASP C 199 -4.89 -29.32 -23.60
N HIS C 200 -4.04 -29.76 -24.52
CA HIS C 200 -4.38 -30.79 -25.48
C HIS C 200 -4.04 -32.19 -24.96
N ASN C 201 -3.81 -33.11 -25.90
CA ASN C 201 -3.21 -34.42 -25.63
C ASN C 201 -2.72 -35.01 -26.96
N MET C 202 -2.85 -34.18 -28.00
CA MET C 202 -2.44 -34.49 -29.37
C MET C 202 -1.04 -35.09 -29.49
N GLN C 203 -0.93 -36.19 -30.22
CA GLN C 203 0.34 -36.90 -30.45
C GLN C 203 0.96 -37.38 -29.14
N LEU C 204 2.03 -38.17 -29.21
CA LEU C 204 2.71 -38.69 -28.02
C LEU C 204 3.96 -39.56 -28.30
N PRO C 205 5.13 -38.91 -28.38
CA PRO C 205 6.37 -39.69 -28.38
C PRO C 205 6.50 -40.53 -27.11
N THR C 206 7.26 -41.63 -27.18
CA THR C 206 7.30 -42.62 -26.11
C THR C 206 7.82 -42.06 -24.78
N THR C 207 9.00 -41.47 -24.81
CA THR C 207 9.63 -40.99 -23.58
C THR C 207 9.15 -39.59 -23.20
N VAL C 208 7.97 -39.20 -23.68
CA VAL C 208 7.35 -37.94 -23.30
C VAL C 208 6.06 -38.17 -22.53
N VAL C 209 6.08 -37.76 -21.26
CA VAL C 209 4.95 -37.91 -20.37
C VAL C 209 4.21 -36.58 -20.26
N LYS C 210 2.87 -36.61 -20.27
CA LYS C 210 2.14 -35.35 -20.21
C LYS C 210 1.22 -35.24 -18.99
N GLU C 211 0.93 -34.00 -18.60
CA GLU C 211 0.06 -33.72 -17.46
C GLU C 211 -0.99 -32.69 -17.82
N PRO C 212 -2.21 -32.85 -17.30
CA PRO C 212 -3.25 -31.86 -17.57
C PRO C 212 -2.91 -30.52 -16.93
N TYR C 213 -3.19 -29.43 -17.66
CA TYR C 213 -2.86 -28.06 -17.27
C TYR C 213 -3.25 -27.72 -15.83
N GLN C 214 -2.24 -27.70 -14.96
CA GLN C 214 -2.44 -27.42 -13.55
C GLN C 214 -2.38 -25.93 -13.25
N SER C 215 -3.18 -25.49 -12.29
CA SER C 215 -3.18 -24.09 -11.89
C SER C 215 -1.77 -23.71 -11.47
N ASP C 216 -1.35 -22.48 -11.82
CA ASP C 216 0.06 -22.08 -11.71
C ASP C 216 0.68 -22.50 -10.39
N GLU C 217 -0.04 -22.16 -9.31
CA GLU C 217 0.31 -22.51 -7.94
C GLU C 217 0.77 -23.95 -7.75
N GLN C 218 -0.05 -24.91 -8.18
CA GLN C 218 0.26 -26.31 -7.94
C GLN C 218 1.43 -26.76 -8.78
N LEU C 219 1.54 -26.17 -9.96
CA LEU C 219 2.62 -26.48 -10.88
C LEU C 219 3.98 -26.18 -10.27
N ILE C 220 4.16 -24.96 -9.77
CA ILE C 220 5.45 -24.55 -9.20
C ILE C 220 5.82 -25.43 -8.00
N MET C 221 4.81 -25.87 -7.24
CA MET C 221 5.09 -26.81 -6.16
C MET C 221 5.73 -28.08 -6.68
N LYS C 222 5.08 -28.73 -7.65
CA LYS C 222 5.54 -30.01 -8.19
C LYS C 222 6.89 -29.90 -8.83
N MET C 223 7.07 -28.83 -9.59
CA MET C 223 8.32 -28.63 -10.29
C MET C 223 9.42 -28.48 -9.26
N SER C 224 9.06 -28.00 -8.08
CA SER C 224 10.01 -27.77 -7.00
C SER C 224 10.40 -29.06 -6.29
N GLU C 225 10.09 -30.20 -6.89
CA GLU C 225 10.51 -31.47 -6.31
C GLU C 225 11.79 -31.90 -6.96
N GLY C 226 12.34 -31.04 -7.82
CA GLY C 226 13.52 -31.38 -8.59
C GLY C 226 13.32 -31.50 -10.10
N GLY C 227 14.43 -31.77 -10.80
CA GLY C 227 14.43 -31.82 -12.24
C GLY C 227 14.91 -30.52 -12.83
N TYR C 228 14.70 -30.36 -14.13
CA TYR C 228 15.16 -29.19 -14.82
C TYR C 228 14.06 -28.49 -15.51
N GLY C 229 14.19 -27.17 -15.56
CA GLY C 229 13.32 -26.36 -16.39
C GLY C 229 13.98 -26.15 -17.73
N LEU C 230 13.28 -26.54 -18.78
CA LEU C 230 13.72 -26.31 -20.15
C LEU C 230 13.04 -25.09 -20.76
N VAL C 231 13.83 -24.09 -21.14
CA VAL C 231 13.30 -22.95 -21.87
C VAL C 231 13.77 -23.11 -23.31
N TRP C 232 12.81 -23.40 -24.17
CA TRP C 232 13.07 -23.74 -25.56
C TRP C 232 12.00 -23.19 -26.48
N MET C 233 12.36 -22.88 -27.73
CA MET C 233 11.38 -22.53 -28.75
C MET C 233 11.70 -23.33 -30.01
N ASP C 234 10.67 -23.56 -30.82
CA ASP C 234 10.85 -24.28 -32.08
C ASP C 234 11.57 -23.36 -33.08
N ASP C 235 12.57 -23.85 -33.83
CA ASP C 235 13.51 -22.93 -34.49
C ASP C 235 13.06 -22.24 -35.81
N ARG C 236 11.78 -21.91 -35.87
CA ARG C 236 11.27 -20.82 -36.72
C ARG C 236 11.22 -19.50 -35.92
N ASP C 237 11.19 -19.62 -34.59
CA ASP C 237 11.03 -18.48 -33.70
C ASP C 237 12.28 -18.03 -32.97
N LYS C 238 13.44 -18.00 -33.63
CA LYS C 238 14.71 -17.75 -32.92
C LYS C 238 15.12 -16.33 -33.03
N GLN C 239 14.68 -15.75 -34.12
CA GLN C 239 14.79 -14.35 -34.27
C GLN C 239 14.13 -13.78 -33.01
N TYR C 240 12.89 -14.20 -32.76
CA TYR C 240 12.15 -13.73 -31.60
C TYR C 240 12.78 -14.15 -30.27
N GLN C 241 13.13 -15.42 -30.15
CA GLN C 241 13.72 -15.96 -28.93
C GLN C 241 14.86 -15.11 -28.36
N SER C 242 15.67 -14.55 -29.26
CA SER C 242 16.83 -13.76 -28.85
C SER C 242 16.46 -12.36 -28.38
N LEU C 243 15.16 -12.12 -28.18
CA LEU C 243 14.68 -10.77 -27.94
C LEU C 243 13.72 -10.64 -26.77
N TYR C 244 12.80 -11.61 -26.65
CA TYR C 244 11.72 -11.52 -25.69
C TYR C 244 12.11 -11.98 -24.28
N CYS C 245 11.18 -11.87 -23.34
CA CYS C 245 11.39 -12.49 -22.04
C CYS C 245 10.43 -13.65 -21.88
N PRO C 246 10.97 -14.84 -21.61
CA PRO C 246 10.13 -16.01 -21.39
C PRO C 246 9.59 -16.03 -20.00
N TYR C 247 8.31 -16.29 -19.92
CA TYR C 247 7.62 -16.30 -18.67
C TYR C 247 7.83 -17.64 -17.99
N LYS C 248 8.18 -18.67 -18.75
CA LYS C 248 8.31 -19.96 -18.12
C LYS C 248 9.66 -19.99 -17.46
N LEU C 249 10.60 -19.28 -18.07
CA LEU C 249 11.90 -19.03 -17.44
C LEU C 249 11.72 -18.64 -15.98
N GLY C 250 10.93 -17.62 -15.74
CA GLY C 250 10.69 -17.17 -14.38
C GLY C 250 9.91 -18.19 -13.59
N ALA C 251 9.00 -18.90 -14.24
CA ALA C 251 8.15 -19.80 -13.48
C ALA C 251 8.99 -20.95 -12.90
N TYR C 252 9.96 -21.42 -13.67
CA TYR C 252 10.92 -22.42 -13.18
C TYR C 252 11.66 -21.93 -11.95
N ILE C 253 12.39 -20.85 -12.17
CA ILE C 253 13.28 -20.29 -11.18
C ILE C 253 12.50 -19.95 -9.91
N ALA C 254 11.25 -19.57 -10.10
CA ALA C 254 10.35 -19.34 -8.99
C ALA C 254 10.05 -20.62 -8.22
N ALA C 255 9.94 -21.76 -8.93
CA ALA C 255 9.73 -23.03 -8.24
C ALA C 255 10.99 -23.41 -7.47
N GLY C 256 12.13 -22.96 -7.97
CA GLY C 256 13.38 -23.21 -7.28
C GLY C 256 14.12 -24.38 -7.88
N ILE C 257 14.13 -24.45 -9.20
CA ILE C 257 14.91 -25.47 -9.87
C ILE C 257 15.73 -24.81 -10.96
N PRO C 258 16.86 -25.41 -11.35
CA PRO C 258 17.72 -24.83 -12.38
C PRO C 258 17.16 -24.98 -13.78
N VAL C 259 17.62 -24.13 -14.68
CA VAL C 259 17.03 -24.07 -16.00
C VAL C 259 17.98 -24.53 -17.08
N ILE C 260 17.40 -24.93 -18.21
CA ILE C 260 18.17 -25.19 -19.41
C ILE C 260 17.67 -24.26 -20.49
N ILE C 261 18.56 -23.48 -21.07
CA ILE C 261 18.15 -22.54 -22.11
C ILE C 261 19.11 -22.59 -23.28
N GLN C 262 18.66 -22.09 -24.42
CA GLN C 262 19.47 -22.07 -25.62
C GLN C 262 20.37 -20.83 -25.69
N LYS C 263 21.58 -21.00 -26.21
CA LYS C 263 22.47 -19.89 -26.52
C LYS C 263 21.80 -18.80 -27.34
N GLY C 264 22.25 -17.56 -27.13
CA GLY C 264 21.78 -16.41 -27.89
C GLY C 264 20.52 -15.78 -27.32
N ILE C 265 19.77 -16.56 -26.53
CA ILE C 265 18.51 -16.10 -25.95
C ILE C 265 18.72 -14.81 -25.16
N ALA C 266 17.65 -14.04 -25.05
CA ALA C 266 17.71 -12.72 -24.45
C ALA C 266 18.16 -12.76 -22.99
N ASN C 267 19.02 -11.80 -22.63
CA ASN C 267 19.47 -11.60 -21.25
C ASN C 267 20.01 -12.87 -20.66
N GLN C 268 20.97 -13.51 -21.35
CA GLN C 268 21.46 -14.80 -20.90
C GLN C 268 22.45 -14.61 -19.77
N ASP C 269 23.22 -13.52 -19.85
CA ASP C 269 24.19 -13.18 -18.81
C ASP C 269 23.57 -13.22 -17.42
N ILE C 270 22.26 -12.99 -17.36
CA ILE C 270 21.50 -13.11 -16.14
C ILE C 270 21.65 -14.50 -15.57
N ILE C 271 21.41 -15.49 -16.43
CA ILE C 271 21.50 -16.89 -16.05
C ILE C 271 22.94 -17.23 -15.71
N GLU C 272 23.88 -16.70 -16.49
CA GLU C 272 25.29 -17.01 -16.30
C GLU C 272 25.79 -16.56 -14.94
N LYS C 273 25.49 -15.31 -14.58
CA LYS C 273 26.18 -14.68 -13.48
C LYS C 273 25.52 -14.92 -12.13
N ASN C 274 24.30 -15.45 -12.16
CA ASN C 274 23.60 -15.88 -10.95
C ASN C 274 23.56 -17.40 -10.84
N ASN C 275 24.10 -18.05 -11.87
CA ASN C 275 24.31 -19.51 -11.89
C ASN C 275 23.01 -20.30 -11.72
N LEU C 276 22.09 -20.17 -12.68
CA LEU C 276 20.73 -20.71 -12.54
C LEU C 276 20.44 -21.85 -13.49
N GLY C 277 21.47 -22.35 -14.17
CA GLY C 277 21.32 -23.53 -15.00
C GLY C 277 22.32 -23.53 -16.12
N PHE C 278 21.95 -24.11 -17.25
CA PHE C 278 22.93 -24.28 -18.29
C PHE C 278 22.54 -23.55 -19.55
N ILE C 279 23.56 -23.02 -20.20
CA ILE C 279 23.46 -22.50 -21.54
C ILE C 279 24.11 -23.47 -22.47
N ILE C 280 23.35 -23.93 -23.44
CA ILE C 280 23.82 -24.98 -24.32
C ILE C 280 23.47 -24.61 -25.75
N GLU C 281 23.94 -25.38 -26.72
CA GLU C 281 23.75 -24.98 -28.11
C GLU C 281 22.73 -25.82 -28.86
N LYS C 282 22.53 -27.06 -28.42
CA LYS C 282 21.51 -27.88 -29.04
C LYS C 282 20.75 -28.63 -27.97
N ILE C 283 19.70 -29.34 -28.38
CA ILE C 283 18.95 -30.17 -27.45
C ILE C 283 19.82 -31.30 -26.92
N ASP C 284 20.89 -31.61 -27.62
CA ASP C 284 21.64 -32.81 -27.28
C ASP C 284 22.73 -32.49 -26.28
N ASP C 285 23.25 -31.27 -26.35
CA ASP C 285 24.16 -30.74 -25.33
C ASP C 285 23.45 -30.82 -23.99
N ILE C 286 22.12 -30.72 -24.03
CA ILE C 286 21.30 -30.75 -22.84
C ILE C 286 21.26 -32.07 -22.11
N SER C 287 20.72 -33.07 -22.80
CA SER C 287 20.53 -34.39 -22.22
C SER C 287 21.86 -34.93 -21.73
N ASN C 288 22.89 -34.66 -22.53
CA ASN C 288 24.26 -34.94 -22.14
C ASN C 288 24.55 -34.46 -20.72
N ILE C 289 24.13 -33.23 -20.43
CA ILE C 289 24.37 -32.58 -19.15
C ILE C 289 23.41 -33.08 -18.06
N VAL C 290 22.17 -33.40 -18.44
CA VAL C 290 21.17 -33.89 -17.50
C VAL C 290 21.59 -35.25 -16.93
N GLU C 291 22.07 -36.12 -17.80
CA GLU C 291 22.85 -37.26 -17.37
C GLU C 291 24.25 -36.70 -17.08
N SER C 292 25.10 -37.46 -16.40
CA SER C 292 26.48 -37.02 -16.14
C SER C 292 26.58 -35.86 -15.15
N THR C 293 25.47 -35.47 -14.53
CA THR C 293 25.58 -34.39 -13.57
C THR C 293 25.59 -34.97 -12.15
N THR C 294 26.61 -34.57 -11.39
CA THR C 294 26.81 -34.96 -10.00
C THR C 294 25.67 -34.45 -9.11
N GLU C 295 25.35 -35.21 -8.06
CA GLU C 295 24.36 -34.77 -7.09
C GLU C 295 24.82 -33.51 -6.37
N GLU C 296 26.14 -33.36 -6.29
CA GLU C 296 26.74 -32.21 -5.65
C GLU C 296 26.62 -30.94 -6.49
N GLU C 297 26.71 -31.09 -7.80
CA GLU C 297 26.63 -29.95 -8.70
C GLU C 297 25.23 -29.41 -8.78
N TYR C 298 24.27 -30.32 -8.64
CA TYR C 298 22.87 -29.95 -8.72
C TYR C 298 22.48 -29.27 -7.43
N MET C 299 23.05 -29.79 -6.35
CA MET C 299 22.93 -29.19 -5.03
C MET C 299 23.12 -27.69 -5.12
N GLU C 300 24.29 -27.30 -5.61
CA GLU C 300 24.71 -25.92 -5.53
C GLU C 300 23.86 -25.07 -6.44
N ILE C 301 23.54 -25.64 -7.60
CA ILE C 301 22.82 -24.90 -8.60
C ILE C 301 21.41 -24.55 -8.08
N VAL C 302 20.78 -25.47 -7.35
CA VAL C 302 19.50 -25.18 -6.73
C VAL C 302 19.64 -24.06 -5.69
N SER C 303 20.70 -24.21 -4.90
CA SER C 303 21.05 -23.26 -3.86
C SER C 303 21.15 -21.89 -4.49
N ASP C 304 21.72 -21.83 -5.69
CA ASP C 304 21.84 -20.56 -6.39
C ASP C 304 20.50 -20.04 -6.90
N VAL C 305 19.69 -20.93 -7.49
CA VAL C 305 18.37 -20.56 -7.97
C VAL C 305 17.52 -20.03 -6.82
N ARG C 306 17.80 -20.47 -5.61
CA ARG C 306 17.03 -19.99 -4.45
C ARG C 306 17.71 -18.89 -3.63
N ARG C 307 18.98 -18.57 -3.90
CA ARG C 307 19.56 -17.34 -3.36
C ARG C 307 18.88 -16.23 -4.11
N PHE C 308 18.48 -16.55 -5.34
CA PHE C 308 18.11 -15.58 -6.35
C PHE C 308 16.63 -15.30 -6.42
N ASN C 309 15.78 -16.31 -6.20
CA ASN C 309 14.38 -16.15 -6.61
C ASN C 309 13.42 -15.33 -5.69
N PRO C 310 13.87 -14.83 -4.52
CA PRO C 310 12.93 -13.89 -3.89
C PRO C 310 12.71 -12.66 -4.75
N LEU C 311 13.73 -12.30 -5.52
CA LEU C 311 13.62 -11.26 -6.54
C LEU C 311 12.36 -11.40 -7.38
N VAL C 312 12.20 -12.59 -7.98
CA VAL C 312 11.10 -12.82 -8.88
C VAL C 312 9.81 -13.15 -8.12
N ARG C 313 9.92 -13.72 -6.92
CA ARG C 313 8.72 -14.06 -6.15
C ARG C 313 8.11 -12.84 -5.42
N GLN C 314 8.87 -11.76 -5.28
CA GLN C 314 8.34 -10.57 -4.61
C GLN C 314 8.13 -9.43 -5.61
N GLY C 315 8.54 -9.66 -6.86
CA GLY C 315 8.15 -8.77 -7.93
C GLY C 315 9.18 -7.77 -8.38
N TYR C 316 10.43 -7.94 -7.94
CA TYR C 316 11.38 -6.84 -8.06
C TYR C 316 11.85 -6.46 -9.46
N PHE C 317 11.77 -7.37 -10.42
CA PHE C 317 11.99 -6.98 -11.81
C PHE C 317 10.88 -6.06 -12.30
N THR C 318 9.63 -6.40 -11.95
CA THR C 318 8.50 -5.55 -12.29
C THR C 318 8.57 -4.25 -11.50
N ARG C 319 8.78 -4.34 -10.19
CA ARG C 319 8.89 -3.17 -9.33
C ARG C 319 9.98 -2.24 -9.85
N LYS C 320 11.10 -2.82 -10.28
CA LYS C 320 12.21 -2.06 -10.84
C LYS C 320 11.81 -1.20 -12.05
N LEU C 321 11.32 -1.85 -13.11
CA LEU C 321 10.94 -1.14 -14.32
C LEU C 321 9.78 -0.16 -14.09
N LEU C 322 8.77 -0.58 -13.34
CA LEU C 322 7.63 0.26 -13.01
C LEU C 322 8.01 1.56 -12.32
N THR C 323 9.15 1.54 -11.64
CA THR C 323 9.60 2.72 -10.94
C THR C 323 10.48 3.55 -11.85
N ASP C 324 11.48 2.92 -12.45
CA ASP C 324 12.41 3.69 -13.28
C ASP C 324 11.71 4.27 -14.51
N ALA C 325 10.76 3.51 -15.09
CA ALA C 325 10.00 3.96 -16.27
C ALA C 325 9.33 5.29 -16.01
N VAL C 326 8.62 5.36 -14.90
CA VAL C 326 7.88 6.56 -14.55
C VAL C 326 8.89 7.68 -14.29
N PHE C 327 10.03 7.34 -13.66
CA PHE C 327 11.10 8.32 -13.40
C PHE C 327 11.70 8.96 -14.66
N SER C 328 12.22 8.10 -15.55
CA SER C 328 12.83 8.56 -16.78
C SER C 328 11.81 9.24 -17.68
N ALA C 329 10.54 8.96 -17.45
CA ALA C 329 9.48 9.66 -18.18
C ALA C 329 9.38 11.15 -17.81
N LEU C 330 10.08 11.56 -16.76
CA LEU C 330 10.07 12.94 -16.32
C LEU C 330 11.47 13.54 -16.34
N ASN C 331 12.43 12.79 -15.81
CA ASN C 331 13.81 13.27 -15.77
C ASN C 331 14.37 13.40 -17.19
N SER C 332 15.46 14.17 -17.33
CA SER C 332 16.09 14.36 -18.64
C SER C 332 17.61 14.47 -18.48
N ALA D 1 -10.80 -17.67 -9.71
CA ALA D 1 -11.84 -16.90 -9.01
C ALA D 1 -11.25 -16.09 -7.84
N CYS D 2 -10.89 -14.84 -8.12
CA CYS D 2 -10.08 -14.02 -7.20
C CYS D 2 -10.64 -12.60 -7.03
N MET D 3 -11.09 -12.27 -5.82
CA MET D 3 -11.76 -10.98 -5.58
C MET D 3 -10.85 -9.76 -5.50
N ARG D 4 -11.28 -8.71 -6.21
CA ARG D 4 -10.71 -7.37 -6.12
C ARG D 4 -11.87 -6.41 -5.89
N THR D 5 -11.59 -5.20 -5.40
CA THR D 5 -12.65 -4.25 -5.07
C THR D 5 -12.51 -3.00 -5.90
N TYR D 6 -13.57 -2.63 -6.60
CA TYR D 6 -13.52 -1.39 -7.36
C TYR D 6 -14.42 -0.37 -6.75
N ILE D 7 -14.06 0.90 -6.93
CA ILE D 7 -14.94 1.99 -6.51
C ILE D 7 -15.07 3.04 -7.61
N THR D 8 -16.30 3.55 -7.81
CA THR D 8 -16.55 4.53 -8.86
C THR D 8 -16.08 5.91 -8.41
N ASN D 9 -15.57 6.69 -9.36
CA ASN D 9 -15.00 8.00 -9.06
C ASN D 9 -15.19 9.04 -10.19
N LEU D 10 -15.83 10.17 -9.86
CA LEU D 10 -16.04 11.30 -10.78
C LEU D 10 -14.79 11.99 -11.30
N ASN D 11 -14.90 12.49 -12.53
CA ASN D 11 -13.85 13.28 -13.15
C ASN D 11 -14.46 14.32 -14.09
N GLY D 12 -13.84 15.50 -14.18
CA GLY D 12 -14.25 16.50 -15.14
C GLY D 12 -15.17 17.63 -14.65
N HIS D 13 -15.43 17.68 -13.34
CA HIS D 13 -16.08 18.86 -12.76
C HIS D 13 -15.07 19.98 -12.52
N SER D 14 -15.59 21.15 -12.18
CA SER D 14 -14.75 22.31 -11.91
C SER D 14 -13.81 22.11 -10.74
N ILE D 15 -12.76 22.92 -10.70
CA ILE D 15 -11.86 23.01 -9.56
C ILE D 15 -12.63 23.14 -8.23
N THR D 16 -13.75 23.84 -8.27
CA THR D 16 -14.48 24.24 -7.07
C THR D 16 -15.65 23.32 -6.73
N SER D 17 -15.68 22.13 -7.34
CA SER D 17 -16.78 21.19 -7.10
C SER D 17 -16.54 20.26 -5.90
N THR D 18 -17.37 20.42 -4.87
CA THR D 18 -17.22 19.66 -3.64
C THR D 18 -17.62 18.22 -3.88
N ALA D 19 -18.67 18.04 -4.67
CA ALA D 19 -19.16 16.69 -4.98
C ALA D 19 -18.04 15.81 -5.51
N GLN D 20 -17.29 16.32 -6.49
CA GLN D 20 -16.17 15.57 -7.07
C GLN D 20 -15.07 15.33 -6.07
N ILE D 21 -14.63 16.38 -5.37
CA ILE D 21 -13.47 16.23 -4.52
C ILE D 21 -13.76 15.41 -3.25
N ALA D 22 -14.99 15.41 -2.76
CA ALA D 22 -15.36 14.50 -1.68
C ALA D 22 -15.18 13.05 -2.19
N GLN D 23 -15.59 12.81 -3.44
CA GLN D 23 -15.44 11.51 -4.08
C GLN D 23 -13.98 11.17 -4.41
N ASN D 24 -13.20 12.16 -4.81
CA ASN D 24 -11.80 11.93 -5.12
C ASN D 24 -11.03 11.51 -3.90
N MET D 25 -11.35 12.16 -2.79
CA MET D 25 -10.74 11.89 -1.51
C MET D 25 -10.98 10.46 -1.05
N VAL D 26 -12.26 10.08 -1.06
CA VAL D 26 -12.65 8.71 -0.81
C VAL D 26 -11.84 7.73 -1.66
N THR D 27 -11.67 8.09 -2.92
CA THR D 27 -10.99 7.21 -3.85
C THR D 27 -9.53 7.06 -3.49
N ASP D 28 -8.94 8.16 -3.03
CA ASP D 28 -7.52 8.16 -2.69
C ASP D 28 -7.30 7.32 -1.45
N ILE D 29 -8.26 7.34 -0.54
CA ILE D 29 -8.25 6.39 0.57
C ILE D 29 -8.36 4.95 0.03
N ALA D 30 -9.35 4.72 -0.81
CA ALA D 30 -9.57 3.38 -1.36
C ALA D 30 -8.32 2.80 -2.02
N VAL D 31 -7.67 3.58 -2.86
CA VAL D 31 -6.40 3.17 -3.42
C VAL D 31 -5.39 2.73 -2.34
N SER D 32 -5.20 3.53 -1.30
CA SER D 32 -4.22 3.15 -0.29
C SER D 32 -4.64 1.85 0.40
N LEU D 33 -5.95 1.59 0.47
CA LEU D 33 -6.43 0.31 1.00
C LEU D 33 -6.31 -0.82 -0.03
N GLY D 34 -5.88 -0.49 -1.24
CA GLY D 34 -5.78 -1.49 -2.29
C GLY D 34 -6.92 -1.55 -3.30
N PHE D 35 -8.02 -0.83 -3.06
CA PHE D 35 -9.15 -0.88 -3.98
C PHE D 35 -8.77 -0.24 -5.32
N ARG D 36 -9.54 -0.54 -6.37
CA ARG D 36 -9.26 -0.01 -7.72
C ARG D 36 -10.36 0.93 -8.26
N GLU D 37 -9.93 1.94 -9.00
CA GLU D 37 -10.83 2.97 -9.52
C GLU D 37 -11.60 2.59 -10.78
N LEU D 38 -12.92 2.80 -10.76
CA LEU D 38 -13.71 2.85 -11.98
C LEU D 38 -13.96 4.32 -12.27
N GLY D 39 -13.06 4.94 -13.04
CA GLY D 39 -13.19 6.34 -13.38
C GLY D 39 -14.48 6.66 -14.14
N ILE D 40 -15.06 7.83 -13.89
CA ILE D 40 -16.30 8.24 -14.55
C ILE D 40 -16.24 9.72 -14.84
N HIS D 41 -16.35 10.09 -16.13
CA HIS D 41 -16.33 11.50 -16.56
C HIS D 41 -17.73 12.08 -16.65
N SER D 42 -17.87 13.34 -16.28
CA SER D 42 -19.18 13.98 -16.29
C SER D 42 -19.36 14.79 -17.58
N TYR D 43 -20.49 14.56 -18.27
CA TYR D 43 -20.76 15.11 -19.57
C TYR D 43 -22.29 15.05 -19.84
N PRO D 44 -22.83 15.92 -20.76
CA PRO D 44 -24.26 15.66 -21.11
C PRO D 44 -24.44 14.36 -21.87
N ILE D 45 -25.16 13.40 -21.30
CA ILE D 45 -25.37 12.13 -21.99
C ILE D 45 -26.43 12.20 -23.08
N ASP D 46 -26.97 13.40 -23.33
CA ASP D 46 -27.90 13.59 -24.45
C ASP D 46 -27.13 13.39 -25.75
N THR D 47 -25.80 13.56 -25.69
CA THR D 47 -24.90 13.43 -26.85
C THR D 47 -24.53 11.99 -27.16
N ASP D 48 -25.11 11.07 -26.39
CA ASP D 48 -24.94 9.64 -26.63
C ASP D 48 -26.23 9.01 -27.10
N SER D 49 -26.11 8.12 -28.07
CA SER D 49 -27.19 7.21 -28.38
C SER D 49 -27.11 6.04 -27.43
N PRO D 50 -28.19 5.77 -26.68
CA PRO D 50 -28.43 4.62 -25.81
C PRO D 50 -27.89 3.31 -26.36
N GLU D 51 -26.65 3.32 -26.82
CA GLU D 51 -25.92 2.14 -27.27
C GLU D 51 -24.43 2.49 -27.42
N GLU D 52 -24.12 3.65 -28.01
CA GLU D 52 -22.79 4.25 -27.86
C GLU D 52 -22.53 4.37 -26.38
N MET D 53 -23.60 4.74 -25.69
CA MET D 53 -23.66 4.92 -24.27
C MET D 53 -23.32 3.63 -23.54
N SER D 54 -23.93 2.54 -23.99
CA SER D 54 -23.73 1.23 -23.39
C SER D 54 -22.29 0.76 -23.52
N LYS D 55 -21.63 1.20 -24.59
CA LYS D 55 -20.30 0.70 -24.88
C LYS D 55 -19.28 1.52 -24.14
N ARG D 56 -19.61 2.79 -23.90
CA ARG D 56 -18.77 3.66 -23.07
C ARG D 56 -18.73 3.08 -21.67
N LEU D 57 -19.90 2.75 -21.15
CA LEU D 57 -20.00 2.07 -19.86
C LEU D 57 -19.21 0.78 -19.87
N ASP D 58 -19.31 0.04 -20.97
CA ASP D 58 -18.63 -1.23 -21.08
C ASP D 58 -17.13 -1.05 -20.92
N GLY D 59 -16.66 0.13 -21.33
CA GLY D 59 -15.26 0.48 -21.24
C GLY D 59 -14.91 1.01 -19.86
N ILE D 60 -15.92 1.47 -19.14
CA ILE D 60 -15.71 1.90 -17.76
C ILE D 60 -15.52 0.66 -16.89
N CYS D 61 -16.25 -0.40 -17.23
CA CYS D 61 -16.32 -1.63 -16.45
C CYS D 61 -15.42 -2.78 -16.91
N SER D 62 -14.61 -2.55 -17.93
CA SER D 62 -13.83 -3.62 -18.56
C SER D 62 -12.80 -4.31 -17.66
N GLY D 63 -12.54 -3.75 -16.47
CA GLY D 63 -11.59 -4.36 -15.56
C GLY D 63 -12.29 -5.34 -14.65
N LEU D 64 -13.61 -5.28 -14.64
CA LEU D 64 -14.39 -6.05 -13.69
C LEU D 64 -14.39 -7.56 -13.97
N ARG D 65 -14.32 -8.35 -12.91
CA ARG D 65 -14.47 -9.80 -13.03
C ARG D 65 -15.56 -10.27 -12.09
N LYS D 66 -15.83 -11.56 -12.13
CA LYS D 66 -17.10 -12.05 -11.62
C LYS D 66 -17.41 -11.80 -10.14
N ASN D 67 -16.63 -12.28 -9.19
CA ASN D 67 -17.04 -11.93 -7.83
C ASN D 67 -16.06 -10.98 -7.13
N ASP D 68 -15.60 -10.01 -7.93
CA ASP D 68 -15.17 -8.71 -7.44
C ASP D 68 -16.28 -8.04 -6.66
N ILE D 69 -15.95 -6.90 -6.05
CA ILE D 69 -16.94 -6.04 -5.41
C ILE D 69 -16.83 -4.58 -5.87
N VAL D 70 -17.95 -4.00 -6.27
CA VAL D 70 -17.95 -2.61 -6.68
C VAL D 70 -18.60 -1.66 -5.68
N ILE D 71 -17.87 -0.62 -5.31
CA ILE D 71 -18.45 0.47 -4.56
C ILE D 71 -18.85 1.59 -5.51
N PHE D 72 -20.15 1.81 -5.60
CA PHE D 72 -20.70 2.83 -6.44
C PHE D 72 -20.95 4.07 -5.60
N GLN D 73 -20.25 5.15 -5.94
CA GLN D 73 -20.48 6.44 -5.31
C GLN D 73 -21.55 7.21 -6.07
N THR D 74 -22.68 7.43 -5.41
CA THR D 74 -23.84 8.05 -6.01
C THR D 74 -24.08 9.37 -5.31
N PRO D 75 -24.41 10.41 -6.09
CA PRO D 75 -24.67 10.30 -7.54
C PRO D 75 -23.46 10.60 -8.44
N THR D 76 -23.57 10.19 -9.71
CA THR D 76 -22.55 10.47 -10.71
C THR D 76 -22.59 11.88 -11.29
N TRP D 77 -23.74 12.55 -11.17
CA TRP D 77 -23.97 13.84 -11.82
C TRP D 77 -23.89 13.74 -13.33
N ASN D 78 -24.26 12.58 -13.86
CA ASN D 78 -24.34 12.39 -15.28
C ASN D 78 -25.79 12.21 -15.64
N THR D 79 -26.59 12.30 -14.58
CA THR D 79 -28.04 12.30 -14.51
C THR D 79 -28.51 10.90 -14.12
N THR D 80 -29.73 10.80 -13.64
CA THR D 80 -30.27 9.55 -13.12
C THR D 80 -30.25 8.44 -14.16
N THR D 81 -30.52 8.80 -15.42
CA THR D 81 -30.49 7.82 -16.50
C THR D 81 -29.11 7.11 -16.52
N PHE D 82 -28.03 7.84 -16.27
CA PHE D 82 -26.70 7.25 -16.24
C PHE D 82 -26.54 6.34 -15.02
N ASP D 83 -26.72 6.94 -13.84
CA ASP D 83 -26.75 6.24 -12.57
C ASP D 83 -27.37 4.87 -12.73
N GLU D 84 -28.62 4.80 -13.17
CA GLU D 84 -29.26 3.50 -13.26
C GLU D 84 -28.69 2.68 -14.40
N LYS D 85 -28.17 3.33 -15.43
CA LYS D 85 -27.60 2.58 -16.55
C LYS D 85 -26.24 2.02 -16.18
N LEU D 86 -25.46 2.84 -15.48
CA LEU D 86 -24.21 2.36 -14.93
C LEU D 86 -24.50 1.17 -14.05
N PHE D 87 -25.54 1.33 -13.25
CA PHE D 87 -25.84 0.35 -12.26
C PHE D 87 -26.25 -0.95 -12.90
N HIS D 88 -27.25 -0.87 -13.77
CA HIS D 88 -27.76 -2.04 -14.47
C HIS D 88 -26.66 -2.87 -15.10
N LYS D 89 -25.58 -2.23 -15.52
CA LYS D 89 -24.44 -2.93 -16.10
C LYS D 89 -23.77 -3.80 -15.04
N LEU D 90 -23.71 -3.28 -13.82
CA LEU D 90 -23.05 -4.00 -12.74
C LEU D 90 -23.84 -5.26 -12.40
N LYS D 91 -25.16 -5.20 -12.51
CA LYS D 91 -26.01 -6.33 -12.18
C LYS D 91 -25.81 -7.49 -13.14
N ILE D 92 -25.20 -7.19 -14.29
CA ILE D 92 -24.95 -8.21 -15.27
C ILE D 92 -23.84 -9.09 -14.74
N PHE D 93 -22.73 -8.45 -14.36
CA PHE D 93 -21.67 -9.12 -13.62
C PHE D 93 -22.26 -9.73 -12.34
N GLY D 94 -21.85 -10.96 -12.02
CA GLY D 94 -22.37 -11.63 -10.84
C GLY D 94 -21.57 -11.28 -9.61
N VAL D 95 -21.57 -9.99 -9.25
CA VAL D 95 -20.77 -9.41 -8.17
C VAL D 95 -21.63 -9.02 -6.97
N LYS D 96 -21.02 -8.38 -5.97
CA LYS D 96 -21.75 -7.72 -4.88
C LYS D 96 -21.52 -6.19 -4.92
N ILE D 97 -22.58 -5.41 -4.74
CA ILE D 97 -22.50 -3.98 -5.01
C ILE D 97 -22.70 -3.12 -3.76
N VAL D 98 -21.75 -2.20 -3.54
CA VAL D 98 -21.86 -1.22 -2.46
C VAL D 98 -22.27 0.15 -2.99
N ILE D 99 -23.39 0.64 -2.49
CA ILE D 99 -23.87 1.95 -2.89
C ILE D 99 -23.55 2.99 -1.82
N PHE D 100 -22.64 3.88 -2.18
CA PHE D 100 -22.16 4.92 -1.29
C PHE D 100 -22.87 6.23 -1.58
N ILE D 101 -23.73 6.63 -0.65
CA ILE D 101 -24.55 7.81 -0.88
C ILE D 101 -23.87 9.10 -0.50
N HIS D 102 -23.52 9.86 -1.52
CA HIS D 102 -23.04 11.21 -1.33
C HIS D 102 -24.25 12.12 -1.24
N ASP D 103 -25.09 12.05 -2.26
CA ASP D 103 -26.36 12.76 -2.21
C ASP D 103 -27.47 11.90 -2.78
N VAL D 104 -28.66 12.08 -2.22
CA VAL D 104 -29.87 11.60 -2.87
C VAL D 104 -30.41 12.80 -3.64
N VAL D 105 -30.34 12.73 -4.97
CA VAL D 105 -30.77 13.86 -5.80
C VAL D 105 -32.23 14.29 -5.53
N PRO D 106 -33.17 13.33 -5.47
CA PRO D 106 -34.56 13.79 -5.33
C PRO D 106 -35.01 14.17 -3.91
N LEU D 107 -34.10 14.56 -3.01
CA LEU D 107 -34.52 15.09 -1.72
C LEU D 107 -34.06 16.53 -1.64
N MET D 108 -32.78 16.70 -1.93
CA MET D 108 -32.19 18.01 -2.11
C MET D 108 -33.01 18.78 -3.17
N PHE D 109 -33.43 19.99 -2.81
CA PHE D 109 -34.39 20.83 -3.55
C PHE D 109 -35.64 20.09 -4.10
N ASP D 110 -36.82 20.60 -3.73
CA ASP D 110 -38.10 19.94 -4.06
C ASP D 110 -38.50 20.10 -5.52
N GLY D 111 -37.64 20.72 -6.31
CA GLY D 111 -37.69 20.52 -7.74
C GLY D 111 -37.13 19.13 -7.95
N ASN D 112 -37.87 18.30 -8.66
CA ASN D 112 -37.47 16.91 -8.95
C ASN D 112 -37.45 15.97 -7.74
N PHE D 113 -38.35 16.21 -6.78
CA PHE D 113 -38.65 15.26 -5.71
C PHE D 113 -39.30 14.02 -6.32
N TYR D 114 -39.69 14.15 -7.59
CA TYR D 114 -40.43 13.12 -8.30
C TYR D 114 -39.53 11.97 -8.72
N LEU D 115 -38.28 12.29 -9.05
CA LEU D 115 -37.35 11.29 -9.55
C LEU D 115 -37.09 10.19 -8.53
N MET D 116 -37.48 10.48 -7.29
CA MET D 116 -37.37 9.58 -6.16
C MET D 116 -37.47 8.11 -6.49
N ASP D 117 -38.60 7.73 -7.07
CA ASP D 117 -38.96 6.32 -7.18
C ASP D 117 -38.04 5.56 -8.13
N ARG D 118 -37.50 6.23 -9.13
CA ARG D 118 -36.51 5.60 -10.01
C ARG D 118 -35.17 5.55 -9.30
N THR D 119 -34.96 6.49 -8.39
CA THR D 119 -33.75 6.51 -7.58
C THR D 119 -33.78 5.30 -6.64
N ILE D 120 -34.80 5.25 -5.78
CA ILE D 120 -35.03 4.11 -4.92
C ILE D 120 -34.95 2.80 -5.69
N ALA D 121 -35.51 2.79 -6.89
CA ALA D 121 -35.54 1.58 -7.73
C ALA D 121 -34.14 1.07 -7.95
N TYR D 122 -33.25 1.96 -8.35
CA TYR D 122 -31.89 1.52 -8.61
C TYR D 122 -31.12 1.46 -7.31
N TYR D 123 -31.64 2.07 -6.25
CA TYR D 123 -31.05 1.90 -4.92
C TYR D 123 -31.28 0.48 -4.39
N ASN D 124 -32.50 -0.01 -4.56
CA ASN D 124 -32.92 -1.31 -3.99
C ASN D 124 -32.23 -2.53 -4.61
N GLU D 125 -31.31 -2.30 -5.55
CA GLU D 125 -30.65 -3.40 -6.21
C GLU D 125 -29.23 -3.67 -5.63
N ALA D 126 -28.62 -2.66 -5.01
CA ALA D 126 -27.35 -2.89 -4.30
C ALA D 126 -27.54 -3.88 -3.17
N ASP D 127 -26.43 -4.34 -2.59
CA ASP D 127 -26.50 -5.39 -1.58
C ASP D 127 -26.31 -4.82 -0.17
N VAL D 128 -25.54 -3.75 -0.09
CA VAL D 128 -25.44 -2.97 1.14
C VAL D 128 -25.35 -1.49 0.78
N LEU D 129 -25.90 -0.61 1.61
CA LEU D 129 -25.76 0.82 1.36
C LEU D 129 -25.07 1.52 2.51
N ILE D 130 -24.20 2.45 2.13
CA ILE D 130 -23.59 3.36 3.09
C ILE D 130 -24.16 4.74 2.84
N ALA D 131 -24.78 5.29 3.89
CA ALA D 131 -25.52 6.55 3.85
C ALA D 131 -24.99 7.52 4.91
N PRO D 132 -25.25 8.84 4.73
CA PRO D 132 -24.74 9.85 5.65
C PRO D 132 -25.09 9.56 7.09
N SER D 133 -26.30 9.11 7.37
CA SER D 133 -26.71 8.91 8.77
C SER D 133 -27.90 7.96 8.89
N GLN D 134 -28.21 7.58 10.13
CA GLN D 134 -29.33 6.68 10.40
C GLN D 134 -30.66 7.33 10.05
N ALA D 135 -30.79 8.61 10.35
CA ALA D 135 -32.02 9.34 10.01
C ALA D 135 -32.15 9.42 8.50
N MET D 136 -31.02 9.35 7.81
CA MET D 136 -31.04 9.40 6.36
C MET D 136 -31.49 8.05 5.82
N VAL D 137 -31.04 6.98 6.45
CA VAL D 137 -31.47 5.64 6.05
C VAL D 137 -32.96 5.53 6.31
N ASP D 138 -33.37 5.95 7.50
CA ASP D 138 -34.74 5.77 7.97
C ASP D 138 -35.74 6.44 7.02
N LYS D 139 -35.40 7.63 6.54
CA LYS D 139 -36.27 8.33 5.63
C LYS D 139 -36.30 7.58 4.30
N LEU D 140 -35.18 6.96 3.95
CA LEU D 140 -35.07 6.26 2.66
C LEU D 140 -35.88 4.96 2.61
N GLN D 141 -35.95 4.24 3.73
CA GLN D 141 -36.70 3.00 3.75
C GLN D 141 -38.18 3.36 3.74
N SER D 142 -38.50 4.55 4.22
CA SER D 142 -39.87 5.09 4.16
C SER D 142 -40.30 5.26 2.69
N TYR D 143 -39.33 5.43 1.80
CA TYR D 143 -39.65 5.52 0.37
C TYR D 143 -39.54 4.18 -0.32
N GLY D 144 -39.27 3.12 0.44
CA GLY D 144 -39.27 1.78 -0.12
C GLY D 144 -37.90 1.18 -0.34
N LEU D 145 -36.88 1.75 0.30
CA LEU D 145 -35.56 1.16 0.25
C LEU D 145 -35.58 -0.14 1.03
N THR D 146 -35.53 -1.27 0.32
CA THR D 146 -35.72 -2.58 0.92
C THR D 146 -34.40 -3.26 1.29
N VAL D 147 -33.31 -2.49 1.27
CA VAL D 147 -32.00 -3.08 1.51
C VAL D 147 -31.78 -3.31 3.00
N LYS D 148 -31.41 -4.54 3.34
CA LYS D 148 -31.32 -4.97 4.74
C LYS D 148 -30.04 -4.49 5.38
N LYS D 149 -28.91 -4.81 4.78
CA LYS D 149 -27.65 -4.41 5.39
C LYS D 149 -27.39 -2.93 5.12
N ILE D 150 -27.37 -2.13 6.18
CA ILE D 150 -27.01 -0.73 6.06
C ILE D 150 -25.77 -0.46 6.89
N LEU D 151 -25.30 0.79 6.82
CA LEU D 151 -24.02 1.16 7.36
C LEU D 151 -23.92 2.66 7.33
N VAL D 152 -23.59 3.30 8.45
CA VAL D 152 -23.65 4.77 8.56
C VAL D 152 -22.28 5.43 8.42
N GLN D 153 -22.22 6.44 7.56
CA GLN D 153 -20.97 7.17 7.31
C GLN D 153 -20.53 7.86 8.59
N GLY D 154 -21.36 8.77 9.07
CA GLY D 154 -21.11 9.44 10.34
C GLY D 154 -20.49 10.81 10.21
N MET D 155 -19.41 10.92 9.45
CA MET D 155 -18.70 12.18 9.29
C MET D 155 -17.79 12.08 8.06
N TRP D 156 -17.67 13.16 7.30
CA TRP D 156 -16.65 13.22 6.25
C TRP D 156 -15.24 13.30 6.83
N ASP D 157 -14.33 12.54 6.26
CA ASP D 157 -12.93 12.72 6.59
C ASP D 157 -12.44 13.93 5.84
N HIS D 158 -11.32 14.47 6.27
CA HIS D 158 -10.64 15.52 5.53
C HIS D 158 -9.15 15.26 5.57
N PRO D 159 -8.71 14.21 4.88
CA PRO D 159 -7.32 13.78 5.06
C PRO D 159 -6.33 14.83 4.60
N THR D 160 -5.33 15.11 5.44
CA THR D 160 -4.32 16.12 5.13
C THR D 160 -3.12 16.16 6.07
N ASN D 161 -2.04 16.76 5.57
CA ASN D 161 -0.82 17.01 6.34
C ASN D 161 -0.67 18.49 6.67
N ILE D 162 -1.74 19.25 6.50
CA ILE D 162 -1.72 20.68 6.81
C ILE D 162 -1.28 20.98 8.24
N THR D 163 -0.37 21.93 8.33
CA THR D 163 0.04 22.53 9.57
C THR D 163 -1.14 23.10 10.37
N LEU D 164 -1.22 22.76 11.66
CA LEU D 164 -2.15 23.41 12.59
C LEU D 164 -1.37 24.52 13.31
N GLN D 165 -1.70 25.78 13.09
CA GLN D 165 -1.08 26.86 13.86
C GLN D 165 -1.76 26.91 15.21
N ALA D 166 -1.08 27.44 16.22
CA ALA D 166 -1.70 27.59 17.53
C ALA D 166 -2.99 28.35 17.41
N VAL D 167 -4.02 27.85 18.06
CA VAL D 167 -5.31 28.52 18.03
C VAL D 167 -5.46 29.53 19.15
N ASN D 168 -5.63 30.79 18.78
CA ASN D 168 -5.96 31.75 19.80
C ASN D 168 -7.41 32.20 19.66
N HIS D 169 -7.84 33.03 20.60
CA HIS D 169 -9.24 33.32 20.81
C HIS D 169 -9.75 34.49 19.98
N LYS D 170 -9.43 34.49 18.69
CA LYS D 170 -10.11 35.36 17.76
C LYS D 170 -11.60 35.17 17.96
N LYS D 171 -12.34 36.25 18.21
CA LYS D 171 -13.78 36.12 18.29
C LYS D 171 -14.31 36.32 16.87
N LEU D 172 -13.82 35.48 15.98
CA LEU D 172 -14.19 35.41 14.56
C LEU D 172 -15.12 34.23 14.32
N VAL D 173 -15.89 34.29 13.25
CA VAL D 173 -16.61 33.11 12.78
C VAL D 173 -16.25 32.84 11.34
N HIS D 174 -15.75 31.64 11.07
CA HIS D 174 -15.36 31.26 9.71
C HIS D 174 -16.51 30.59 8.96
N PHE D 175 -16.50 30.74 7.63
CA PHE D 175 -17.53 30.15 6.78
C PHE D 175 -17.16 30.08 5.31
N PRO D 176 -16.63 28.94 4.85
CA PRO D 176 -16.30 28.70 3.44
C PRO D 176 -17.40 27.97 2.66
N GLY D 177 -18.54 28.64 2.48
CA GLY D 177 -19.61 28.16 1.62
C GLY D 177 -19.90 29.15 0.51
N ASN D 178 -21.01 28.97 -0.20
CA ASN D 178 -21.38 29.88 -1.28
C ASN D 178 -22.62 30.71 -0.95
N PRO D 179 -22.44 32.04 -0.87
CA PRO D 179 -23.43 32.98 -0.33
C PRO D 179 -24.79 32.87 -0.98
N GLU D 180 -24.86 32.52 -2.25
CA GLU D 180 -26.17 32.32 -2.83
C GLU D 180 -26.36 30.83 -3.07
N ARG D 181 -26.06 30.08 -2.03
CA ARG D 181 -26.59 28.75 -1.81
C ARG D 181 -27.05 28.74 -0.36
N PHE D 182 -26.21 29.34 0.48
CA PHE D 182 -26.53 29.58 1.87
C PHE D 182 -26.82 31.06 2.04
N ASN D 183 -28.09 31.42 1.95
CA ASN D 183 -28.47 32.81 1.83
C ASN D 183 -28.74 33.49 3.19
N PHE D 184 -28.58 32.74 4.28
CA PHE D 184 -28.65 33.32 5.63
C PHE D 184 -27.44 34.24 5.90
N ILE D 185 -26.53 34.29 4.93
CA ILE D 185 -25.32 35.11 4.99
C ILE D 185 -25.62 36.57 4.68
N LYS D 186 -26.43 36.79 3.65
CA LYS D 186 -26.88 38.10 3.25
C LYS D 186 -27.80 38.70 4.32
N ASN D 187 -28.11 37.90 5.35
CA ASN D 187 -28.92 38.35 6.46
C ASN D 187 -28.14 38.59 7.77
N TRP D 188 -26.85 38.90 7.67
CA TRP D 188 -26.04 39.07 8.87
C TRP D 188 -26.47 40.31 9.63
N ARG D 189 -26.74 40.13 10.92
CA ARG D 189 -27.36 41.14 11.80
C ARG D 189 -26.49 41.47 13.01
N ILE D 190 -25.54 40.58 13.30
CA ILE D 190 -24.87 40.51 14.60
C ILE D 190 -23.47 41.19 14.58
N PRO D 191 -23.03 41.76 15.72
CA PRO D 191 -21.69 42.38 15.75
C PRO D 191 -20.48 41.42 15.75
N THR D 192 -20.64 40.19 15.28
CA THR D 192 -19.52 39.23 15.16
C THR D 192 -19.10 39.03 13.71
N GLU D 193 -17.82 39.21 13.44
CA GLU D 193 -17.33 39.13 12.08
C GLU D 193 -17.47 37.74 11.45
N LEU D 194 -18.02 37.72 10.24
CA LEU D 194 -18.24 36.49 9.51
C LEU D 194 -17.35 36.46 8.27
N HIS D 195 -16.41 35.51 8.25
CA HIS D 195 -15.55 35.32 7.10
C HIS D 195 -16.09 34.30 6.12
N VAL D 196 -16.14 34.70 4.86
CA VAL D 196 -16.79 33.90 3.83
C VAL D 196 -15.87 33.68 2.65
N TYR D 197 -15.66 32.41 2.34
CA TYR D 197 -14.75 32.04 1.27
C TYR D 197 -15.56 31.51 0.08
N THR D 198 -15.49 32.19 -1.06
CA THR D 198 -16.32 31.81 -2.20
C THR D 198 -15.92 32.39 -3.56
N ASP D 199 -16.56 31.86 -4.60
CA ASP D 199 -16.36 32.31 -5.98
C ASP D 199 -17.00 33.66 -6.25
N HIS D 200 -18.24 33.80 -5.78
CA HIS D 200 -19.08 34.93 -6.12
C HIS D 200 -18.60 36.22 -5.49
N ASN D 201 -18.58 37.29 -6.28
CA ASN D 201 -18.18 38.59 -5.78
C ASN D 201 -19.35 39.55 -5.47
N MET D 202 -19.00 40.67 -4.82
CA MET D 202 -19.83 41.85 -4.56
C MET D 202 -21.19 41.62 -3.86
N GLN D 203 -21.14 41.09 -2.63
CA GLN D 203 -22.35 40.87 -1.82
C GLN D 203 -22.02 40.96 -0.31
N LEU D 204 -22.25 42.11 0.33
CA LEU D 204 -21.76 42.31 1.71
C LEU D 204 -22.69 43.07 2.68
N PRO D 205 -23.40 42.36 3.57
CA PRO D 205 -24.17 43.01 4.63
C PRO D 205 -23.42 44.12 5.35
N THR D 206 -22.20 43.89 5.82
CA THR D 206 -21.26 44.93 6.29
C THR D 206 -20.14 44.30 7.11
N THR D 207 -20.55 43.50 8.08
CA THR D 207 -19.64 42.86 9.00
C THR D 207 -19.32 41.45 8.51
N VAL D 208 -20.06 41.01 7.49
CA VAL D 208 -19.62 39.88 6.69
C VAL D 208 -18.43 40.33 5.89
N VAL D 209 -17.24 39.98 6.33
CA VAL D 209 -16.04 40.31 5.59
C VAL D 209 -15.67 39.10 4.74
N LYS D 210 -15.77 39.22 3.42
CA LYS D 210 -15.62 38.09 2.50
C LYS D 210 -14.24 37.99 1.86
N GLU D 211 -13.86 36.76 1.50
CA GLU D 211 -12.56 36.49 0.91
C GLU D 211 -12.66 35.52 -0.26
N PRO D 212 -11.76 35.68 -1.24
CA PRO D 212 -11.81 34.86 -2.46
C PRO D 212 -11.47 33.40 -2.17
N TYR D 213 -12.03 32.49 -2.97
CA TYR D 213 -11.82 31.06 -2.79
C TYR D 213 -10.34 30.73 -2.78
N GLN D 214 -9.93 30.01 -1.74
CA GLN D 214 -8.54 29.65 -1.53
C GLN D 214 -8.37 28.14 -1.60
N SER D 215 -7.17 27.69 -1.98
CA SER D 215 -6.89 26.26 -2.02
C SER D 215 -7.03 25.66 -0.64
N ASP D 216 -7.62 24.47 -0.59
CA ASP D 216 -8.00 23.81 0.66
C ASP D 216 -6.92 23.85 1.73
N GLU D 217 -5.69 23.59 1.34
CA GLU D 217 -4.56 23.66 2.26
C GLU D 217 -4.50 24.99 2.98
N GLN D 218 -4.49 26.08 2.22
CA GLN D 218 -4.31 27.40 2.79
C GLN D 218 -5.44 27.78 3.74
N LEU D 219 -6.66 27.47 3.32
CA LEU D 219 -7.85 27.76 4.11
C LEU D 219 -7.71 27.15 5.50
N ILE D 220 -7.34 25.87 5.52
CA ILE D 220 -7.19 25.14 6.77
C ILE D 220 -5.98 25.65 7.57
N MET D 221 -4.96 26.14 6.87
CA MET D 221 -3.83 26.79 7.53
C MET D 221 -4.27 28.06 8.26
N LYS D 222 -4.99 28.93 7.56
CA LYS D 222 -5.34 30.21 8.13
C LYS D 222 -6.50 30.11 9.11
N MET D 223 -7.35 29.11 8.93
CA MET D 223 -8.47 28.92 9.85
C MET D 223 -8.00 28.36 11.17
N SER D 224 -6.75 27.89 11.20
CA SER D 224 -6.22 27.20 12.37
C SER D 224 -5.60 28.18 13.35
N GLU D 225 -5.47 29.43 12.93
CA GLU D 225 -4.86 30.43 13.77
C GLU D 225 -5.86 30.88 14.84
N GLY D 226 -7.11 30.44 14.69
CA GLY D 226 -8.13 30.72 15.68
C GLY D 226 -9.52 31.07 15.17
N GLY D 227 -10.49 30.98 16.07
CA GLY D 227 -11.86 31.28 15.74
C GLY D 227 -12.77 30.07 15.79
N TYR D 228 -13.93 30.21 15.16
CA TYR D 228 -14.92 29.16 15.18
C TYR D 228 -15.36 28.83 13.80
N GLY D 229 -15.67 27.56 13.59
CA GLY D 229 -16.26 27.13 12.34
C GLY D 229 -17.76 27.09 12.49
N LEU D 230 -18.46 27.53 11.46
CA LEU D 230 -19.92 27.48 11.49
C LEU D 230 -20.51 26.54 10.44
N VAL D 231 -21.43 25.67 10.88
CA VAL D 231 -22.15 24.81 9.94
C VAL D 231 -23.64 25.04 10.05
N TRP D 232 -24.18 25.69 9.02
CA TRP D 232 -25.54 26.17 9.03
C TRP D 232 -26.19 25.95 7.68
N MET D 233 -27.53 25.98 7.64
CA MET D 233 -28.27 25.87 6.38
C MET D 233 -29.25 27.04 6.24
N ASP D 234 -29.93 27.13 5.11
CA ASP D 234 -31.12 27.98 5.03
C ASP D 234 -32.27 27.20 5.63
N ASP D 235 -33.39 27.86 5.88
CA ASP D 235 -34.57 27.13 6.31
C ASP D 235 -35.03 26.30 5.11
N ARG D 236 -34.59 26.75 3.94
CA ARG D 236 -34.78 26.07 2.65
C ARG D 236 -34.66 24.56 2.72
N ASP D 237 -33.71 24.08 3.53
CA ASP D 237 -33.37 22.66 3.56
C ASP D 237 -33.09 22.12 4.96
N LYS D 238 -33.87 22.52 5.96
CA LYS D 238 -33.57 22.06 7.33
C LYS D 238 -34.00 20.58 7.50
N GLN D 239 -34.58 19.99 6.46
CA GLN D 239 -34.84 18.56 6.50
C GLN D 239 -33.64 17.79 5.97
N TYR D 240 -33.24 18.07 4.74
CA TYR D 240 -31.98 17.51 4.24
C TYR D 240 -30.83 17.89 5.20
N GLN D 241 -30.91 19.06 5.86
CA GLN D 241 -30.06 19.40 7.04
C GLN D 241 -29.78 18.17 7.89
N SER D 242 -30.84 17.50 8.30
CA SER D 242 -30.75 16.55 9.39
C SER D 242 -30.33 15.21 8.86
N LEU D 243 -29.92 15.20 7.59
CA LEU D 243 -29.62 13.94 6.93
C LEU D 243 -28.15 13.78 6.53
N TYR D 244 -27.62 14.76 5.81
CA TYR D 244 -26.30 14.63 5.20
C TYR D 244 -25.18 14.71 6.22
N CYS D 245 -23.96 14.53 5.72
CA CYS D 245 -22.76 14.93 6.44
C CYS D 245 -22.16 16.09 5.67
N PRO D 246 -21.80 17.17 6.36
CA PRO D 246 -21.21 18.33 5.69
C PRO D 246 -19.72 18.17 5.53
N TYR D 247 -19.21 18.66 4.41
CA TYR D 247 -17.80 18.54 4.15
C TYR D 247 -17.02 19.55 4.96
N LYS D 248 -17.59 20.73 5.19
CA LYS D 248 -16.80 21.76 5.86
C LYS D 248 -16.77 21.56 7.36
N LEU D 249 -17.76 20.86 7.91
CA LEU D 249 -17.66 20.40 9.29
C LEU D 249 -16.38 19.59 9.46
N GLY D 250 -16.10 18.74 8.49
CA GLY D 250 -14.87 18.00 8.51
C GLY D 250 -13.72 18.92 8.17
N ALA D 251 -13.97 19.95 7.36
CA ALA D 251 -12.86 20.81 6.93
C ALA D 251 -12.45 21.77 8.05
N TYR D 252 -13.36 22.03 8.96
CA TYR D 252 -13.08 22.82 10.15
C TYR D 252 -12.25 22.05 11.13
N ILE D 253 -12.81 20.92 11.56
CA ILE D 253 -12.19 20.11 12.62
C ILE D 253 -10.74 19.73 12.28
N ALA D 254 -10.47 19.45 11.01
CA ALA D 254 -9.09 19.17 10.60
C ALA D 254 -8.17 20.38 10.76
N ALA D 255 -8.74 21.57 10.75
CA ALA D 255 -7.98 22.78 10.97
C ALA D 255 -7.72 22.95 12.45
N GLY D 256 -8.35 22.11 13.26
CA GLY D 256 -8.16 22.17 14.70
C GLY D 256 -8.75 23.40 15.34
N ILE D 257 -9.93 23.80 14.87
CA ILE D 257 -10.70 24.82 15.55
C ILE D 257 -12.09 24.27 15.87
N PRO D 258 -12.70 24.77 16.93
CA PRO D 258 -14.03 24.31 17.34
C PRO D 258 -15.12 24.75 16.38
N VAL D 259 -16.21 23.98 16.32
CA VAL D 259 -17.30 24.32 15.44
C VAL D 259 -18.58 24.67 16.15
N ILE D 260 -19.40 25.46 15.49
CA ILE D 260 -20.70 25.78 16.00
C ILE D 260 -21.68 25.33 14.95
N ILE D 261 -22.65 24.50 15.35
CA ILE D 261 -23.61 23.97 14.38
C ILE D 261 -25.02 23.87 14.93
N GLN D 262 -26.00 23.79 14.03
CA GLN D 262 -27.42 23.89 14.40
C GLN D 262 -28.02 22.61 14.96
N LYS D 263 -28.64 22.73 16.14
CA LYS D 263 -29.30 21.61 16.78
C LYS D 263 -30.26 20.93 15.83
N GLY D 264 -30.17 19.60 15.75
CA GLY D 264 -31.00 18.82 14.86
C GLY D 264 -30.19 18.32 13.69
N ILE D 265 -28.89 18.58 13.72
CA ILE D 265 -28.04 18.11 12.65
C ILE D 265 -27.83 16.59 12.73
N ALA D 266 -27.50 16.00 11.60
CA ALA D 266 -27.25 14.56 11.55
C ALA D 266 -26.00 14.26 12.33
N ASN D 267 -26.08 13.29 13.23
CA ASN D 267 -24.91 12.83 13.96
C ASN D 267 -24.29 13.90 14.85
N GLN D 268 -25.13 14.72 15.46
CA GLN D 268 -24.62 15.71 16.40
C GLN D 268 -23.96 15.01 17.59
N ASP D 269 -24.31 13.73 17.78
CA ASP D 269 -23.75 12.95 18.87
C ASP D 269 -22.22 12.98 18.81
N ILE D 270 -21.67 13.03 17.61
CA ILE D 270 -20.21 13.05 17.50
C ILE D 270 -19.63 14.37 18.01
N ILE D 271 -20.31 15.46 17.71
CA ILE D 271 -19.86 16.77 18.15
C ILE D 271 -19.94 16.86 19.67
N GLU D 272 -21.04 16.36 20.20
CA GLU D 272 -21.25 16.34 21.65
C GLU D 272 -20.22 15.44 22.32
N LYS D 273 -20.32 14.13 22.11
CA LYS D 273 -19.56 13.15 22.88
C LYS D 273 -18.05 13.35 22.78
N ASN D 274 -17.61 14.11 21.78
CA ASN D 274 -16.20 14.39 21.58
C ASN D 274 -15.84 15.84 21.87
N ASN D 275 -16.81 16.55 22.47
CA ASN D 275 -16.93 18.01 22.56
C ASN D 275 -16.09 18.80 21.55
N LEU D 276 -16.62 18.87 20.34
CA LEU D 276 -15.96 19.53 19.21
C LEU D 276 -16.49 20.94 18.97
N GLY D 277 -17.47 21.35 19.76
CA GLY D 277 -17.96 22.71 19.70
C GLY D 277 -19.33 22.82 20.32
N PHE D 278 -20.08 23.83 19.91
CA PHE D 278 -21.40 24.07 20.46
C PHE D 278 -22.51 23.62 19.51
N ILE D 279 -23.54 23.00 20.07
CA ILE D 279 -24.79 22.70 19.37
C ILE D 279 -25.85 23.72 19.82
N ILE D 280 -26.41 24.47 18.88
CA ILE D 280 -27.25 25.60 19.29
C ILE D 280 -28.52 25.85 18.45
N GLU D 281 -29.50 26.45 19.11
CA GLU D 281 -30.83 26.65 18.54
C GLU D 281 -30.79 27.48 17.28
N LYS D 282 -30.66 28.79 17.49
CA LYS D 282 -30.68 29.76 16.43
C LYS D 282 -29.30 30.39 16.32
N ILE D 283 -29.10 31.22 15.32
CA ILE D 283 -27.81 31.87 15.17
C ILE D 283 -27.56 32.90 16.29
N ASP D 284 -28.62 33.42 16.91
CA ASP D 284 -28.40 34.34 18.02
C ASP D 284 -27.74 33.60 19.17
N ASP D 285 -28.24 32.40 19.45
CA ASP D 285 -27.69 31.50 20.45
C ASP D 285 -26.17 31.44 20.32
N ILE D 286 -25.72 31.33 19.07
CA ILE D 286 -24.30 31.27 18.75
C ILE D 286 -23.50 32.48 19.19
N SER D 287 -23.89 33.61 18.65
CA SER D 287 -23.21 34.87 18.90
C SER D 287 -23.11 35.11 20.39
N ASN D 288 -24.18 34.83 21.12
CA ASN D 288 -24.10 34.85 22.58
C ASN D 288 -22.92 34.02 23.08
N ILE D 289 -22.87 32.76 22.68
CA ILE D 289 -21.86 31.84 23.17
C ILE D 289 -20.46 32.22 22.66
N VAL D 290 -20.38 32.76 21.45
CA VAL D 290 -19.09 33.25 20.91
C VAL D 290 -18.57 34.43 21.71
N GLU D 291 -19.51 35.21 22.25
CA GLU D 291 -19.20 36.38 23.05
C GLU D 291 -18.88 36.03 24.49
N SER D 292 -19.71 35.15 25.05
CA SER D 292 -19.68 34.83 26.47
C SER D 292 -18.56 33.86 26.86
N THR D 293 -18.04 33.07 25.92
CA THR D 293 -17.00 32.11 26.23
C THR D 293 -15.72 32.83 26.65
N THR D 294 -14.97 32.24 27.59
CA THR D 294 -13.72 32.83 28.07
C THR D 294 -12.53 32.06 27.55
N GLU D 295 -11.34 32.65 27.69
CA GLU D 295 -10.16 32.13 27.02
C GLU D 295 -9.91 30.65 27.32
N GLU D 296 -10.15 30.26 28.55
CA GLU D 296 -9.74 28.94 28.98
C GLU D 296 -10.69 27.85 28.48
N GLU D 297 -11.99 28.15 28.41
CA GLU D 297 -12.98 27.15 27.98
C GLU D 297 -12.81 26.87 26.48
N TYR D 298 -12.18 27.81 25.80
CA TYR D 298 -11.86 27.67 24.39
C TYR D 298 -10.62 26.81 24.20
N MET D 299 -9.66 26.95 25.12
CA MET D 299 -8.48 26.10 25.15
C MET D 299 -8.87 24.63 25.23
N GLU D 300 -9.83 24.32 26.10
CA GLU D 300 -10.30 22.95 26.21
C GLU D 300 -10.85 22.49 24.89
N ILE D 301 -11.69 23.30 24.25
CA ILE D 301 -12.38 22.84 23.05
C ILE D 301 -11.37 22.62 21.91
N VAL D 302 -10.38 23.49 21.80
CA VAL D 302 -9.38 23.31 20.75
C VAL D 302 -8.59 22.04 20.95
N SER D 303 -8.14 21.82 22.19
CA SER D 303 -7.43 20.62 22.60
C SER D 303 -8.25 19.37 22.30
N ASP D 304 -9.56 19.49 22.50
CA ASP D 304 -10.47 18.38 22.25
C ASP D 304 -10.63 18.11 20.75
N VAL D 305 -10.78 19.19 19.98
CA VAL D 305 -10.84 19.09 18.54
C VAL D 305 -9.51 18.56 18.01
N ARG D 306 -8.44 18.81 18.75
CA ARG D 306 -7.14 18.40 18.26
C ARG D 306 -6.71 17.03 18.81
N ARG D 307 -7.41 16.57 19.85
CA ARG D 307 -7.29 15.18 20.27
C ARG D 307 -8.00 14.31 19.25
N PHE D 308 -9.04 14.87 18.67
CA PHE D 308 -9.96 14.12 17.85
C PHE D 308 -9.54 13.97 16.38
N ASN D 309 -9.01 15.05 15.81
CA ASN D 309 -8.90 15.15 14.36
C ASN D 309 -7.79 14.33 13.65
N PRO D 310 -6.97 13.57 14.38
CA PRO D 310 -6.12 12.79 13.46
C PRO D 310 -6.92 11.66 12.80
N LEU D 311 -8.04 11.34 13.42
CA LEU D 311 -9.06 10.45 12.86
C LEU D 311 -9.55 10.92 11.49
N VAL D 312 -9.75 12.22 11.39
CA VAL D 312 -10.31 12.84 10.22
C VAL D 312 -9.16 13.10 9.25
N ARG D 313 -7.99 13.36 9.80
CA ARG D 313 -6.84 13.73 8.97
C ARG D 313 -6.12 12.53 8.39
N GLN D 314 -6.39 11.34 8.91
CA GLN D 314 -5.69 10.16 8.41
C GLN D 314 -6.64 9.24 7.60
N GLY D 315 -7.89 9.65 7.46
CA GLY D 315 -8.84 9.01 6.58
C GLY D 315 -9.66 7.88 7.19
N TYR D 316 -9.90 7.96 8.49
CA TYR D 316 -10.42 6.79 9.18
C TYR D 316 -11.93 6.62 9.18
N PHE D 317 -12.68 7.70 8.99
CA PHE D 317 -14.13 7.56 8.84
C PHE D 317 -14.41 6.86 7.52
N THR D 318 -13.62 7.23 6.53
CA THR D 318 -13.61 6.56 5.24
C THR D 318 -13.11 5.13 5.34
N ARG D 319 -11.89 4.96 5.88
CA ARG D 319 -11.28 3.64 6.04
C ARG D 319 -12.25 2.70 6.73
N LYS D 320 -12.91 3.20 7.75
CA LYS D 320 -13.98 2.48 8.44
C LYS D 320 -15.04 1.95 7.46
N LEU D 321 -15.72 2.84 6.75
CA LEU D 321 -16.81 2.38 5.88
C LEU D 321 -16.30 1.59 4.66
N LEU D 322 -15.18 2.00 4.07
CA LEU D 322 -14.56 1.24 3.00
C LEU D 322 -14.24 -0.22 3.34
N THR D 323 -14.15 -0.51 4.64
CA THR D 323 -13.77 -1.85 5.05
C THR D 323 -14.97 -2.61 5.57
N ASP D 324 -15.80 -1.98 6.38
CA ASP D 324 -16.98 -2.70 6.84
C ASP D 324 -17.97 -2.91 5.68
N ALA D 325 -18.04 -1.98 4.73
CA ALA D 325 -19.03 -2.09 3.63
C ALA D 325 -18.78 -3.36 2.85
N VAL D 326 -17.52 -3.54 2.46
CA VAL D 326 -17.08 -4.71 1.73
C VAL D 326 -17.31 -5.98 2.56
N PHE D 327 -17.12 -5.87 3.87
CA PHE D 327 -17.31 -6.99 4.77
C PHE D 327 -18.76 -7.47 4.82
N SER D 328 -19.67 -6.54 5.13
CA SER D 328 -21.08 -6.90 5.28
C SER D 328 -21.70 -7.36 3.95
N ALA D 329 -21.03 -7.03 2.86
CA ALA D 329 -21.51 -7.42 1.56
C ALA D 329 -21.43 -8.94 1.39
N LEU D 330 -20.42 -9.57 1.98
CA LEU D 330 -20.26 -11.03 1.86
C LEU D 330 -20.94 -11.74 3.01
N ASN D 331 -20.84 -11.15 4.19
CA ASN D 331 -21.39 -11.76 5.38
C ASN D 331 -22.91 -11.85 5.41
N SER D 332 -23.45 -12.67 6.30
CA SER D 332 -24.90 -12.78 6.47
C SER D 332 -25.25 -13.32 7.84
N SER E . -14.31 8.33 24.11
CA SER E . -14.07 9.53 23.33
C SER E . -13.12 10.48 24.07
O SER E . -13.54 11.33 24.86
CB SER E . -15.39 10.25 23.03
OG SER E . -16.19 9.52 22.12
N1 UDP F . -1.17 -26.67 9.51
C2 UDP F . -0.24 -26.66 8.49
N3 UDP F . 0.22 -27.86 7.98
C4 UDP F . -0.25 -29.05 8.51
C5 UDP F . -1.19 -29.02 9.54
C6 UDP F . -1.33 -27.82 10.24
O2 UDP F . 0.15 -25.59 8.04
O4 UDP F . 0.15 -30.13 8.06
C1' UDP F . -1.64 -25.39 10.03
C2' UDP F . -3.10 -25.24 9.63
O2' UDP F . -3.34 -23.96 9.11
C3' UDP F . -3.85 -25.49 10.93
C4' UDP F . -2.86 -25.07 11.99
O4' UDP F . -1.60 -25.39 11.44
O3' UDP F . -5.03 -24.72 10.95
C5' UDP F . -2.95 -25.82 13.31
O5' UDP F . -4.12 -25.48 14.01
PA UDP F . -4.08 -25.25 15.60
O1A UDP F . -2.68 -24.98 15.95
O2A UDP F . -4.60 -26.43 16.34
O3A UDP F . -5.00 -23.94 15.81
PB UDP F . -6.52 -24.00 16.32
O1B UDP F . -6.61 -25.07 17.32
O2B UDP F . -6.93 -22.69 16.89
O3B UDP F . -7.45 -24.30 15.22
N1 UDP G . 12.95 24.45 7.00
C2 UDP G . 11.63 24.50 7.38
N3 UDP G . 11.07 25.68 7.82
C4 UDP G . 11.85 26.82 7.86
C5 UDP G . 13.18 26.77 7.46
C6 UDP G . 13.70 25.59 6.93
O2 UDP G . 10.92 23.50 7.37
O4 UDP G . 11.33 27.87 8.23
C1' UDP G . 13.50 23.17 6.55
C2' UDP G . 13.17 23.03 5.07
O2' UDP G . 12.69 21.73 4.84
C3' UDP G . 14.52 23.26 4.41
C4' UDP G . 15.45 22.63 5.42
O4' UDP G . 14.91 23.08 6.65
O3' UDP G . 14.63 22.66 3.15
C5' UDP G . 16.90 23.05 5.19
O5' UDP G . 17.76 22.40 6.10
PA UDP G . 19.33 22.26 5.81
O1A UDP G . 19.96 21.60 6.97
O2A UDP G . 19.93 23.59 5.53
O3A UDP G . 19.38 21.28 4.53
PB UDP G . 20.59 21.24 3.47
O1B UDP G . 21.79 21.73 4.17
O2B UDP G . 20.77 19.84 3.05
O3B UDP G . 20.28 22.08 2.28
N1 UDP H . 1.30 -22.68 -16.87
C2 UDP H . 0.30 -22.89 -15.95
N3 UDP H . -0.20 -24.18 -15.77
C4 UDP H . 0.33 -25.23 -16.53
C5 UDP H . 1.33 -24.98 -17.45
C6 UDP H . 1.63 -23.66 -17.76
O2 UDP H . -0.14 -21.93 -15.31
O4 UDP H . -0.09 -26.37 -16.40
C1' UDP H . 1.83 -21.34 -17.06
C2' UDP H . 3.31 -21.40 -16.69
O2' UDP H . 3.64 -20.34 -15.83
C3' UDP H . 4.04 -21.21 -18.00
C4' UDP H . 3.00 -20.58 -18.90
O4' UDP H . 1.74 -21.01 -18.42
O3' UDP H . 5.12 -20.34 -17.78
C5' UDP H . 3.14 -20.93 -20.37
O5' UDP H . 4.32 -20.30 -20.85
PA UDP H . 4.34 -19.68 -22.34
O1A UDP H . 4.97 -20.66 -23.25
O2A UDP H . 2.95 -19.34 -22.72
O3A UDP H . 5.20 -18.33 -22.27
PB UDP H . 6.80 -18.29 -22.33
O1B UDP H . 7.30 -18.92 -21.11
O2B UDP H . 7.35 -18.97 -23.52
O3B UDP H . 7.23 -16.88 -22.34
N1 UDP I . -13.26 25.25 0.32
C2 UDP I . -11.97 25.53 -0.07
N3 UDP I . -11.56 26.83 -0.27
C4 UDP I . -12.45 27.85 -0.09
C5 UDP I . -13.76 27.57 0.31
C6 UDP I . -14.20 26.25 0.30
O2 UDP I . -11.19 24.61 -0.22
O4 UDP I . -12.08 29.01 -0.27
C1' UDP I . -13.61 23.84 0.54
C2' UDP I . -13.64 23.59 2.04
O2' UDP I . -13.07 22.35 2.34
C3' UDP I . -15.11 23.56 2.38
C4' UDP I . -15.76 23.17 1.07
O4' UDP I . -14.90 23.58 0.04
O3' UDP I . -15.29 22.56 3.34
C5' UDP I . -17.12 23.80 0.86
O5' UDP I . -18.05 23.09 1.63
PA UDP I . -19.49 22.78 1.02
O1A UDP I . -20.47 23.75 1.52
O2A UDP I . -19.44 22.82 -0.45
O3A UDP I . -19.83 21.30 1.56
PB UDP I . -20.93 21.00 2.70
O1B UDP I . -20.34 21.36 4.01
O2B UDP I . -21.32 19.57 2.66
O3B UDP I . -22.11 21.85 2.42
#